data_2RT3
#
_entry.id   2RT3
#
_entity_poly.entity_id   1
_entity_poly.type   'polypeptide(L)'
_entity_poly.pdbx_seq_one_letter_code
;NSASNSSVLLAVQQSGACRNVFLGNLPNGITEDEIREDLEPFGPIDQIKIVTERNIAFVHFLNIAAAIKAVQELPLNPKW
SKRRIYYGRDRCAVGLK
;
_entity_poly.pdbx_strand_id   A
#
# COMPACT_ATOMS: atom_id res chain seq x y z
N ASN A 1 -5.44 24.49 5.00
CA ASN A 1 -4.41 23.91 5.89
C ASN A 1 -3.62 22.85 5.16
N SER A 2 -2.50 22.44 5.74
CA SER A 2 -1.66 21.42 5.14
C SER A 2 -1.14 20.50 6.22
N ALA A 3 -1.83 19.39 6.45
CA ALA A 3 -1.47 18.47 7.51
C ALA A 3 -1.85 17.05 7.14
N SER A 4 -1.57 16.11 8.04
CA SER A 4 -1.87 14.72 7.83
C SER A 4 -3.36 14.44 8.01
N ASN A 5 -3.91 14.87 9.15
CA ASN A 5 -5.31 14.64 9.50
C ASN A 5 -5.57 13.15 9.69
N SER A 6 -5.92 12.47 8.61
CA SER A 6 -6.10 11.03 8.64
C SER A 6 -5.27 10.38 7.53
N SER A 7 -4.45 11.19 6.89
CA SER A 7 -3.58 10.73 5.82
C SER A 7 -2.17 10.52 6.36
N VAL A 8 -1.53 9.45 5.96
CA VAL A 8 -0.18 9.16 6.44
C VAL A 8 0.89 9.85 5.60
N LEU A 9 1.25 11.06 6.00
CA LEU A 9 2.34 11.77 5.35
C LEU A 9 3.66 11.23 5.85
N LEU A 10 3.60 10.52 6.95
CA LEU A 10 4.76 9.82 7.49
C LEU A 10 5.19 8.73 6.50
N ALA A 11 4.28 8.37 5.61
CA ALA A 11 4.55 7.37 4.60
C ALA A 11 5.10 8.00 3.32
N VAL A 12 4.73 9.25 3.06
CA VAL A 12 5.11 9.90 1.81
C VAL A 12 6.58 10.32 1.85
N GLN A 13 7.16 10.27 3.03
CA GLN A 13 8.56 10.66 3.22
C GLN A 13 9.46 9.43 3.26
N GLN A 14 8.93 8.31 2.82
CA GLN A 14 9.66 7.06 2.86
C GLN A 14 9.96 6.59 1.43
N SER A 15 10.90 5.68 1.31
CA SER A 15 11.26 5.09 0.03
C SER A 15 12.15 3.87 0.26
N GLY A 16 12.66 3.29 -0.82
CA GLY A 16 13.55 2.15 -0.71
C GLY A 16 12.82 0.87 -0.36
N ALA A 17 11.75 0.58 -1.10
CA ALA A 17 10.97 -0.62 -0.88
C ALA A 17 10.22 -1.00 -2.15
N CYS A 18 10.67 -2.05 -2.80
CA CYS A 18 10.01 -2.53 -4.00
C CYS A 18 8.90 -3.50 -3.62
N ARG A 19 7.82 -3.49 -4.41
CA ARG A 19 6.69 -4.39 -4.22
C ARG A 19 6.06 -4.31 -2.83
N ASN A 20 6.55 -3.46 -1.94
CA ASN A 20 6.10 -3.50 -0.56
C ASN A 20 5.12 -2.39 -0.25
N VAL A 21 3.85 -2.76 -0.15
CA VAL A 21 2.79 -1.83 0.16
C VAL A 21 1.83 -2.45 1.15
N PHE A 22 1.57 -1.77 2.25
CA PHE A 22 0.65 -2.25 3.25
C PHE A 22 -0.53 -1.29 3.39
N LEU A 23 -1.74 -1.85 3.38
CA LEU A 23 -2.94 -1.05 3.60
C LEU A 23 -3.59 -1.45 4.91
N GLY A 24 -3.63 -0.52 5.85
CA GLY A 24 -4.18 -0.82 7.15
C GLY A 24 -5.28 0.13 7.56
N ASN A 25 -6.42 0.07 6.85
CA ASN A 25 -7.64 0.80 7.19
C ASN A 25 -8.64 0.73 6.06
N LEU A 26 -8.90 -0.47 5.58
CA LEU A 26 -9.84 -0.66 4.49
C LEU A 26 -11.23 -0.92 5.03
N PRO A 27 -12.28 -0.77 4.22
CA PRO A 27 -13.63 -1.11 4.61
C PRO A 27 -13.87 -2.61 4.50
N ASN A 28 -14.83 -3.10 5.26
CA ASN A 28 -15.16 -4.52 5.22
C ASN A 28 -15.84 -4.82 3.89
N GLY A 29 -15.33 -5.82 3.19
CA GLY A 29 -15.88 -6.18 1.90
C GLY A 29 -14.99 -5.76 0.75
N ILE A 30 -13.92 -5.02 1.07
CA ILE A 30 -12.98 -4.59 0.05
C ILE A 30 -12.34 -5.81 -0.65
N THR A 31 -12.42 -5.82 -1.97
CA THR A 31 -11.87 -6.93 -2.73
C THR A 31 -10.67 -6.48 -3.53
N GLU A 32 -9.81 -7.44 -3.83
CA GLU A 32 -8.57 -7.16 -4.54
C GLU A 32 -8.87 -6.52 -5.87
N ASP A 33 -9.89 -7.03 -6.54
CA ASP A 33 -10.30 -6.53 -7.85
C ASP A 33 -10.46 -5.02 -7.84
N GLU A 34 -10.97 -4.49 -6.73
CA GLU A 34 -11.17 -3.05 -6.57
C GLU A 34 -9.82 -2.33 -6.50
N ILE A 35 -8.99 -2.78 -5.58
CA ILE A 35 -7.66 -2.20 -5.41
C ILE A 35 -6.81 -2.37 -6.68
N ARG A 36 -6.89 -3.53 -7.29
CA ARG A 36 -6.23 -3.79 -8.56
C ARG A 36 -6.59 -2.77 -9.62
N GLU A 37 -7.86 -2.70 -9.94
CA GLU A 37 -8.35 -1.79 -10.97
C GLU A 37 -8.03 -0.35 -10.62
N ASP A 38 -7.82 -0.09 -9.34
CA ASP A 38 -7.57 1.26 -8.90
C ASP A 38 -6.08 1.59 -8.92
N LEU A 39 -5.23 0.59 -8.69
CA LEU A 39 -3.81 0.86 -8.50
C LEU A 39 -2.97 0.44 -9.69
N GLU A 40 -3.51 -0.41 -10.53
CA GLU A 40 -2.76 -0.94 -11.66
C GLU A 40 -2.51 0.10 -12.75
N PRO A 41 -3.36 1.15 -12.92
CA PRO A 41 -3.14 2.13 -13.97
C PRO A 41 -1.86 2.94 -13.76
N PHE A 42 -1.43 3.04 -12.51
CA PHE A 42 -0.15 3.67 -12.21
C PHE A 42 0.87 2.65 -11.70
N GLY A 43 0.40 1.50 -11.27
CA GLY A 43 1.28 0.53 -10.65
C GLY A 43 0.67 -0.84 -10.62
N PRO A 44 0.96 -1.67 -11.62
CA PRO A 44 0.45 -3.03 -11.68
C PRO A 44 0.92 -3.86 -10.48
N ILE A 45 0.00 -4.63 -9.91
CA ILE A 45 0.30 -5.47 -8.76
C ILE A 45 0.21 -6.95 -9.15
N ASP A 46 1.02 -7.78 -8.50
CA ASP A 46 1.00 -9.22 -8.77
C ASP A 46 0.42 -9.98 -7.59
N GLN A 47 0.42 -9.36 -6.43
CA GLN A 47 -0.05 -10.00 -5.21
C GLN A 47 -0.78 -9.01 -4.33
N ILE A 48 -2.03 -9.32 -4.03
CA ILE A 48 -2.86 -8.46 -3.19
C ILE A 48 -3.66 -9.33 -2.21
N LYS A 49 -3.27 -9.28 -0.96
CA LYS A 49 -3.91 -10.08 0.06
C LYS A 49 -4.65 -9.20 1.05
N ILE A 50 -5.96 -9.28 1.03
CA ILE A 50 -6.79 -8.47 1.91
C ILE A 50 -7.31 -9.27 3.08
N VAL A 51 -6.98 -8.82 4.27
CA VAL A 51 -7.56 -9.38 5.47
C VAL A 51 -8.64 -8.43 5.95
N THR A 52 -9.84 -8.60 5.42
CA THR A 52 -10.97 -7.74 5.72
C THR A 52 -11.36 -7.84 7.19
N GLU A 53 -11.00 -8.95 7.81
CA GLU A 53 -11.27 -9.17 9.22
C GLU A 53 -10.54 -8.14 10.07
N ARG A 54 -9.39 -7.68 9.59
CA ARG A 54 -8.56 -6.75 10.33
C ARG A 54 -8.43 -5.43 9.57
N ASN A 55 -9.12 -5.34 8.43
CA ASN A 55 -9.18 -4.11 7.63
C ASN A 55 -7.82 -3.81 7.01
N ILE A 56 -7.02 -4.84 6.80
CA ILE A 56 -5.66 -4.68 6.31
C ILE A 56 -5.44 -5.44 5.01
N ALA A 57 -4.52 -4.94 4.20
CA ALA A 57 -4.19 -5.57 2.92
C ALA A 57 -2.70 -5.45 2.61
N PHE A 58 -2.15 -6.54 2.11
CA PHE A 58 -0.75 -6.60 1.71
C PHE A 58 -0.65 -6.63 0.20
N VAL A 59 -0.03 -5.63 -0.38
CA VAL A 59 0.07 -5.50 -1.82
C VAL A 59 1.52 -5.65 -2.27
N HIS A 60 1.75 -6.37 -3.35
CA HIS A 60 3.10 -6.47 -3.89
C HIS A 60 3.17 -5.90 -5.30
N PHE A 61 3.72 -4.69 -5.39
CA PHE A 61 3.90 -4.01 -6.67
C PHE A 61 5.20 -4.42 -7.35
N LEU A 62 5.05 -5.24 -8.39
CA LEU A 62 6.18 -5.87 -9.09
C LEU A 62 7.33 -4.90 -9.36
N ASN A 63 7.02 -3.70 -9.84
CA ASN A 63 8.07 -2.71 -10.07
C ASN A 63 8.17 -1.77 -8.87
N ILE A 64 9.39 -1.38 -8.55
CA ILE A 64 9.63 -0.52 -7.41
C ILE A 64 8.91 0.82 -7.60
N ALA A 65 8.96 1.36 -8.81
CA ALA A 65 8.38 2.66 -9.11
C ALA A 65 6.85 2.59 -9.09
N ALA A 66 6.32 1.41 -9.41
CA ALA A 66 4.88 1.19 -9.40
C ALA A 66 4.32 1.41 -8.01
N ALA A 67 5.05 0.91 -7.02
CA ALA A 67 4.66 1.08 -5.62
C ALA A 67 4.78 2.52 -5.20
N ILE A 68 5.86 3.17 -5.64
CA ILE A 68 6.14 4.56 -5.26
C ILE A 68 4.97 5.47 -5.64
N LYS A 69 4.66 5.52 -6.92
CA LYS A 69 3.60 6.39 -7.41
C LYS A 69 2.26 6.03 -6.79
N ALA A 70 1.99 4.74 -6.67
CA ALA A 70 0.74 4.27 -6.09
C ALA A 70 0.60 4.69 -4.63
N VAL A 71 1.64 4.46 -3.83
CA VAL A 71 1.63 4.82 -2.42
C VAL A 71 1.58 6.34 -2.25
N GLN A 72 2.04 7.07 -3.24
CA GLN A 72 2.00 8.53 -3.21
C GLN A 72 0.64 9.06 -3.68
N GLU A 73 -0.08 8.28 -4.47
CA GLU A 73 -1.35 8.71 -5.05
C GLU A 73 -2.52 8.23 -4.20
N LEU A 74 -2.35 7.07 -3.57
CA LEU A 74 -3.38 6.49 -2.71
C LEU A 74 -3.87 7.50 -1.66
N PRO A 75 -2.95 8.15 -0.92
CA PRO A 75 -3.31 9.11 0.13
C PRO A 75 -3.96 10.38 -0.42
N LEU A 76 -3.77 10.64 -1.71
CA LEU A 76 -4.31 11.85 -2.31
C LEU A 76 -5.70 11.63 -2.88
N ASN A 77 -6.14 10.40 -2.85
CA ASN A 77 -7.42 10.02 -3.44
C ASN A 77 -8.47 9.78 -2.39
N PRO A 78 -9.73 10.12 -2.69
CA PRO A 78 -10.82 10.13 -1.70
C PRO A 78 -11.18 8.73 -1.21
N LYS A 79 -10.94 7.74 -2.05
CA LYS A 79 -11.26 6.37 -1.71
C LYS A 79 -10.13 5.76 -0.93
N TRP A 80 -8.93 5.97 -1.44
CA TRP A 80 -7.74 5.34 -0.92
C TRP A 80 -7.22 6.10 0.29
N SER A 81 -7.55 7.38 0.38
CA SER A 81 -7.16 8.19 1.53
C SER A 81 -7.85 7.69 2.79
N LYS A 82 -8.92 6.91 2.61
CA LYS A 82 -9.63 6.31 3.73
C LYS A 82 -8.80 5.17 4.30
N ARG A 83 -7.79 4.76 3.56
CA ARG A 83 -6.92 3.68 3.96
C ARG A 83 -5.54 4.21 4.30
N ARG A 84 -4.91 3.55 5.25
CA ARG A 84 -3.58 3.92 5.69
C ARG A 84 -2.54 3.05 5.01
N ILE A 85 -1.82 3.62 4.06
CA ILE A 85 -0.83 2.85 3.31
C ILE A 85 0.57 3.39 3.54
N TYR A 86 1.54 2.49 3.61
CA TYR A 86 2.93 2.88 3.66
C TYR A 86 3.81 1.81 3.03
N TYR A 87 5.07 2.16 2.79
CA TYR A 87 6.04 1.19 2.33
C TYR A 87 6.30 0.17 3.42
N GLY A 88 6.01 -1.08 3.13
CA GLY A 88 6.18 -2.12 4.10
C GLY A 88 7.62 -2.46 4.32
N ARG A 89 8.10 -2.21 5.53
CA ARG A 89 9.45 -2.60 5.91
C ARG A 89 9.45 -4.09 6.20
N ASP A 90 10.42 -4.79 5.65
CA ASP A 90 10.47 -6.24 5.74
C ASP A 90 9.21 -6.85 5.10
N ARG A 91 8.95 -8.12 5.37
CA ARG A 91 7.82 -8.81 4.78
C ARG A 91 6.67 -8.85 5.77
N CYS A 92 7.01 -8.66 7.04
CA CYS A 92 6.04 -8.78 8.13
C CYS A 92 5.48 -7.42 8.51
N ALA A 93 5.38 -6.53 7.52
CA ALA A 93 4.90 -5.18 7.76
C ALA A 93 3.39 -5.15 7.97
N VAL A 94 2.96 -5.44 9.18
CA VAL A 94 1.57 -5.32 9.56
C VAL A 94 1.43 -4.46 10.82
N GLY A 95 2.49 -4.45 11.62
CA GLY A 95 2.52 -3.63 12.82
C GLY A 95 3.92 -3.25 13.19
N LEU A 96 4.80 -4.25 13.24
CA LEU A 96 6.21 -4.02 13.49
C LEU A 96 6.99 -4.26 12.21
N LYS A 97 7.36 -3.17 11.56
CA LYS A 97 8.07 -3.25 10.30
C LYS A 97 9.45 -2.63 10.42
N ASN A 1 -9.27 15.98 -4.93
CA ASN A 1 -8.21 16.37 -3.98
C ASN A 1 -8.61 16.00 -2.56
N SER A 2 -7.90 15.04 -1.98
CA SER A 2 -8.17 14.59 -0.63
C SER A 2 -7.02 14.93 0.30
N ALA A 3 -5.85 15.20 -0.28
CA ALA A 3 -4.66 15.51 0.50
C ALA A 3 -3.68 16.32 -0.33
N SER A 4 -2.55 16.67 0.25
CA SER A 4 -1.51 17.40 -0.45
C SER A 4 -0.44 16.45 -0.96
N ASN A 5 -0.06 15.50 -0.11
CA ASN A 5 0.95 14.51 -0.45
C ASN A 5 0.84 13.28 0.43
N SER A 6 0.91 13.49 1.74
CA SER A 6 1.03 12.40 2.70
C SER A 6 2.34 11.65 2.47
N SER A 7 3.41 12.21 3.01
CA SER A 7 4.75 11.69 2.80
C SER A 7 4.97 10.40 3.56
N VAL A 8 6.16 9.83 3.42
CA VAL A 8 6.50 8.59 4.08
C VAL A 8 7.81 8.71 4.84
N LEU A 9 7.89 9.72 5.68
CA LEU A 9 9.07 9.99 6.47
C LEU A 9 10.26 10.24 5.54
N LEU A 10 9.95 10.78 4.36
CA LEU A 10 10.93 11.05 3.32
C LEU A 10 11.56 9.77 2.79
N ALA A 11 10.92 8.64 3.12
CA ALA A 11 11.37 7.32 2.69
C ALA A 11 12.77 7.01 3.20
N VAL A 12 13.17 7.66 4.29
CA VAL A 12 14.51 7.45 4.85
C VAL A 12 14.70 6.04 5.37
N GLN A 13 13.59 5.37 5.68
CA GLN A 13 13.64 3.97 6.11
C GLN A 13 12.89 3.09 5.14
N GLN A 14 12.58 3.65 3.98
CA GLN A 14 11.74 2.98 2.99
C GLN A 14 12.19 3.33 1.58
N SER A 15 13.49 3.56 1.41
CA SER A 15 14.04 3.98 0.13
C SER A 15 13.97 2.86 -0.89
N GLY A 16 14.20 1.64 -0.44
CA GLY A 16 14.26 0.51 -1.35
C GLY A 16 13.20 -0.52 -1.04
N ALA A 17 12.00 -0.07 -0.68
CA ALA A 17 10.92 -0.99 -0.40
C ALA A 17 10.20 -1.34 -1.68
N CYS A 18 10.67 -2.37 -2.34
CA CYS A 18 10.12 -2.75 -3.62
C CYS A 18 8.95 -3.69 -3.40
N ARG A 19 7.94 -3.59 -4.26
CA ARG A 19 6.76 -4.44 -4.16
C ARG A 19 6.06 -4.36 -2.79
N ASN A 20 6.50 -3.48 -1.91
CA ASN A 20 5.97 -3.50 -0.55
C ASN A 20 5.02 -2.36 -0.30
N VAL A 21 3.74 -2.68 -0.25
CA VAL A 21 2.70 -1.71 0.04
C VAL A 21 1.72 -2.33 1.03
N PHE A 22 1.61 -1.71 2.19
CA PHE A 22 0.77 -2.24 3.25
C PHE A 22 -0.36 -1.27 3.56
N LEU A 23 -1.59 -1.77 3.49
CA LEU A 23 -2.75 -0.95 3.78
C LEU A 23 -3.37 -1.37 5.12
N GLY A 24 -3.65 -0.40 5.96
CA GLY A 24 -4.23 -0.72 7.25
C GLY A 24 -5.35 0.23 7.66
N ASN A 25 -6.44 0.22 6.87
CA ASN A 25 -7.64 0.99 7.20
C ASN A 25 -8.68 0.85 6.10
N LEU A 26 -8.80 -0.35 5.55
CA LEU A 26 -9.79 -0.58 4.51
C LEU A 26 -11.12 -0.97 5.14
N PRO A 27 -12.23 -0.81 4.42
CA PRO A 27 -13.54 -1.21 4.90
C PRO A 27 -13.74 -2.71 4.77
N ASN A 28 -14.69 -3.25 5.49
CA ASN A 28 -14.94 -4.68 5.45
C ASN A 28 -15.73 -5.01 4.19
N GLY A 29 -15.22 -5.96 3.43
CA GLY A 29 -15.84 -6.31 2.17
C GLY A 29 -15.02 -5.85 0.99
N ILE A 30 -13.95 -5.10 1.25
CA ILE A 30 -13.05 -4.64 0.20
C ILE A 30 -12.41 -5.84 -0.52
N THR A 31 -12.49 -5.84 -1.83
CA THR A 31 -11.92 -6.93 -2.60
C THR A 31 -10.73 -6.46 -3.42
N GLU A 32 -9.86 -7.40 -3.75
CA GLU A 32 -8.63 -7.09 -4.45
C GLU A 32 -8.95 -6.55 -5.81
N ASP A 33 -10.01 -7.04 -6.43
CA ASP A 33 -10.42 -6.59 -7.75
C ASP A 33 -10.60 -5.09 -7.77
N GLU A 34 -11.10 -4.56 -6.66
CA GLU A 34 -11.27 -3.11 -6.51
C GLU A 34 -9.93 -2.41 -6.50
N ILE A 35 -9.10 -2.80 -5.53
CA ILE A 35 -7.79 -2.17 -5.37
C ILE A 35 -6.90 -2.37 -6.61
N ARG A 36 -7.00 -3.55 -7.21
CA ARG A 36 -6.30 -3.84 -8.46
C ARG A 36 -6.64 -2.83 -9.53
N GLU A 37 -7.90 -2.78 -9.89
CA GLU A 37 -8.38 -1.89 -10.94
C GLU A 37 -8.12 -0.44 -10.58
N ASP A 38 -7.87 -0.20 -9.31
CA ASP A 38 -7.62 1.14 -8.83
C ASP A 38 -6.13 1.49 -8.91
N LEU A 39 -5.26 0.50 -8.69
CA LEU A 39 -3.83 0.79 -8.56
C LEU A 39 -3.04 0.34 -9.78
N GLU A 40 -3.69 -0.41 -10.65
CA GLU A 40 -3.05 -0.93 -11.85
C GLU A 40 -2.61 0.17 -12.80
N PRO A 41 -3.36 1.29 -12.93
CA PRO A 41 -3.05 2.31 -13.93
C PRO A 41 -1.74 3.02 -13.64
N PHE A 42 -1.38 3.13 -12.36
CA PHE A 42 -0.11 3.75 -11.99
C PHE A 42 0.87 2.74 -11.43
N GLY A 43 0.45 1.49 -11.34
CA GLY A 43 1.32 0.48 -10.78
C GLY A 43 0.72 -0.89 -10.81
N PRO A 44 1.03 -1.68 -11.84
CA PRO A 44 0.56 -3.06 -11.92
C PRO A 44 1.07 -3.87 -10.73
N ILE A 45 0.16 -4.59 -10.11
CA ILE A 45 0.48 -5.45 -8.97
C ILE A 45 0.44 -6.92 -9.39
N ASP A 46 1.22 -7.75 -8.71
CA ASP A 46 1.26 -9.19 -9.00
C ASP A 46 0.62 -9.97 -7.86
N GLN A 47 0.59 -9.37 -6.67
CA GLN A 47 0.06 -10.03 -5.51
C GLN A 47 -0.67 -9.03 -4.61
N ILE A 48 -1.92 -9.35 -4.28
CA ILE A 48 -2.73 -8.49 -3.43
C ILE A 48 -3.53 -9.35 -2.45
N LYS A 49 -3.20 -9.22 -1.18
CA LYS A 49 -3.86 -9.99 -0.14
C LYS A 49 -4.53 -9.06 0.87
N ILE A 50 -5.83 -9.14 0.97
CA ILE A 50 -6.58 -8.31 1.89
C ILE A 50 -7.04 -9.12 3.08
N VAL A 51 -6.71 -8.65 4.26
CA VAL A 51 -7.27 -9.21 5.46
C VAL A 51 -8.31 -8.24 5.96
N THR A 52 -9.52 -8.38 5.42
CA THR A 52 -10.59 -7.45 5.68
C THR A 52 -11.10 -7.60 7.12
N GLU A 53 -10.75 -8.72 7.73
CA GLU A 53 -11.04 -8.95 9.14
C GLU A 53 -10.27 -7.95 10.01
N ARG A 54 -9.08 -7.58 9.56
CA ARG A 54 -8.23 -6.67 10.31
C ARG A 54 -8.12 -5.32 9.61
N ASN A 55 -8.84 -5.17 8.50
CA ASN A 55 -8.89 -3.92 7.75
C ASN A 55 -7.54 -3.63 7.09
N ILE A 56 -6.76 -4.67 6.86
CA ILE A 56 -5.41 -4.51 6.35
C ILE A 56 -5.21 -5.27 5.04
N ALA A 57 -4.32 -4.76 4.20
CA ALA A 57 -4.05 -5.39 2.91
C ALA A 57 -2.57 -5.30 2.55
N PHE A 58 -2.06 -6.40 1.99
CA PHE A 58 -0.68 -6.48 1.54
C PHE A 58 -0.64 -6.51 0.02
N VAL A 59 -0.05 -5.49 -0.57
CA VAL A 59 0.04 -5.39 -2.02
C VAL A 59 1.49 -5.52 -2.45
N HIS A 60 1.75 -6.32 -3.48
CA HIS A 60 3.12 -6.44 -3.97
C HIS A 60 3.26 -5.85 -5.37
N PHE A 61 3.82 -4.64 -5.41
CA PHE A 61 4.05 -3.92 -6.67
C PHE A 61 5.37 -4.31 -7.30
N LEU A 62 5.29 -5.13 -8.36
CA LEU A 62 6.45 -5.69 -9.03
C LEU A 62 7.57 -4.68 -9.25
N ASN A 63 7.24 -3.50 -9.75
CA ASN A 63 8.24 -2.46 -9.92
C ASN A 63 8.25 -1.55 -8.70
N ILE A 64 9.45 -1.13 -8.31
CA ILE A 64 9.61 -0.28 -7.14
C ILE A 64 8.88 1.04 -7.36
N ALA A 65 8.97 1.58 -8.57
CA ALA A 65 8.37 2.88 -8.87
C ALA A 65 6.86 2.81 -8.84
N ALA A 66 6.31 1.65 -9.19
CA ALA A 66 4.88 1.45 -9.19
C ALA A 66 4.33 1.61 -7.79
N ALA A 67 5.05 1.06 -6.82
CA ALA A 67 4.66 1.16 -5.42
C ALA A 67 4.75 2.60 -4.95
N ILE A 68 5.82 3.28 -5.35
CA ILE A 68 6.06 4.65 -4.94
C ILE A 68 4.89 5.55 -5.33
N LYS A 69 4.60 5.61 -6.63
CA LYS A 69 3.54 6.47 -7.13
C LYS A 69 2.18 6.06 -6.57
N ALA A 70 1.94 4.77 -6.48
CA ALA A 70 0.68 4.27 -5.93
C ALA A 70 0.50 4.71 -4.47
N VAL A 71 1.53 4.51 -3.66
CA VAL A 71 1.49 4.88 -2.25
C VAL A 71 1.41 6.40 -2.09
N GLN A 72 1.90 7.13 -3.07
CA GLN A 72 1.84 8.59 -3.05
C GLN A 72 0.51 9.14 -3.59
N GLU A 73 -0.16 8.36 -4.43
CA GLU A 73 -1.40 8.81 -5.07
C GLU A 73 -2.62 8.33 -4.29
N LEU A 74 -2.48 7.17 -3.65
CA LEU A 74 -3.55 6.60 -2.84
C LEU A 74 -4.10 7.62 -1.83
N PRO A 75 -3.23 8.28 -1.04
CA PRO A 75 -3.66 9.24 -0.03
C PRO A 75 -4.28 10.50 -0.62
N LEU A 76 -4.08 10.70 -1.92
CA LEU A 76 -4.61 11.88 -2.60
C LEU A 76 -5.98 11.60 -3.20
N ASN A 77 -6.40 10.36 -3.10
CA ASN A 77 -7.65 9.91 -3.70
C ASN A 77 -8.74 9.69 -2.66
N PRO A 78 -10.01 9.90 -3.06
CA PRO A 78 -11.14 9.94 -2.13
C PRO A 78 -11.37 8.61 -1.43
N LYS A 79 -11.20 7.52 -2.17
CA LYS A 79 -11.43 6.19 -1.63
C LYS A 79 -10.19 5.72 -0.90
N TRP A 80 -9.06 5.94 -1.54
CA TRP A 80 -7.81 5.38 -1.08
C TRP A 80 -7.25 6.18 0.09
N SER A 81 -7.60 7.46 0.17
CA SER A 81 -7.15 8.30 1.27
C SER A 81 -7.75 7.83 2.59
N LYS A 82 -8.86 7.10 2.50
CA LYS A 82 -9.53 6.55 3.67
C LYS A 82 -8.71 5.38 4.21
N ARG A 83 -7.90 4.79 3.35
CA ARG A 83 -7.04 3.68 3.73
C ARG A 83 -5.68 4.23 4.14
N ARG A 84 -5.09 3.64 5.16
CA ARG A 84 -3.77 4.07 5.61
C ARG A 84 -2.72 3.21 4.92
N ILE A 85 -2.02 3.77 3.95
CA ILE A 85 -1.05 3.00 3.19
C ILE A 85 0.37 3.50 3.44
N TYR A 86 1.30 2.57 3.50
CA TYR A 86 2.71 2.88 3.59
C TYR A 86 3.52 1.74 2.98
N TYR A 87 4.81 1.96 2.79
CA TYR A 87 5.70 0.91 2.34
C TYR A 87 5.80 -0.18 3.39
N GLY A 88 5.76 -1.43 2.94
CA GLY A 88 5.92 -2.55 3.85
C GLY A 88 7.30 -2.60 4.44
N ARG A 89 7.50 -3.48 5.41
CA ARG A 89 8.77 -3.58 6.10
C ARG A 89 9.70 -4.53 5.36
N ASP A 90 11.01 -4.29 5.52
CA ASP A 90 12.04 -5.01 4.78
C ASP A 90 12.01 -4.63 3.29
N ARG A 91 13.16 -4.67 2.64
CA ARG A 91 13.24 -4.27 1.23
C ARG A 91 12.62 -5.31 0.30
N CYS A 92 12.77 -6.58 0.68
CA CYS A 92 12.32 -7.70 -0.16
C CYS A 92 13.03 -7.68 -1.51
N ALA A 93 14.20 -7.07 -1.54
CA ALA A 93 14.99 -6.96 -2.76
C ALA A 93 16.23 -7.83 -2.67
N VAL A 94 16.19 -8.78 -1.76
CA VAL A 94 17.31 -9.66 -1.51
C VAL A 94 17.24 -10.89 -2.43
N GLY A 95 16.06 -11.17 -2.95
CA GLY A 95 15.89 -12.28 -3.86
C GLY A 95 15.04 -11.92 -5.06
N LEU A 96 15.55 -11.00 -5.87
CA LEU A 96 14.84 -10.58 -7.08
C LEU A 96 15.49 -11.20 -8.30
N LYS A 97 14.68 -11.79 -9.15
CA LYS A 97 15.17 -12.39 -10.38
C LYS A 97 14.76 -11.54 -11.58
N ASN A 1 0.95 16.48 16.95
CA ASN A 1 1.42 15.53 17.97
C ASN A 1 2.89 15.23 17.80
N SER A 2 3.54 14.79 18.87
CA SER A 2 4.93 14.39 18.83
C SER A 2 5.04 12.92 18.43
N ALA A 3 4.15 12.12 18.99
CA ALA A 3 4.09 10.70 18.70
C ALA A 3 2.75 10.36 18.07
N SER A 4 2.55 9.07 17.76
CA SER A 4 1.31 8.60 17.16
C SER A 4 1.14 9.16 15.75
N ASN A 5 2.23 9.64 15.19
CA ASN A 5 2.23 10.17 13.84
C ASN A 5 2.62 9.08 12.87
N SER A 6 2.28 9.27 11.61
CA SER A 6 2.63 8.30 10.57
C SER A 6 4.11 8.36 10.26
N SER A 7 4.89 7.53 10.93
CA SER A 7 6.32 7.45 10.67
C SER A 7 6.56 6.79 9.32
N VAL A 8 6.73 7.61 8.31
CA VAL A 8 6.86 7.13 6.94
C VAL A 8 8.00 7.82 6.21
N LEU A 9 8.75 7.06 5.43
CA LEU A 9 9.68 7.65 4.50
C LEU A 9 8.92 8.12 3.27
N LEU A 10 7.64 7.80 3.27
CA LEU A 10 6.70 8.34 2.29
C LEU A 10 6.60 9.85 2.48
N ALA A 11 6.92 10.30 3.68
CA ALA A 11 6.91 11.72 4.00
C ALA A 11 7.97 12.45 3.18
N VAL A 12 9.08 11.76 2.90
CA VAL A 12 10.14 12.30 2.08
C VAL A 12 10.06 11.71 0.68
N GLN A 13 8.93 11.03 0.43
CA GLN A 13 8.59 10.39 -0.86
C GLN A 13 9.74 9.56 -1.45
N GLN A 14 10.55 8.99 -0.57
CA GLN A 14 11.68 8.17 -1.00
C GLN A 14 11.81 6.95 -0.09
N SER A 15 11.80 5.77 -0.69
CA SER A 15 11.90 4.52 0.07
C SER A 15 12.37 3.39 -0.84
N GLY A 16 13.41 2.69 -0.41
CA GLY A 16 13.91 1.57 -1.18
C GLY A 16 13.13 0.30 -0.90
N ALA A 17 11.81 0.42 -0.95
CA ALA A 17 10.94 -0.70 -0.68
C ALA A 17 10.22 -1.11 -1.96
N CYS A 18 10.70 -2.16 -2.59
CA CYS A 18 10.12 -2.61 -3.83
C CYS A 18 8.96 -3.54 -3.54
N ARG A 19 7.93 -3.49 -4.38
CA ARG A 19 6.78 -4.37 -4.27
C ARG A 19 6.11 -4.36 -2.89
N ASN A 20 6.50 -3.45 -2.00
CA ASN A 20 5.97 -3.49 -0.65
C ASN A 20 5.02 -2.36 -0.36
N VAL A 21 3.75 -2.70 -0.29
CA VAL A 21 2.70 -1.76 0.03
C VAL A 21 1.76 -2.39 1.05
N PHE A 22 1.52 -1.70 2.16
CA PHE A 22 0.66 -2.22 3.20
C PHE A 22 -0.49 -1.26 3.46
N LEU A 23 -1.70 -1.78 3.41
CA LEU A 23 -2.89 -0.99 3.72
C LEU A 23 -3.49 -1.43 5.03
N GLY A 24 -3.69 -0.49 5.93
CA GLY A 24 -4.24 -0.83 7.23
C GLY A 24 -5.40 0.05 7.65
N ASN A 25 -6.45 0.09 6.82
CA ASN A 25 -7.65 0.86 7.14
C ASN A 25 -8.65 0.77 5.98
N LEU A 26 -8.91 -0.45 5.53
CA LEU A 26 -9.88 -0.66 4.45
C LEU A 26 -11.23 -1.04 5.03
N PRO A 27 -12.32 -0.86 4.26
CA PRO A 27 -13.65 -1.23 4.69
C PRO A 27 -13.92 -2.71 4.54
N ASN A 28 -14.83 -3.21 5.34
CA ASN A 28 -15.22 -4.60 5.27
C ASN A 28 -15.92 -4.88 3.96
N GLY A 29 -15.38 -5.81 3.19
CA GLY A 29 -15.94 -6.11 1.90
C GLY A 29 -15.07 -5.64 0.75
N ILE A 30 -13.96 -4.99 1.08
CA ILE A 30 -13.01 -4.56 0.06
C ILE A 30 -12.40 -5.77 -0.65
N THR A 31 -12.45 -5.78 -1.97
CA THR A 31 -11.91 -6.88 -2.74
C THR A 31 -10.71 -6.40 -3.56
N GLU A 32 -9.86 -7.36 -3.93
CA GLU A 32 -8.63 -7.05 -4.64
C GLU A 32 -8.94 -6.41 -5.96
N ASP A 33 -9.96 -6.90 -6.63
CA ASP A 33 -10.35 -6.37 -7.94
C ASP A 33 -10.52 -4.86 -7.90
N GLU A 34 -11.02 -4.37 -6.77
CA GLU A 34 -11.20 -2.94 -6.58
C GLU A 34 -9.85 -2.24 -6.50
N ILE A 35 -9.01 -2.70 -5.58
CA ILE A 35 -7.69 -2.13 -5.39
C ILE A 35 -6.84 -2.26 -6.65
N ARG A 36 -6.92 -3.42 -7.29
CA ARG A 36 -6.22 -3.67 -8.55
C ARG A 36 -6.59 -2.66 -9.61
N GLU A 37 -7.85 -2.62 -9.97
CA GLU A 37 -8.33 -1.71 -11.02
C GLU A 37 -8.00 -0.28 -10.66
N ASP A 38 -7.79 -0.04 -9.38
CA ASP A 38 -7.50 1.28 -8.90
C ASP A 38 -6.00 1.60 -8.96
N LEU A 39 -5.16 0.59 -8.74
CA LEU A 39 -3.73 0.84 -8.57
C LEU A 39 -2.92 0.40 -9.77
N GLU A 40 -3.50 -0.44 -10.61
CA GLU A 40 -2.81 -1.00 -11.76
C GLU A 40 -2.44 0.06 -12.81
N PRO A 41 -3.23 1.14 -12.99
CA PRO A 41 -2.95 2.13 -14.03
C PRO A 41 -1.65 2.88 -13.76
N PHE A 42 -1.30 3.05 -12.50
CA PHE A 42 -0.02 3.68 -12.16
C PHE A 42 0.95 2.68 -11.55
N GLY A 43 0.51 1.46 -11.34
CA GLY A 43 1.35 0.49 -10.69
C GLY A 43 0.76 -0.90 -10.71
N PRO A 44 1.15 -1.72 -11.68
CA PRO A 44 0.67 -3.10 -11.76
C PRO A 44 1.09 -3.90 -10.53
N ILE A 45 0.14 -4.64 -9.98
CA ILE A 45 0.42 -5.49 -8.83
C ILE A 45 0.35 -6.97 -9.21
N ASP A 46 1.12 -7.79 -8.50
CA ASP A 46 1.12 -9.23 -8.71
C ASP A 46 0.49 -9.96 -7.54
N GLN A 47 0.53 -9.33 -6.37
CA GLN A 47 0.05 -9.97 -5.16
C GLN A 47 -0.73 -8.98 -4.31
N ILE A 48 -1.99 -9.30 -4.05
CA ILE A 48 -2.85 -8.46 -3.24
C ILE A 48 -3.65 -9.32 -2.27
N LYS A 49 -3.29 -9.27 -1.01
CA LYS A 49 -3.94 -10.07 0.02
C LYS A 49 -4.65 -9.18 1.02
N ILE A 50 -5.97 -9.27 1.05
CA ILE A 50 -6.76 -8.46 1.94
C ILE A 50 -7.22 -9.26 3.13
N VAL A 51 -6.93 -8.76 4.32
CA VAL A 51 -7.47 -9.31 5.55
C VAL A 51 -8.49 -8.34 6.11
N THR A 52 -9.73 -8.47 5.67
CA THR A 52 -10.81 -7.59 6.09
C THR A 52 -11.13 -7.82 7.56
N GLU A 53 -10.61 -8.91 8.11
CA GLU A 53 -10.76 -9.22 9.51
C GLU A 53 -10.07 -8.15 10.35
N ARG A 54 -8.96 -7.64 9.84
CA ARG A 54 -8.20 -6.59 10.52
C ARG A 54 -8.21 -5.30 9.72
N ASN A 55 -8.95 -5.31 8.60
CA ASN A 55 -9.06 -4.13 7.73
C ASN A 55 -7.72 -3.79 7.09
N ILE A 56 -6.92 -4.82 6.86
CA ILE A 56 -5.56 -4.63 6.36
C ILE A 56 -5.36 -5.39 5.05
N ALA A 57 -4.49 -4.86 4.20
CA ALA A 57 -4.21 -5.50 2.91
C ALA A 57 -2.73 -5.35 2.56
N PHE A 58 -2.16 -6.44 2.04
CA PHE A 58 -0.77 -6.48 1.63
C PHE A 58 -0.68 -6.53 0.11
N VAL A 59 -0.03 -5.54 -0.47
CA VAL A 59 0.08 -5.43 -1.92
C VAL A 59 1.53 -5.56 -2.35
N HIS A 60 1.78 -6.32 -3.41
CA HIS A 60 3.14 -6.42 -3.94
C HIS A 60 3.22 -5.83 -5.34
N PHE A 61 3.78 -4.62 -5.41
CA PHE A 61 3.97 -3.93 -6.69
C PHE A 61 5.28 -4.35 -7.33
N LEU A 62 5.16 -5.20 -8.36
CA LEU A 62 6.32 -5.83 -9.01
C LEU A 62 7.46 -4.86 -9.30
N ASN A 63 7.13 -3.64 -9.70
CA ASN A 63 8.15 -2.64 -9.95
C ASN A 63 8.26 -1.70 -8.77
N ILE A 64 9.46 -1.24 -8.47
CA ILE A 64 9.70 -0.40 -7.31
C ILE A 64 8.94 0.94 -7.48
N ALA A 65 9.00 1.51 -8.68
CA ALA A 65 8.38 2.80 -8.95
C ALA A 65 6.86 2.70 -8.92
N ALA A 66 6.36 1.52 -9.30
CA ALA A 66 4.92 1.27 -9.29
C ALA A 66 4.34 1.47 -7.91
N ALA A 67 5.06 0.97 -6.91
CA ALA A 67 4.63 1.11 -5.53
C ALA A 67 4.73 2.57 -5.08
N ILE A 68 5.82 3.22 -5.49
CA ILE A 68 6.07 4.60 -5.10
C ILE A 68 4.92 5.52 -5.50
N LYS A 69 4.63 5.56 -6.79
CA LYS A 69 3.60 6.44 -7.30
C LYS A 69 2.22 6.08 -6.76
N ALA A 70 1.96 4.78 -6.63
CA ALA A 70 0.70 4.31 -6.07
C ALA A 70 0.52 4.75 -4.63
N VAL A 71 1.54 4.51 -3.81
CA VAL A 71 1.50 4.87 -2.41
C VAL A 71 1.47 6.39 -2.23
N GLN A 72 1.95 7.12 -3.24
CA GLN A 72 1.90 8.58 -3.21
C GLN A 72 0.54 9.11 -3.69
N GLU A 73 -0.17 8.33 -4.48
CA GLU A 73 -1.45 8.75 -5.08
C GLU A 73 -2.61 8.29 -4.22
N LEU A 74 -2.46 7.13 -3.59
CA LEU A 74 -3.47 6.54 -2.74
C LEU A 74 -3.97 7.55 -1.68
N PRO A 75 -3.06 8.19 -0.93
CA PRO A 75 -3.43 9.12 0.14
C PRO A 75 -4.09 10.39 -0.40
N LEU A 76 -3.96 10.63 -1.70
CA LEU A 76 -4.51 11.85 -2.30
C LEU A 76 -5.87 11.59 -2.91
N ASN A 77 -6.33 10.36 -2.83
CA ASN A 77 -7.59 9.97 -3.44
C ASN A 77 -8.69 9.76 -2.41
N PRO A 78 -9.95 10.04 -2.79
CA PRO A 78 -11.09 10.04 -1.88
C PRO A 78 -11.37 8.67 -1.28
N LYS A 79 -11.15 7.63 -2.08
CA LYS A 79 -11.42 6.26 -1.64
C LYS A 79 -10.22 5.72 -0.90
N TRP A 80 -9.06 5.96 -1.49
CA TRP A 80 -7.82 5.36 -1.01
C TRP A 80 -7.31 6.09 0.22
N SER A 81 -7.61 7.38 0.32
CA SER A 81 -7.19 8.16 1.49
C SER A 81 -7.93 7.69 2.75
N LYS A 82 -9.00 6.94 2.56
CA LYS A 82 -9.71 6.35 3.68
C LYS A 82 -8.91 5.19 4.25
N ARG A 83 -7.96 4.72 3.45
CA ARG A 83 -7.06 3.65 3.85
C ARG A 83 -5.75 4.24 4.35
N ARG A 84 -5.05 3.52 5.21
CA ARG A 84 -3.73 3.93 5.66
C ARG A 84 -2.68 3.09 4.96
N ILE A 85 -1.99 3.67 3.98
CA ILE A 85 -1.01 2.92 3.22
C ILE A 85 0.40 3.45 3.43
N TYR A 86 1.35 2.53 3.51
CA TYR A 86 2.75 2.87 3.55
C TYR A 86 3.56 1.71 2.97
N TYR A 87 4.84 1.94 2.73
CA TYR A 87 5.73 0.88 2.25
C TYR A 87 5.83 -0.24 3.27
N GLY A 88 5.53 -1.46 2.84
CA GLY A 88 5.44 -2.59 3.74
C GLY A 88 6.79 -3.13 4.18
N ARG A 89 6.76 -4.22 4.93
CA ARG A 89 7.97 -4.82 5.47
C ARG A 89 8.38 -6.05 4.68
N ASP A 90 9.66 -6.11 4.32
CA ASP A 90 10.20 -7.23 3.54
C ASP A 90 11.71 -7.11 3.46
N ARG A 91 12.37 -8.19 3.04
CA ARG A 91 13.82 -8.20 2.88
C ARG A 91 14.26 -7.33 1.71
N CYS A 92 13.34 -7.05 0.80
CA CYS A 92 13.63 -6.19 -0.35
C CYS A 92 13.06 -4.80 -0.11
N ALA A 93 12.85 -4.47 1.16
CA ALA A 93 12.29 -3.19 1.54
C ALA A 93 13.17 -2.49 2.55
N VAL A 94 14.07 -1.64 2.05
CA VAL A 94 14.96 -0.89 2.92
C VAL A 94 14.30 0.44 3.32
N GLY A 95 12.99 0.48 3.14
CA GLY A 95 12.20 1.61 3.61
C GLY A 95 11.80 1.44 5.05
N LEU A 96 12.20 0.30 5.61
CA LEU A 96 11.93 -0.01 7.00
C LEU A 96 13.16 0.26 7.85
N LYS A 97 13.26 1.48 8.33
CA LYS A 97 14.40 1.88 9.13
C LYS A 97 13.97 2.15 10.56
N ASN A 1 15.28 -2.97 7.57
CA ASN A 1 13.83 -2.66 7.63
C ASN A 1 13.51 -1.97 8.95
N SER A 2 12.71 -0.91 8.87
CA SER A 2 12.31 -0.15 10.04
C SER A 2 11.65 -1.05 11.09
N ALA A 3 10.50 -1.63 10.72
CA ALA A 3 9.70 -2.47 11.63
C ALA A 3 9.07 -1.65 12.75
N SER A 4 9.90 -1.00 13.55
CA SER A 4 9.43 -0.22 14.69
C SER A 4 9.16 1.24 14.30
N ASN A 5 8.78 1.47 13.04
CA ASN A 5 8.50 2.83 12.58
C ASN A 5 7.07 2.93 12.05
N SER A 6 6.68 1.94 11.25
CA SER A 6 5.32 1.82 10.72
C SER A 6 5.00 2.92 9.70
N SER A 7 4.58 4.09 10.18
CA SER A 7 4.14 5.17 9.31
C SER A 7 5.29 5.68 8.43
N VAL A 8 4.96 6.16 7.23
CA VAL A 8 5.98 6.66 6.33
C VAL A 8 6.03 8.17 6.34
N LEU A 9 5.14 8.75 7.10
CA LEU A 9 5.00 10.20 7.19
C LEU A 9 4.87 10.79 5.78
N LEU A 10 3.72 10.55 5.14
CA LEU A 10 3.45 11.02 3.78
C LEU A 10 4.44 10.44 2.76
N ALA A 11 5.24 9.47 3.20
CA ALA A 11 6.22 8.78 2.37
C ALA A 11 7.30 9.74 1.87
N VAL A 12 7.46 10.87 2.54
CA VAL A 12 8.43 11.87 2.14
C VAL A 12 9.72 11.74 2.96
N GLN A 13 9.94 10.56 3.50
CA GLN A 13 11.11 10.29 4.34
C GLN A 13 12.03 9.27 3.69
N GLN A 14 12.02 9.23 2.36
CA GLN A 14 12.80 8.28 1.59
C GLN A 14 12.55 6.85 2.08
N SER A 15 11.41 6.30 1.71
CA SER A 15 11.03 4.97 2.13
C SER A 15 10.67 4.11 0.94
N GLY A 16 11.18 4.51 -0.24
CA GLY A 16 10.84 3.84 -1.48
C GLY A 16 11.23 2.38 -1.48
N ALA A 17 10.27 1.54 -1.15
CA ALA A 17 10.47 0.10 -1.09
C ALA A 17 9.85 -0.55 -2.32
N CYS A 18 10.43 -1.66 -2.76
CA CYS A 18 9.91 -2.32 -3.95
C CYS A 18 8.88 -3.35 -3.56
N ARG A 19 7.88 -3.50 -4.43
CA ARG A 19 6.77 -4.42 -4.26
C ARG A 19 6.08 -4.38 -2.90
N ASN A 20 6.51 -3.52 -1.99
CA ASN A 20 6.03 -3.60 -0.63
C ASN A 20 5.10 -2.45 -0.30
N VAL A 21 3.82 -2.77 -0.24
CA VAL A 21 2.78 -1.82 0.07
C VAL A 21 1.79 -2.44 1.03
N PHE A 22 1.59 -1.81 2.18
CA PHE A 22 0.70 -2.34 3.19
C PHE A 22 -0.44 -1.36 3.47
N LEU A 23 -1.67 -1.87 3.41
CA LEU A 23 -2.84 -1.05 3.71
C LEU A 23 -3.45 -1.48 5.03
N GLY A 24 -3.63 -0.52 5.92
CA GLY A 24 -4.18 -0.82 7.23
C GLY A 24 -5.29 0.12 7.66
N ASN A 25 -6.37 0.16 6.87
CA ASN A 25 -7.53 0.99 7.19
C ASN A 25 -8.58 0.87 6.09
N LEU A 26 -8.76 -0.35 5.61
CA LEU A 26 -9.73 -0.61 4.56
C LEU A 26 -11.10 -0.91 5.15
N PRO A 27 -12.16 -0.83 4.34
CA PRO A 27 -13.50 -1.20 4.77
C PRO A 27 -13.71 -2.70 4.71
N ASN A 28 -14.71 -3.16 5.40
CA ASN A 28 -15.06 -4.57 5.36
C ASN A 28 -15.72 -4.88 4.03
N GLY A 29 -15.22 -5.90 3.36
CA GLY A 29 -15.77 -6.27 2.08
C GLY A 29 -14.90 -5.84 0.91
N ILE A 30 -13.85 -5.10 1.20
CA ILE A 30 -12.94 -4.63 0.15
C ILE A 30 -12.35 -5.81 -0.61
N THR A 31 -12.44 -5.76 -1.94
CA THR A 31 -11.94 -6.85 -2.75
C THR A 31 -10.74 -6.40 -3.57
N GLU A 32 -9.93 -7.36 -3.97
CA GLU A 32 -8.72 -7.09 -4.71
C GLU A 32 -9.05 -6.44 -6.02
N ASP A 33 -10.16 -6.87 -6.62
CA ASP A 33 -10.64 -6.33 -7.88
C ASP A 33 -10.69 -4.80 -7.84
N GLU A 34 -11.12 -4.28 -6.71
CA GLU A 34 -11.22 -2.84 -6.52
C GLU A 34 -9.84 -2.20 -6.48
N ILE A 35 -9.02 -2.68 -5.55
CA ILE A 35 -7.68 -2.16 -5.38
C ILE A 35 -6.84 -2.32 -6.65
N ARG A 36 -6.95 -3.48 -7.28
CA ARG A 36 -6.26 -3.76 -8.54
C ARG A 36 -6.56 -2.73 -9.60
N GLU A 37 -7.82 -2.65 -9.97
CA GLU A 37 -8.24 -1.75 -11.05
C GLU A 37 -7.93 -0.30 -10.67
N ASP A 38 -7.77 -0.06 -9.39
CA ASP A 38 -7.52 1.27 -8.92
C ASP A 38 -6.03 1.60 -8.91
N LEU A 39 -5.18 0.60 -8.65
CA LEU A 39 -3.77 0.86 -8.43
C LEU A 39 -2.89 0.43 -9.59
N GLU A 40 -3.43 -0.43 -10.45
CA GLU A 40 -2.65 -0.98 -11.54
C GLU A 40 -2.34 0.04 -12.65
N PRO A 41 -3.17 1.11 -12.84
CA PRO A 41 -2.89 2.09 -13.89
C PRO A 41 -1.60 2.87 -13.63
N PHE A 42 -1.25 3.02 -12.36
CA PHE A 42 0.02 3.65 -12.00
C PHE A 42 0.99 2.65 -11.38
N GLY A 43 0.54 1.42 -11.23
CA GLY A 43 1.37 0.42 -10.60
C GLY A 43 0.74 -0.95 -10.64
N PRO A 44 1.07 -1.77 -11.64
CA PRO A 44 0.55 -3.11 -11.74
C PRO A 44 0.98 -3.97 -10.56
N ILE A 45 0.02 -4.65 -9.94
CA ILE A 45 0.29 -5.53 -8.83
C ILE A 45 0.18 -6.99 -9.27
N ASP A 46 0.91 -7.87 -8.60
CA ASP A 46 0.83 -9.30 -8.85
C ASP A 46 0.20 -10.02 -7.67
N GLN A 47 0.33 -9.44 -6.49
CA GLN A 47 -0.15 -10.09 -5.28
C GLN A 47 -0.85 -9.08 -4.39
N ILE A 48 -2.12 -9.35 -4.10
CA ILE A 48 -2.93 -8.49 -3.27
C ILE A 48 -3.70 -9.33 -2.27
N LYS A 49 -3.27 -9.30 -1.03
CA LYS A 49 -3.85 -10.12 0.02
C LYS A 49 -4.58 -9.24 1.03
N ILE A 50 -5.90 -9.32 1.01
CA ILE A 50 -6.73 -8.51 1.89
C ILE A 50 -7.21 -9.30 3.08
N VAL A 51 -6.89 -8.82 4.26
CA VAL A 51 -7.44 -9.36 5.48
C VAL A 51 -8.50 -8.39 5.98
N THR A 52 -9.72 -8.59 5.49
CA THR A 52 -10.84 -7.73 5.82
C THR A 52 -11.22 -7.87 7.29
N GLU A 53 -10.79 -8.98 7.90
CA GLU A 53 -11.01 -9.22 9.32
C GLU A 53 -10.24 -8.21 10.17
N ARG A 54 -9.12 -7.74 9.64
CA ARG A 54 -8.28 -6.78 10.35
C ARG A 54 -8.19 -5.46 9.59
N ASN A 55 -8.94 -5.38 8.48
CA ASN A 55 -9.02 -4.16 7.67
C ASN A 55 -7.67 -3.83 7.04
N ILE A 56 -6.87 -4.85 6.83
CA ILE A 56 -5.51 -4.68 6.33
C ILE A 56 -5.30 -5.45 5.03
N ALA A 57 -4.44 -4.92 4.16
CA ALA A 57 -4.15 -5.57 2.89
C ALA A 57 -2.69 -5.43 2.51
N PHE A 58 -2.12 -6.52 2.01
CA PHE A 58 -0.75 -6.56 1.56
C PHE A 58 -0.71 -6.57 0.03
N VAL A 59 -0.08 -5.57 -0.55
CA VAL A 59 0.00 -5.45 -1.99
C VAL A 59 1.44 -5.59 -2.45
N HIS A 60 1.70 -6.40 -3.46
CA HIS A 60 3.06 -6.53 -3.98
C HIS A 60 3.16 -5.94 -5.38
N PHE A 61 3.73 -4.75 -5.46
CA PHE A 61 3.93 -4.05 -6.72
C PHE A 61 5.24 -4.49 -7.37
N LEU A 62 5.13 -5.34 -8.39
CA LEU A 62 6.29 -5.93 -9.07
C LEU A 62 7.40 -4.91 -9.37
N ASN A 63 7.03 -3.71 -9.75
CA ASN A 63 8.04 -2.67 -10.00
C ASN A 63 8.19 -1.79 -8.78
N ILE A 64 9.41 -1.34 -8.53
CA ILE A 64 9.71 -0.50 -7.38
C ILE A 64 8.96 0.83 -7.51
N ALA A 65 8.96 1.41 -8.71
CA ALA A 65 8.36 2.71 -8.94
C ALA A 65 6.85 2.62 -8.89
N ALA A 66 6.32 1.46 -9.29
CA ALA A 66 4.89 1.22 -9.28
C ALA A 66 4.35 1.37 -7.87
N ALA A 67 5.09 0.85 -6.91
CA ALA A 67 4.71 0.95 -5.51
C ALA A 67 4.83 2.38 -5.02
N ILE A 68 5.88 3.06 -5.44
CA ILE A 68 6.14 4.42 -5.02
C ILE A 68 4.99 5.35 -5.37
N LYS A 69 4.69 5.45 -6.65
CA LYS A 69 3.64 6.35 -7.12
C LYS A 69 2.28 5.95 -6.56
N ALA A 70 2.02 4.66 -6.46
CA ALA A 70 0.76 4.19 -5.90
C ALA A 70 0.59 4.63 -4.45
N VAL A 71 1.62 4.42 -3.65
CA VAL A 71 1.59 4.82 -2.24
C VAL A 71 1.54 6.35 -2.11
N GLN A 72 2.02 7.05 -3.13
CA GLN A 72 1.98 8.51 -3.13
C GLN A 72 0.62 9.05 -3.60
N GLU A 73 -0.07 8.26 -4.43
CA GLU A 73 -1.31 8.70 -5.05
C GLU A 73 -2.52 8.24 -4.25
N LEU A 74 -2.38 7.11 -3.58
CA LEU A 74 -3.44 6.56 -2.75
C LEU A 74 -3.96 7.59 -1.74
N PRO A 75 -3.06 8.24 -0.96
CA PRO A 75 -3.46 9.22 0.05
C PRO A 75 -4.06 10.49 -0.57
N LEU A 76 -3.85 10.69 -1.87
CA LEU A 76 -4.33 11.89 -2.54
C LEU A 76 -5.74 11.67 -3.10
N ASN A 77 -6.19 10.44 -3.04
CA ASN A 77 -7.47 10.06 -3.64
C ASN A 77 -8.54 9.85 -2.59
N PRO A 78 -9.80 10.14 -2.93
CA PRO A 78 -10.91 10.19 -1.97
C PRO A 78 -11.20 8.83 -1.34
N LYS A 79 -11.05 7.77 -2.13
CA LYS A 79 -11.37 6.43 -1.67
C LYS A 79 -10.17 5.84 -0.96
N TRP A 80 -9.02 6.02 -1.58
CA TRP A 80 -7.79 5.41 -1.10
C TRP A 80 -7.26 6.16 0.11
N SER A 81 -7.56 7.46 0.19
CA SER A 81 -7.14 8.26 1.33
C SER A 81 -7.82 7.77 2.61
N LYS A 82 -8.94 7.08 2.46
CA LYS A 82 -9.63 6.49 3.60
C LYS A 82 -8.82 5.33 4.17
N ARG A 83 -7.88 4.84 3.38
CA ARG A 83 -7.05 3.73 3.78
C ARG A 83 -5.68 4.24 4.20
N ARG A 84 -5.06 3.59 5.17
CA ARG A 84 -3.73 3.97 5.61
C ARG A 84 -2.70 3.09 4.94
N ILE A 85 -1.96 3.64 4.00
CA ILE A 85 -1.00 2.85 3.26
C ILE A 85 0.42 3.34 3.51
N TYR A 86 1.34 2.40 3.59
CA TYR A 86 2.75 2.72 3.67
C TYR A 86 3.57 1.59 3.06
N TYR A 87 4.84 1.85 2.84
CA TYR A 87 5.75 0.82 2.38
C TYR A 87 5.95 -0.22 3.47
N GLY A 88 5.98 -1.48 3.08
CA GLY A 88 6.14 -2.52 4.05
C GLY A 88 7.58 -2.85 4.32
N ARG A 89 8.04 -2.45 5.49
CA ARG A 89 9.40 -2.78 5.92
C ARG A 89 9.37 -3.51 7.24
N ASP A 90 9.53 -4.81 7.14
CA ASP A 90 9.40 -5.71 8.27
C ASP A 90 9.62 -7.15 7.81
N ARG A 91 10.24 -7.96 8.65
CA ARG A 91 10.60 -9.32 8.26
C ARG A 91 9.49 -10.31 8.58
N CYS A 92 8.52 -9.88 9.38
CA CYS A 92 7.40 -10.74 9.74
C CYS A 92 6.21 -10.45 8.84
N ALA A 93 6.39 -9.47 7.95
CA ALA A 93 5.35 -9.08 7.02
C ALA A 93 5.40 -9.92 5.74
N VAL A 94 6.15 -11.01 5.83
CA VAL A 94 6.25 -11.96 4.73
C VAL A 94 5.13 -13.00 4.86
N GLY A 95 4.58 -13.09 6.07
CA GLY A 95 3.50 -14.00 6.34
C GLY A 95 2.75 -13.58 7.58
N LEU A 96 1.60 -12.95 7.40
CA LEU A 96 0.86 -12.38 8.51
C LEU A 96 0.19 -13.46 9.34
N LYS A 97 -0.03 -13.16 10.61
CA LYS A 97 -0.68 -14.07 11.54
C LYS A 97 -1.24 -13.28 12.71
N ASN A 1 -4.21 16.94 18.65
CA ASN A 1 -4.73 15.61 18.29
C ASN A 1 -5.14 15.60 16.83
N SER A 2 -4.37 14.89 16.02
CA SER A 2 -4.65 14.81 14.59
C SER A 2 -5.41 13.52 14.26
N ALA A 3 -6.65 13.67 13.80
CA ALA A 3 -7.48 12.54 13.45
C ALA A 3 -7.25 12.12 12.01
N SER A 4 -6.65 13.00 11.23
CA SER A 4 -6.35 12.71 9.83
C SER A 4 -4.83 12.72 9.61
N ASN A 5 -4.41 12.15 8.49
CA ASN A 5 -2.99 12.06 8.17
C ASN A 5 -2.56 13.19 7.25
N SER A 6 -1.45 13.84 7.61
CA SER A 6 -0.91 14.92 6.80
C SER A 6 0.40 14.47 6.15
N SER A 7 0.53 14.74 4.84
CA SER A 7 1.69 14.32 4.07
C SER A 7 1.83 12.79 4.10
N VAL A 8 2.92 12.27 3.59
CA VAL A 8 3.15 10.84 3.66
C VAL A 8 4.49 10.51 4.28
N LEU A 9 4.56 10.60 5.60
CA LEU A 9 5.76 10.21 6.32
C LEU A 9 5.80 8.70 6.39
N LEU A 10 4.66 8.10 6.09
CA LEU A 10 4.56 6.67 5.97
C LEU A 10 5.29 6.21 4.71
N ALA A 11 5.62 7.18 3.85
CA ALA A 11 6.33 6.90 2.62
C ALA A 11 7.75 7.47 2.66
N VAL A 12 8.11 8.18 3.73
CA VAL A 12 9.46 8.71 3.85
C VAL A 12 10.38 7.67 4.47
N GLN A 13 9.79 6.60 4.99
CA GLN A 13 10.54 5.47 5.51
C GLN A 13 10.98 4.57 4.37
N GLN A 14 11.85 5.10 3.53
CA GLN A 14 12.33 4.38 2.37
C GLN A 14 13.40 3.38 2.79
N SER A 15 12.98 2.15 3.00
CA SER A 15 13.90 1.08 3.38
C SER A 15 14.11 0.15 2.20
N GLY A 16 13.99 0.70 1.00
CA GLY A 16 14.11 -0.10 -0.20
C GLY A 16 12.95 -1.07 -0.34
N ALA A 17 11.74 -0.56 -0.17
CA ALA A 17 10.57 -1.41 -0.18
C ALA A 17 9.98 -1.53 -1.57
N CYS A 18 10.46 -2.51 -2.30
CA CYS A 18 9.90 -2.82 -3.59
C CYS A 18 8.76 -3.80 -3.40
N ARG A 19 7.74 -3.71 -4.24
CA ARG A 19 6.57 -4.57 -4.14
C ARG A 19 5.89 -4.49 -2.77
N ASN A 20 6.34 -3.60 -1.90
CA ASN A 20 5.85 -3.61 -0.53
C ASN A 20 4.91 -2.45 -0.28
N VAL A 21 3.63 -2.75 -0.22
CA VAL A 21 2.60 -1.77 0.05
C VAL A 21 1.60 -2.35 1.04
N PHE A 22 1.54 -1.76 2.23
CA PHE A 22 0.68 -2.28 3.27
C PHE A 22 -0.46 -1.32 3.54
N LEU A 23 -1.69 -1.83 3.46
CA LEU A 23 -2.87 -1.03 3.74
C LEU A 23 -3.49 -1.44 5.07
N GLY A 24 -3.74 -0.47 5.92
CA GLY A 24 -4.33 -0.76 7.22
C GLY A 24 -5.40 0.22 7.62
N ASN A 25 -6.48 0.27 6.85
CA ASN A 25 -7.63 1.13 7.15
C ASN A 25 -8.72 0.94 6.11
N LEU A 26 -8.85 -0.29 5.64
CA LEU A 26 -9.86 -0.61 4.63
C LEU A 26 -11.18 -0.95 5.30
N PRO A 27 -12.28 -0.95 4.54
CA PRO A 27 -13.57 -1.41 5.04
C PRO A 27 -13.66 -2.92 4.95
N ASN A 28 -14.64 -3.48 5.61
CA ASN A 28 -14.84 -4.92 5.57
C ASN A 28 -15.55 -5.28 4.27
N GLY A 29 -15.00 -6.24 3.57
CA GLY A 29 -15.58 -6.65 2.31
C GLY A 29 -14.81 -6.16 1.09
N ILE A 30 -13.79 -5.33 1.33
CA ILE A 30 -12.95 -4.82 0.25
C ILE A 30 -12.29 -5.96 -0.51
N THR A 31 -12.38 -5.91 -1.84
CA THR A 31 -11.80 -6.95 -2.66
C THR A 31 -10.63 -6.43 -3.47
N GLU A 32 -9.77 -7.35 -3.87
CA GLU A 32 -8.57 -7.02 -4.61
C GLU A 32 -8.95 -6.40 -5.93
N ASP A 33 -10.05 -6.86 -6.51
CA ASP A 33 -10.51 -6.36 -7.81
C ASP A 33 -10.67 -4.85 -7.77
N GLU A 34 -11.10 -4.34 -6.63
CA GLU A 34 -11.28 -2.91 -6.44
C GLU A 34 -9.94 -2.20 -6.39
N ILE A 35 -9.09 -2.64 -5.48
CA ILE A 35 -7.77 -2.05 -5.30
C ILE A 35 -6.91 -2.21 -6.57
N ARG A 36 -6.99 -3.36 -7.20
CA ARG A 36 -6.31 -3.60 -8.48
C ARG A 36 -6.66 -2.57 -9.53
N GLU A 37 -7.93 -2.52 -9.87
CA GLU A 37 -8.41 -1.59 -10.90
C GLU A 37 -8.08 -0.15 -10.52
N ASP A 38 -7.86 0.07 -9.25
CA ASP A 38 -7.55 1.39 -8.77
C ASP A 38 -6.06 1.69 -8.83
N LEU A 39 -5.21 0.68 -8.62
CA LEU A 39 -3.78 0.94 -8.45
C LEU A 39 -2.95 0.50 -9.64
N GLU A 40 -3.52 -0.33 -10.49
CA GLU A 40 -2.79 -0.89 -11.62
C GLU A 40 -2.47 0.15 -12.70
N PRO A 41 -3.25 1.25 -12.87
CA PRO A 41 -2.97 2.24 -13.91
C PRO A 41 -1.68 3.01 -13.66
N PHE A 42 -1.28 3.13 -12.40
CA PHE A 42 0.01 3.77 -12.08
C PHE A 42 1.00 2.75 -11.54
N GLY A 43 0.53 1.59 -11.16
CA GLY A 43 1.39 0.62 -10.55
C GLY A 43 0.79 -0.76 -10.61
N PRO A 44 1.09 -1.51 -11.65
CA PRO A 44 0.59 -2.87 -11.78
C PRO A 44 1.00 -3.73 -10.60
N ILE A 45 0.03 -4.45 -10.05
CA ILE A 45 0.30 -5.35 -8.95
C ILE A 45 0.20 -6.80 -9.42
N ASP A 46 0.93 -7.69 -8.77
CA ASP A 46 0.90 -9.11 -9.11
C ASP A 46 0.27 -9.91 -7.99
N GLN A 47 0.31 -9.34 -6.78
CA GLN A 47 -0.18 -10.03 -5.62
C GLN A 47 -0.84 -9.07 -4.66
N ILE A 48 -2.12 -9.31 -4.39
CA ILE A 48 -2.88 -8.48 -3.46
C ILE A 48 -3.63 -9.37 -2.47
N LYS A 49 -3.26 -9.26 -1.20
CA LYS A 49 -3.88 -10.06 -0.16
C LYS A 49 -4.53 -9.17 0.89
N ILE A 50 -5.84 -9.22 0.96
CA ILE A 50 -6.58 -8.41 1.90
C ILE A 50 -7.03 -9.24 3.09
N VAL A 51 -6.66 -8.80 4.27
CA VAL A 51 -7.14 -9.41 5.49
C VAL A 51 -8.23 -8.53 6.08
N THR A 52 -9.45 -8.76 5.61
CA THR A 52 -10.60 -7.97 6.01
C THR A 52 -10.90 -8.16 7.51
N GLU A 53 -10.36 -9.24 8.07
CA GLU A 53 -10.51 -9.50 9.49
C GLU A 53 -9.80 -8.42 10.32
N ARG A 54 -8.73 -7.87 9.76
CA ARG A 54 -7.96 -6.83 10.45
C ARG A 54 -8.01 -5.51 9.68
N ASN A 55 -8.79 -5.50 8.58
CA ASN A 55 -8.98 -4.30 7.77
C ASN A 55 -7.69 -3.89 7.07
N ILE A 56 -6.84 -4.88 6.83
CA ILE A 56 -5.51 -4.63 6.30
C ILE A 56 -5.29 -5.37 4.99
N ALA A 57 -4.38 -4.86 4.17
CA ALA A 57 -4.10 -5.49 2.89
C ALA A 57 -2.62 -5.39 2.54
N PHE A 58 -2.08 -6.48 2.00
CA PHE A 58 -0.71 -6.54 1.54
C PHE A 58 -0.68 -6.56 0.01
N VAL A 59 -0.24 -5.47 -0.57
CA VAL A 59 -0.16 -5.36 -2.02
C VAL A 59 1.28 -5.52 -2.46
N HIS A 60 1.52 -6.33 -3.47
CA HIS A 60 2.88 -6.50 -3.96
C HIS A 60 3.05 -5.92 -5.36
N PHE A 61 3.64 -4.73 -5.40
CA PHE A 61 3.89 -4.01 -6.64
C PHE A 61 5.20 -4.45 -7.28
N LEU A 62 5.09 -5.29 -8.32
CA LEU A 62 6.22 -5.91 -9.00
C LEU A 62 7.41 -4.96 -9.18
N ASN A 63 7.15 -3.75 -9.63
CA ASN A 63 8.21 -2.77 -9.78
C ASN A 63 8.24 -1.84 -8.58
N ILE A 64 9.45 -1.52 -8.13
CA ILE A 64 9.65 -0.65 -7.00
C ILE A 64 8.96 0.70 -7.25
N ALA A 65 9.08 1.20 -8.48
CA ALA A 65 8.53 2.51 -8.84
C ALA A 65 7.01 2.48 -8.82
N ALA A 66 6.44 1.34 -9.20
CA ALA A 66 4.99 1.17 -9.21
C ALA A 66 4.42 1.40 -7.83
N ALA A 67 5.10 0.89 -6.82
CA ALA A 67 4.69 1.06 -5.45
C ALA A 67 4.81 2.51 -5.01
N ILE A 68 5.91 3.13 -5.41
CA ILE A 68 6.21 4.51 -5.03
C ILE A 68 5.07 5.44 -5.43
N LYS A 69 4.78 5.49 -6.73
CA LYS A 69 3.75 6.39 -7.24
C LYS A 69 2.38 6.04 -6.67
N ALA A 70 2.08 4.75 -6.55
CA ALA A 70 0.80 4.32 -6.01
C ALA A 70 0.64 4.78 -4.56
N VAL A 71 1.65 4.54 -3.74
CA VAL A 71 1.62 4.94 -2.33
C VAL A 71 1.59 6.47 -2.20
N GLN A 72 2.07 7.16 -3.23
CA GLN A 72 2.06 8.62 -3.25
C GLN A 72 0.73 9.18 -3.77
N GLU A 73 0.01 8.39 -4.56
CA GLU A 73 -1.23 8.84 -5.19
C GLU A 73 -2.44 8.44 -4.38
N LEU A 74 -2.34 7.28 -3.73
CA LEU A 74 -3.42 6.73 -2.92
C LEU A 74 -3.93 7.76 -1.90
N PRO A 75 -3.04 8.39 -1.12
CA PRO A 75 -3.43 9.35 -0.08
C PRO A 75 -4.04 10.63 -0.66
N LEU A 76 -3.86 10.85 -1.97
CA LEU A 76 -4.38 12.06 -2.59
C LEU A 76 -5.78 11.84 -3.17
N ASN A 77 -6.22 10.60 -3.10
CA ASN A 77 -7.48 10.18 -3.72
C ASN A 77 -8.58 9.95 -2.70
N PRO A 78 -9.84 10.17 -3.10
CA PRO A 78 -10.98 10.20 -2.17
C PRO A 78 -11.24 8.87 -1.51
N LYS A 79 -11.07 7.80 -2.27
CA LYS A 79 -11.36 6.46 -1.77
C LYS A 79 -10.13 5.91 -1.07
N TRP A 80 -8.99 6.11 -1.70
CA TRP A 80 -7.75 5.52 -1.24
C TRP A 80 -7.22 6.27 -0.02
N SER A 81 -7.54 7.57 0.07
CA SER A 81 -7.14 8.37 1.24
C SER A 81 -7.83 7.85 2.50
N LYS A 82 -8.93 7.13 2.31
CA LYS A 82 -9.65 6.53 3.42
C LYS A 82 -8.92 5.28 3.90
N ARG A 83 -7.89 4.90 3.17
CA ARG A 83 -7.08 3.76 3.55
C ARG A 83 -5.66 4.21 3.90
N ARG A 84 -5.08 3.60 4.91
CA ARG A 84 -3.73 3.96 5.33
C ARG A 84 -2.72 3.08 4.64
N ILE A 85 -1.99 3.65 3.70
CA ILE A 85 -1.00 2.89 2.94
C ILE A 85 0.40 3.42 3.19
N TYR A 86 1.34 2.52 3.29
CA TYR A 86 2.75 2.86 3.39
C TYR A 86 3.58 1.72 2.83
N TYR A 87 4.88 1.96 2.66
CA TYR A 87 5.79 0.89 2.29
C TYR A 87 5.64 -0.26 3.28
N GLY A 88 5.18 -1.40 2.77
CA GLY A 88 4.84 -2.54 3.60
C GLY A 88 5.96 -2.96 4.52
N ARG A 89 5.65 -3.11 5.79
CA ARG A 89 6.61 -3.55 6.77
C ARG A 89 6.51 -5.05 6.97
N ASP A 90 7.61 -5.72 6.72
CA ASP A 90 7.65 -7.17 6.83
C ASP A 90 9.09 -7.64 7.02
N ARG A 91 9.27 -8.57 7.93
CA ARG A 91 10.60 -9.00 8.34
C ARG A 91 11.22 -10.00 7.35
N CYS A 92 10.44 -10.44 6.38
CA CYS A 92 10.93 -11.35 5.35
C CYS A 92 11.15 -10.61 4.04
N ALA A 93 10.77 -9.34 4.02
CA ALA A 93 10.87 -8.53 2.80
C ALA A 93 12.08 -7.60 2.87
N VAL A 94 13.21 -8.08 2.37
CA VAL A 94 14.42 -7.27 2.32
C VAL A 94 14.46 -6.44 1.04
N GLY A 95 14.12 -7.06 -0.07
CA GLY A 95 14.17 -6.39 -1.33
C GLY A 95 14.08 -7.35 -2.49
N LEU A 96 14.82 -7.07 -3.53
CA LEU A 96 14.81 -7.91 -4.72
C LEU A 96 15.82 -9.05 -4.60
N LYS A 97 15.38 -10.13 -3.97
CA LYS A 97 16.22 -11.30 -3.79
C LYS A 97 15.57 -12.50 -4.45
N ASN A 1 -13.96 9.81 12.69
CA ASN A 1 -14.08 8.35 12.46
C ASN A 1 -12.82 7.63 12.92
N SER A 2 -11.74 8.39 13.14
CA SER A 2 -10.46 7.83 13.53
C SER A 2 -9.98 6.79 12.51
N ALA A 3 -9.28 7.27 11.50
CA ALA A 3 -8.80 6.42 10.42
C ALA A 3 -7.35 6.02 10.65
N SER A 4 -6.85 6.32 11.85
CA SER A 4 -5.47 6.05 12.23
C SER A 4 -4.49 6.90 11.40
N ASN A 5 -3.21 6.74 11.69
CA ASN A 5 -2.18 7.45 10.96
C ASN A 5 -1.08 6.47 10.58
N SER A 6 -1.01 6.13 9.31
CA SER A 6 -0.06 5.13 8.84
C SER A 6 0.30 5.39 7.39
N SER A 7 1.41 6.07 7.21
CA SER A 7 1.95 6.37 5.89
C SER A 7 3.45 6.63 6.04
N VAL A 8 4.07 7.21 5.03
CA VAL A 8 5.45 7.63 5.16
C VAL A 8 5.53 8.88 6.05
N LEU A 9 5.66 8.65 7.36
CA LEU A 9 5.67 9.72 8.36
C LEU A 9 6.71 10.78 8.03
N LEU A 10 6.29 11.83 7.33
CA LEU A 10 7.21 12.86 6.85
C LEU A 10 8.36 12.22 6.07
N ALA A 11 8.10 11.02 5.55
CA ALA A 11 9.07 10.23 4.80
C ALA A 11 10.24 9.76 5.67
N VAL A 12 10.03 9.65 6.99
CA VAL A 12 11.09 9.17 7.87
C VAL A 12 11.26 7.65 7.74
N GLN A 13 10.21 6.99 7.31
CA GLN A 13 10.25 5.55 7.10
C GLN A 13 9.82 5.22 5.68
N GLN A 14 10.81 5.14 4.80
CA GLN A 14 10.58 4.71 3.42
C GLN A 14 11.01 3.26 3.28
N SER A 15 12.09 2.91 3.98
CA SER A 15 12.61 1.54 4.02
C SER A 15 13.19 1.09 2.67
N GLY A 16 13.04 1.92 1.64
CA GLY A 16 13.49 1.55 0.31
C GLY A 16 12.82 0.31 -0.19
N ALA A 17 11.50 0.28 -0.09
CA ALA A 17 10.73 -0.91 -0.39
C ALA A 17 10.28 -0.98 -1.84
N CYS A 18 10.52 -2.11 -2.47
CA CYS A 18 9.95 -2.40 -3.77
C CYS A 18 8.88 -3.47 -3.61
N ARG A 19 7.84 -3.42 -4.43
CA ARG A 19 6.73 -4.38 -4.36
C ARG A 19 6.06 -4.41 -2.98
N ASN A 20 6.45 -3.52 -2.09
CA ASN A 20 5.98 -3.59 -0.72
C ASN A 20 5.04 -2.46 -0.39
N VAL A 21 3.76 -2.78 -0.30
CA VAL A 21 2.74 -1.81 0.04
C VAL A 21 1.77 -2.42 1.05
N PHE A 22 1.70 -1.82 2.22
CA PHE A 22 0.85 -2.33 3.28
C PHE A 22 -0.29 -1.37 3.57
N LEU A 23 -1.51 -1.87 3.51
CA LEU A 23 -2.69 -1.08 3.81
C LEU A 23 -3.29 -1.49 5.14
N GLY A 24 -3.55 -0.52 6.00
CA GLY A 24 -4.10 -0.81 7.30
C GLY A 24 -5.29 0.06 7.68
N ASN A 25 -6.29 0.10 6.81
CA ASN A 25 -7.54 0.81 7.11
C ASN A 25 -8.53 0.71 5.95
N LEU A 26 -8.78 -0.49 5.50
CA LEU A 26 -9.74 -0.69 4.42
C LEU A 26 -11.12 -1.02 5.00
N PRO A 27 -12.18 -0.82 4.20
CA PRO A 27 -13.54 -1.13 4.62
C PRO A 27 -13.83 -2.62 4.52
N ASN A 28 -14.96 -3.04 5.06
CA ASN A 28 -15.33 -4.44 5.01
C ASN A 28 -15.87 -4.79 3.65
N GLY A 29 -15.41 -5.91 3.09
CA GLY A 29 -15.90 -6.33 1.80
C GLY A 29 -14.98 -5.95 0.66
N ILE A 30 -13.94 -5.18 0.98
CA ILE A 30 -13.00 -4.72 -0.04
C ILE A 30 -12.36 -5.91 -0.75
N THR A 31 -12.44 -5.90 -2.07
CA THR A 31 -11.89 -6.99 -2.86
C THR A 31 -10.67 -6.53 -3.62
N GLU A 32 -9.84 -7.50 -3.97
CA GLU A 32 -8.60 -7.23 -4.66
C GLU A 32 -8.87 -6.58 -5.98
N ASP A 33 -9.96 -7.01 -6.62
CA ASP A 33 -10.34 -6.49 -7.92
C ASP A 33 -10.46 -4.96 -7.87
N GLU A 34 -10.98 -4.46 -6.75
CA GLU A 34 -11.13 -3.03 -6.55
C GLU A 34 -9.76 -2.35 -6.50
N ILE A 35 -8.93 -2.83 -5.60
CA ILE A 35 -7.59 -2.28 -5.42
C ILE A 35 -6.74 -2.45 -6.69
N ARG A 36 -6.88 -3.60 -7.35
CA ARG A 36 -6.20 -3.86 -8.61
C ARG A 36 -6.52 -2.81 -9.66
N GLU A 37 -7.78 -2.73 -10.01
CA GLU A 37 -8.22 -1.78 -11.04
C GLU A 37 -7.89 -0.36 -10.66
N ASP A 38 -7.75 -0.12 -9.37
CA ASP A 38 -7.50 1.21 -8.87
C ASP A 38 -6.02 1.55 -8.89
N LEU A 39 -5.16 0.56 -8.67
CA LEU A 39 -3.74 0.83 -8.46
C LEU A 39 -2.89 0.44 -9.64
N GLU A 40 -3.43 -0.40 -10.52
CA GLU A 40 -2.67 -0.90 -11.66
C GLU A 40 -2.40 0.17 -12.72
N PRO A 41 -3.25 1.22 -12.88
CA PRO A 41 -3.05 2.21 -13.92
C PRO A 41 -1.77 3.02 -13.68
N PHE A 42 -1.37 3.14 -12.42
CA PHE A 42 -0.09 3.77 -12.09
C PHE A 42 0.90 2.76 -11.56
N GLY A 43 0.46 1.54 -11.30
CA GLY A 43 1.33 0.56 -10.69
C GLY A 43 0.74 -0.82 -10.72
N PRO A 44 1.08 -1.62 -11.73
CA PRO A 44 0.58 -2.99 -11.83
C PRO A 44 1.00 -3.83 -10.62
N ILE A 45 0.03 -4.53 -10.06
CA ILE A 45 0.29 -5.41 -8.93
C ILE A 45 0.20 -6.87 -9.36
N ASP A 46 0.90 -7.76 -8.67
CA ASP A 46 0.86 -9.18 -8.96
C ASP A 46 0.27 -9.97 -7.80
N GLN A 47 0.27 -9.35 -6.63
CA GLN A 47 -0.25 -10.00 -5.44
C GLN A 47 -0.93 -8.99 -4.53
N ILE A 48 -2.20 -9.24 -4.24
CA ILE A 48 -2.98 -8.40 -3.34
C ILE A 48 -3.74 -9.27 -2.35
N LYS A 49 -3.33 -9.22 -1.10
CA LYS A 49 -3.98 -10.01 -0.06
C LYS A 49 -4.65 -9.09 0.96
N ILE A 50 -5.95 -9.26 1.12
CA ILE A 50 -6.72 -8.40 2.01
C ILE A 50 -7.23 -9.18 3.22
N VAL A 51 -6.95 -8.64 4.38
CA VAL A 51 -7.53 -9.16 5.61
C VAL A 51 -8.55 -8.15 6.15
N THR A 52 -9.79 -8.28 5.68
CA THR A 52 -10.85 -7.33 6.02
C THR A 52 -11.16 -7.34 7.52
N GLU A 53 -10.87 -8.47 8.18
CA GLU A 53 -11.10 -8.59 9.61
C GLU A 53 -10.26 -7.57 10.37
N ARG A 54 -9.04 -7.36 9.92
CA ARG A 54 -8.12 -6.45 10.59
C ARG A 54 -8.01 -5.14 9.82
N ASN A 55 -8.75 -5.06 8.70
CA ASN A 55 -8.79 -3.87 7.86
C ASN A 55 -7.47 -3.64 7.16
N ILE A 56 -6.72 -4.71 6.95
CA ILE A 56 -5.38 -4.59 6.42
C ILE A 56 -5.20 -5.37 5.13
N ALA A 57 -4.29 -4.90 4.29
CA ALA A 57 -4.03 -5.55 3.01
C ALA A 57 -2.57 -5.43 2.63
N PHE A 58 -2.05 -6.51 2.05
CA PHE A 58 -0.66 -6.56 1.59
C PHE A 58 -0.63 -6.60 0.07
N VAL A 59 -0.10 -5.55 -0.53
CA VAL A 59 -0.03 -5.45 -1.98
C VAL A 59 1.41 -5.61 -2.44
N HIS A 60 1.63 -6.34 -3.52
CA HIS A 60 2.97 -6.49 -4.05
C HIS A 60 3.09 -5.88 -5.43
N PHE A 61 3.67 -4.69 -5.48
CA PHE A 61 3.89 -3.95 -6.74
C PHE A 61 5.19 -4.36 -7.39
N LEU A 62 5.08 -5.23 -8.40
CA LEU A 62 6.22 -5.81 -9.10
C LEU A 62 7.31 -4.79 -9.41
N ASN A 63 6.90 -3.60 -9.83
CA ASN A 63 7.86 -2.56 -10.14
C ASN A 63 8.05 -1.65 -8.93
N ILE A 64 9.30 -1.29 -8.67
CA ILE A 64 9.61 -0.44 -7.52
C ILE A 64 8.89 0.91 -7.67
N ALA A 65 8.93 1.48 -8.87
CA ALA A 65 8.35 2.79 -9.11
C ALA A 65 6.84 2.73 -9.06
N ALA A 66 6.29 1.55 -9.38
CA ALA A 66 4.85 1.35 -9.37
C ALA A 66 4.30 1.53 -7.96
N ALA A 67 5.02 1.00 -6.99
CA ALA A 67 4.64 1.12 -5.60
C ALA A 67 4.75 2.56 -5.14
N ILE A 68 5.83 3.21 -5.55
CA ILE A 68 6.10 4.59 -5.13
C ILE A 68 4.93 5.51 -5.49
N LYS A 69 4.63 5.59 -6.77
CA LYS A 69 3.57 6.48 -7.26
C LYS A 69 2.22 6.11 -6.69
N ALA A 70 1.97 4.81 -6.53
CA ALA A 70 0.72 4.33 -5.97
C ALA A 70 0.56 4.74 -4.51
N VAL A 71 1.59 4.50 -3.71
CA VAL A 71 1.57 4.86 -2.29
C VAL A 71 1.47 6.37 -2.12
N GLN A 72 1.92 7.11 -3.12
CA GLN A 72 1.86 8.57 -3.10
C GLN A 72 0.49 9.09 -3.58
N GLU A 73 -0.20 8.30 -4.40
CA GLU A 73 -1.47 8.73 -4.99
C GLU A 73 -2.65 8.25 -4.17
N LEU A 74 -2.48 7.10 -3.53
CA LEU A 74 -3.52 6.52 -2.70
C LEU A 74 -4.04 7.54 -1.66
N PRO A 75 -3.15 8.20 -0.90
CA PRO A 75 -3.55 9.16 0.14
C PRO A 75 -4.22 10.41 -0.45
N LEU A 76 -4.07 10.62 -1.75
CA LEU A 76 -4.64 11.81 -2.39
C LEU A 76 -6.00 11.52 -3.01
N ASN A 77 -6.41 10.27 -2.97
CA ASN A 77 -7.64 9.83 -3.62
C ASN A 77 -8.77 9.55 -2.63
N PRO A 78 -10.02 9.75 -3.06
CA PRO A 78 -11.19 9.76 -2.18
C PRO A 78 -11.45 8.42 -1.49
N LYS A 79 -11.17 7.33 -2.19
CA LYS A 79 -11.38 6.01 -1.62
C LYS A 79 -10.15 5.59 -0.85
N TRP A 80 -9.01 5.81 -1.49
CA TRP A 80 -7.76 5.30 -0.99
C TRP A 80 -7.24 6.12 0.19
N SER A 81 -7.58 7.41 0.22
CA SER A 81 -7.14 8.29 1.29
C SER A 81 -7.70 7.87 2.64
N LYS A 82 -8.74 7.05 2.62
CA LYS A 82 -9.36 6.57 3.85
C LYS A 82 -8.64 5.32 4.35
N ARG A 83 -7.82 4.75 3.49
CA ARG A 83 -6.96 3.64 3.86
C ARG A 83 -5.65 4.19 4.40
N ARG A 84 -4.86 3.34 5.04
CA ARG A 84 -3.55 3.76 5.55
C ARG A 84 -2.47 2.91 4.92
N ILE A 85 -1.72 3.51 4.01
CA ILE A 85 -0.72 2.75 3.26
C ILE A 85 0.68 3.29 3.48
N TYR A 86 1.63 2.38 3.56
CA TYR A 86 3.05 2.73 3.58
C TYR A 86 3.85 1.59 3.00
N TYR A 87 5.14 1.84 2.76
CA TYR A 87 6.03 0.80 2.26
C TYR A 87 6.16 -0.33 3.28
N GLY A 88 5.94 -1.55 2.83
CA GLY A 88 5.93 -2.69 3.72
C GLY A 88 7.33 -3.21 4.01
N ARG A 89 7.45 -3.94 5.11
CA ARG A 89 8.71 -4.55 5.51
C ARG A 89 8.72 -6.01 5.09
N ASP A 90 7.68 -6.34 4.36
CA ASP A 90 7.51 -7.68 3.77
C ASP A 90 8.54 -7.89 2.67
N ARG A 91 8.59 -9.09 2.09
CA ARG A 91 9.53 -9.35 1.01
C ARG A 91 8.95 -10.36 0.01
N CYS A 92 7.67 -10.69 0.19
CA CYS A 92 6.93 -11.59 -0.70
C CYS A 92 7.54 -13.00 -0.64
N ALA A 93 8.23 -13.28 0.44
CA ALA A 93 8.93 -14.54 0.58
C ALA A 93 9.30 -14.79 2.03
N VAL A 94 8.50 -15.59 2.71
CA VAL A 94 8.76 -15.92 4.10
C VAL A 94 8.54 -17.41 4.34
N GLY A 95 9.62 -18.16 4.35
CA GLY A 95 9.53 -19.59 4.48
C GLY A 95 9.18 -20.25 3.17
N LEU A 96 10.18 -20.41 2.32
CA LEU A 96 9.97 -20.98 1.00
C LEU A 96 10.32 -22.45 1.00
N LYS A 97 10.46 -22.98 2.19
CA LYS A 97 10.80 -24.37 2.40
C LYS A 97 10.53 -24.73 3.85
N ASN A 1 8.56 12.18 25.88
CA ASN A 1 8.06 12.26 24.48
C ASN A 1 8.24 10.92 23.79
N SER A 2 7.14 10.35 23.32
CA SER A 2 7.19 9.10 22.56
C SER A 2 7.32 9.41 21.08
N ALA A 3 7.68 8.41 20.29
CA ALA A 3 7.83 8.59 18.85
C ALA A 3 6.48 8.53 18.16
N SER A 4 5.92 9.70 17.86
CA SER A 4 4.66 9.79 17.15
C SER A 4 4.90 9.81 15.65
N ASN A 5 4.56 8.71 14.99
CA ASN A 5 4.81 8.56 13.56
C ASN A 5 3.95 7.42 13.01
N SER A 6 3.95 7.26 11.70
CA SER A 6 3.24 6.17 11.07
C SER A 6 4.00 4.85 11.28
N SER A 7 3.54 3.79 10.65
CA SER A 7 4.17 2.48 10.81
C SER A 7 5.35 2.32 9.86
N VAL A 8 6.09 3.40 9.69
CA VAL A 8 7.23 3.42 8.79
C VAL A 8 8.53 3.30 9.56
N LEU A 9 9.44 2.49 9.02
CA LEU A 9 10.76 2.32 9.61
C LEU A 9 11.48 3.66 9.67
N LEU A 10 11.37 4.30 10.83
CA LEU A 10 12.02 5.60 11.09
C LEU A 10 11.64 6.66 10.07
N ALA A 11 10.53 6.45 9.37
CA ALA A 11 10.05 7.38 8.34
C ALA A 11 11.09 7.62 7.25
N VAL A 12 12.09 6.75 7.17
CA VAL A 12 13.14 6.90 6.16
C VAL A 12 12.84 6.06 4.95
N GLN A 13 11.67 5.43 4.96
CA GLN A 13 11.22 4.63 3.83
C GLN A 13 10.12 5.36 3.08
N GLN A 14 10.53 6.18 2.14
CA GLN A 14 9.60 6.85 1.24
C GLN A 14 9.86 6.38 -0.18
N SER A 15 10.95 5.63 -0.31
CA SER A 15 11.35 5.04 -1.57
C SER A 15 12.28 3.86 -1.24
N GLY A 16 12.72 3.15 -2.26
CA GLY A 16 13.62 2.04 -2.02
C GLY A 16 12.91 0.72 -1.83
N ALA A 17 11.95 0.69 -0.90
CA ALA A 17 11.19 -0.52 -0.62
C ALA A 17 10.35 -0.92 -1.82
N CYS A 18 10.67 -2.07 -2.41
CA CYS A 18 10.00 -2.51 -3.61
C CYS A 18 8.92 -3.51 -3.28
N ARG A 19 7.89 -3.52 -4.12
CA ARG A 19 6.75 -4.43 -4.01
C ARG A 19 6.02 -4.39 -2.66
N ASN A 20 6.47 -3.57 -1.73
CA ASN A 20 5.91 -3.64 -0.39
C ASN A 20 4.97 -2.48 -0.12
N VAL A 21 3.69 -2.80 -0.13
CA VAL A 21 2.65 -1.84 0.16
C VAL A 21 1.65 -2.46 1.13
N PHE A 22 1.58 -1.90 2.33
CA PHE A 22 0.74 -2.46 3.38
C PHE A 22 -0.39 -1.49 3.70
N LEU A 23 -1.63 -1.97 3.56
CA LEU A 23 -2.81 -1.16 3.85
C LEU A 23 -3.43 -1.58 5.16
N GLY A 24 -3.82 -0.61 5.98
CA GLY A 24 -4.45 -0.92 7.25
C GLY A 24 -5.52 0.06 7.64
N ASN A 25 -6.65 0.03 6.90
CA ASN A 25 -7.81 0.88 7.20
C ASN A 25 -8.84 0.75 6.10
N LEU A 26 -8.99 -0.46 5.58
CA LEU A 26 -9.91 -0.69 4.46
C LEU A 26 -11.32 -0.96 4.97
N PRO A 27 -12.33 -0.78 4.12
CA PRO A 27 -13.73 -1.04 4.47
C PRO A 27 -14.05 -2.52 4.46
N ASN A 28 -15.15 -2.87 5.09
CA ASN A 28 -15.60 -4.25 5.13
C ASN A 28 -16.21 -4.63 3.79
N GLY A 29 -15.61 -5.61 3.12
CA GLY A 29 -16.11 -6.03 1.83
C GLY A 29 -15.23 -5.62 0.68
N ILE A 30 -14.14 -4.93 1.00
CA ILE A 30 -13.17 -4.51 -0.01
C ILE A 30 -12.56 -5.73 -0.72
N THR A 31 -12.57 -5.68 -2.04
CA THR A 31 -11.99 -6.76 -2.81
C THR A 31 -10.76 -6.30 -3.58
N GLU A 32 -9.91 -7.24 -3.90
CA GLU A 32 -8.67 -6.99 -4.60
C GLU A 32 -8.95 -6.38 -5.94
N ASP A 33 -10.04 -6.80 -6.57
CA ASP A 33 -10.41 -6.30 -7.89
C ASP A 33 -10.53 -4.79 -7.88
N GLU A 34 -11.02 -4.26 -6.77
CA GLU A 34 -11.17 -2.81 -6.60
C GLU A 34 -9.81 -2.15 -6.52
N ILE A 35 -9.00 -2.60 -5.58
CA ILE A 35 -7.67 -2.06 -5.37
C ILE A 35 -6.80 -2.25 -6.62
N ARG A 36 -6.92 -3.39 -7.26
CA ARG A 36 -6.21 -3.68 -8.51
C ARG A 36 -6.51 -2.65 -9.58
N GLU A 37 -7.77 -2.57 -9.96
CA GLU A 37 -8.20 -1.64 -11.01
C GLU A 37 -7.84 -0.22 -10.65
N ASP A 38 -7.68 0.02 -9.36
CA ASP A 38 -7.39 1.35 -8.89
C ASP A 38 -5.90 1.64 -8.91
N LEU A 39 -5.07 0.64 -8.67
CA LEU A 39 -3.63 0.88 -8.45
C LEU A 39 -2.80 0.46 -9.64
N GLU A 40 -3.36 -0.39 -10.50
CA GLU A 40 -2.63 -0.93 -11.63
C GLU A 40 -2.29 0.14 -12.68
N PRO A 41 -3.10 1.21 -12.86
CA PRO A 41 -2.83 2.21 -13.90
C PRO A 41 -1.53 2.97 -13.64
N PHE A 42 -1.15 3.11 -12.37
CA PHE A 42 0.11 3.73 -12.01
C PHE A 42 1.10 2.73 -11.43
N GLY A 43 0.65 1.50 -11.25
CA GLY A 43 1.50 0.52 -10.60
C GLY A 43 0.90 -0.86 -10.65
N PRO A 44 1.31 -1.69 -11.60
CA PRO A 44 0.82 -3.05 -11.70
C PRO A 44 1.22 -3.89 -10.49
N ILE A 45 0.24 -4.58 -9.93
CA ILE A 45 0.48 -5.46 -8.80
C ILE A 45 0.40 -6.92 -9.23
N ASP A 46 1.13 -7.78 -8.52
CA ASP A 46 1.09 -9.22 -8.78
C ASP A 46 0.38 -9.94 -7.65
N GLN A 47 0.45 -9.35 -6.46
CA GLN A 47 -0.06 -9.99 -5.27
C GLN A 47 -0.83 -8.99 -4.42
N ILE A 48 -2.09 -9.29 -4.16
CA ILE A 48 -2.94 -8.45 -3.33
C ILE A 48 -3.78 -9.32 -2.40
N LYS A 49 -3.51 -9.22 -1.12
CA LYS A 49 -4.23 -10.00 -0.12
C LYS A 49 -4.83 -9.10 0.94
N ILE A 50 -6.16 -9.12 1.03
CA ILE A 50 -6.87 -8.28 1.98
C ILE A 50 -7.36 -9.09 3.16
N VAL A 51 -6.84 -8.78 4.32
CA VAL A 51 -7.32 -9.38 5.54
C VAL A 51 -8.38 -8.48 6.16
N THR A 52 -9.61 -8.67 5.73
CA THR A 52 -10.72 -7.83 6.18
C THR A 52 -10.94 -8.00 7.68
N GLU A 53 -10.51 -9.14 8.20
CA GLU A 53 -10.62 -9.44 9.63
C GLU A 53 -9.77 -8.48 10.45
N ARG A 54 -8.77 -7.89 9.83
CA ARG A 54 -7.94 -6.89 10.49
C ARG A 54 -8.01 -5.57 9.73
N ASN A 55 -8.78 -5.56 8.64
CA ASN A 55 -8.95 -4.38 7.79
C ASN A 55 -7.64 -3.96 7.15
N ILE A 56 -6.79 -4.94 6.92
CA ILE A 56 -5.46 -4.70 6.39
C ILE A 56 -5.24 -5.44 5.08
N ALA A 57 -4.34 -4.94 4.25
CA ALA A 57 -4.08 -5.54 2.95
C ALA A 57 -2.61 -5.49 2.59
N PHE A 58 -2.14 -6.60 2.02
CA PHE A 58 -0.76 -6.72 1.56
C PHE A 58 -0.73 -6.66 0.04
N VAL A 59 -0.13 -5.62 -0.50
CA VAL A 59 -0.04 -5.44 -1.95
C VAL A 59 1.42 -5.56 -2.38
N HIS A 60 1.69 -6.37 -3.38
CA HIS A 60 3.06 -6.47 -3.88
C HIS A 60 3.19 -5.87 -5.27
N PHE A 61 3.75 -4.68 -5.31
CA PHE A 61 4.00 -3.97 -6.56
C PHE A 61 5.32 -4.41 -7.16
N LEU A 62 5.23 -5.27 -8.16
CA LEU A 62 6.40 -5.90 -8.80
C LEU A 62 7.53 -4.91 -9.08
N ASN A 63 7.17 -3.70 -9.49
CA ASN A 63 8.18 -2.69 -9.76
C ASN A 63 8.28 -1.73 -8.58
N ILE A 64 9.49 -1.30 -8.28
CA ILE A 64 9.72 -0.43 -7.14
C ILE A 64 8.99 0.90 -7.32
N ALA A 65 9.09 1.48 -8.52
CA ALA A 65 8.50 2.79 -8.78
C ALA A 65 6.98 2.71 -8.76
N ALA A 66 6.46 1.54 -9.13
CA ALA A 66 5.02 1.32 -9.16
C ALA A 66 4.43 1.49 -7.76
N ALA A 67 5.14 0.95 -6.77
CA ALA A 67 4.71 1.06 -5.39
C ALA A 67 4.80 2.50 -4.92
N ILE A 68 5.88 3.18 -5.31
CA ILE A 68 6.12 4.54 -4.87
C ILE A 68 4.96 5.45 -5.25
N LYS A 69 4.72 5.58 -6.55
CA LYS A 69 3.68 6.48 -7.05
C LYS A 69 2.31 6.08 -6.50
N ALA A 70 2.06 4.79 -6.40
CA ALA A 70 0.79 4.30 -5.86
C ALA A 70 0.61 4.72 -4.40
N VAL A 71 1.62 4.48 -3.58
CA VAL A 71 1.56 4.82 -2.17
C VAL A 71 1.51 6.34 -1.97
N GLN A 72 2.03 7.08 -2.95
CA GLN A 72 2.02 8.53 -2.89
C GLN A 72 0.68 9.12 -3.38
N GLU A 73 -0.01 8.38 -4.25
CA GLU A 73 -1.23 8.85 -4.89
C GLU A 73 -2.47 8.37 -4.14
N LEU A 74 -2.36 7.19 -3.53
CA LEU A 74 -3.45 6.61 -2.76
C LEU A 74 -4.00 7.60 -1.72
N PRO A 75 -3.14 8.22 -0.91
CA PRO A 75 -3.58 9.15 0.15
C PRO A 75 -4.21 10.41 -0.41
N LEU A 76 -4.00 10.67 -1.70
CA LEU A 76 -4.51 11.88 -2.32
C LEU A 76 -5.92 11.67 -2.87
N ASN A 77 -6.36 10.44 -2.87
CA ASN A 77 -7.63 10.08 -3.51
C ASN A 77 -8.73 9.81 -2.50
N PRO A 78 -9.99 10.10 -2.88
CA PRO A 78 -11.14 10.08 -1.96
C PRO A 78 -11.39 8.71 -1.38
N LYS A 79 -11.16 7.67 -2.18
CA LYS A 79 -11.43 6.31 -1.76
C LYS A 79 -10.24 5.76 -1.02
N TRP A 80 -9.07 6.00 -1.57
CA TRP A 80 -7.85 5.43 -1.06
C TRP A 80 -7.37 6.18 0.17
N SER A 81 -7.71 7.46 0.25
CA SER A 81 -7.35 8.28 1.41
C SER A 81 -8.03 7.75 2.68
N LYS A 82 -9.08 6.95 2.50
CA LYS A 82 -9.76 6.33 3.63
C LYS A 82 -8.90 5.20 4.19
N ARG A 83 -7.99 4.69 3.36
CA ARG A 83 -7.15 3.58 3.73
C ARG A 83 -5.77 4.08 4.11
N ARG A 84 -5.16 3.47 5.12
CA ARG A 84 -3.82 3.86 5.54
C ARG A 84 -2.80 2.99 4.84
N ILE A 85 -2.06 3.56 3.90
CA ILE A 85 -1.10 2.77 3.15
C ILE A 85 0.32 3.27 3.39
N TYR A 86 1.23 2.34 3.51
CA TYR A 86 2.65 2.65 3.66
C TYR A 86 3.48 1.52 3.10
N TYR A 87 4.77 1.74 2.96
CA TYR A 87 5.68 0.69 2.55
C TYR A 87 5.81 -0.36 3.63
N GLY A 88 5.77 -1.61 3.22
CA GLY A 88 5.97 -2.70 4.15
C GLY A 88 7.43 -2.92 4.46
N ARG A 89 7.85 -4.16 4.51
CA ARG A 89 9.24 -4.49 4.80
C ARG A 89 9.77 -5.35 3.68
N ASP A 90 10.77 -4.85 3.02
CA ASP A 90 11.23 -5.43 1.78
C ASP A 90 12.64 -5.97 1.89
N ARG A 91 12.87 -7.14 1.30
CA ARG A 91 14.14 -7.81 1.39
C ARG A 91 14.95 -7.66 0.10
N CYS A 92 14.32 -7.19 -0.98
CA CYS A 92 15.01 -7.06 -2.25
C CYS A 92 15.73 -5.71 -2.35
N ALA A 93 16.25 -5.26 -1.22
CA ALA A 93 16.95 -4.02 -1.12
C ALA A 93 18.10 -4.22 -0.17
N VAL A 94 19.08 -3.36 -0.27
CA VAL A 94 20.25 -3.41 0.59
C VAL A 94 19.90 -3.01 2.03
N GLY A 95 19.28 -3.94 2.73
CA GLY A 95 18.97 -3.75 4.13
C GLY A 95 19.10 -5.03 4.89
N LEU A 96 19.76 -6.00 4.27
CA LEU A 96 19.95 -7.32 4.86
C LEU A 96 21.42 -7.56 5.12
N LYS A 97 21.86 -7.29 6.34
CA LYS A 97 23.24 -7.46 6.72
C LYS A 97 23.35 -7.43 8.24
N ASN A 1 4.99 17.96 1.50
CA ASN A 1 3.58 17.83 1.91
C ASN A 1 2.68 17.66 0.70
N SER A 2 1.85 16.63 0.74
CA SER A 2 0.87 16.39 -0.31
C SER A 2 -0.53 16.27 0.30
N ALA A 3 -0.59 15.73 1.51
CA ALA A 3 -1.86 15.56 2.20
C ALA A 3 -1.72 15.91 3.67
N SER A 4 -2.82 15.81 4.41
CA SER A 4 -2.79 16.07 5.85
C SER A 4 -1.89 15.06 6.55
N ASN A 5 -1.98 13.81 6.12
CA ASN A 5 -1.16 12.75 6.67
C ASN A 5 -0.97 11.66 5.63
N SER A 6 0.27 11.39 5.27
CA SER A 6 0.58 10.40 4.25
C SER A 6 0.59 8.98 4.81
N SER A 7 0.11 8.83 6.05
CA SER A 7 -0.05 7.54 6.69
C SER A 7 1.31 6.90 7.04
N VAL A 8 2.37 7.69 6.98
CA VAL A 8 3.69 7.20 7.32
C VAL A 8 4.21 7.84 8.59
N LEU A 9 4.42 7.01 9.60
CA LEU A 9 4.99 7.47 10.86
C LEU A 9 6.39 8.02 10.60
N LEU A 10 6.50 9.35 10.56
CA LEU A 10 7.76 10.05 10.36
C LEU A 10 8.50 9.55 9.12
N ALA A 11 7.74 8.98 8.18
CA ALA A 11 8.30 8.43 6.94
C ALA A 11 9.37 7.39 7.20
N VAL A 12 9.25 6.64 8.31
CA VAL A 12 10.22 5.59 8.64
C VAL A 12 9.99 4.33 7.81
N GLN A 13 9.07 4.44 6.86
CA GLN A 13 8.78 3.36 5.96
C GLN A 13 9.57 3.59 4.68
N GLN A 14 10.62 2.79 4.55
CA GLN A 14 11.52 2.80 3.39
C GLN A 14 10.84 3.24 2.11
N SER A 15 11.12 4.45 1.68
CA SER A 15 10.52 4.98 0.48
C SER A 15 11.00 4.18 -0.74
N GLY A 16 12.24 3.72 -0.67
CA GLY A 16 12.78 2.91 -1.74
C GLY A 16 12.54 1.44 -1.49
N ALA A 17 11.29 1.09 -1.26
CA ALA A 17 10.90 -0.29 -1.04
C ALA A 17 10.17 -0.83 -2.25
N CYS A 18 10.68 -1.89 -2.84
CA CYS A 18 10.05 -2.47 -4.00
C CYS A 18 8.99 -3.46 -3.59
N ARG A 19 7.92 -3.54 -4.38
CA ARG A 19 6.83 -4.48 -4.18
C ARG A 19 6.16 -4.40 -2.81
N ASN A 20 6.64 -3.55 -1.91
CA ASN A 20 6.13 -3.57 -0.54
C ASN A 20 5.13 -2.46 -0.31
N VAL A 21 3.87 -2.83 -0.23
CA VAL A 21 2.80 -1.89 0.06
C VAL A 21 1.84 -2.52 1.06
N PHE A 22 1.58 -1.84 2.15
CA PHE A 22 0.74 -2.37 3.20
C PHE A 22 -0.40 -1.41 3.52
N LEU A 23 -1.63 -1.89 3.38
CA LEU A 23 -2.80 -1.08 3.70
C LEU A 23 -3.40 -1.53 5.03
N GLY A 24 -3.73 -0.58 5.88
CA GLY A 24 -4.30 -0.91 7.17
C GLY A 24 -5.37 0.06 7.60
N ASN A 25 -6.48 0.09 6.88
CA ASN A 25 -7.62 0.96 7.21
C ASN A 25 -8.68 0.86 6.13
N LEU A 26 -8.90 -0.34 5.62
CA LEU A 26 -9.89 -0.55 4.58
C LEU A 26 -11.25 -0.85 5.21
N PRO A 27 -12.34 -0.73 4.42
CA PRO A 27 -13.68 -1.08 4.88
C PRO A 27 -13.95 -2.57 4.70
N ASN A 28 -15.04 -3.05 5.27
CA ASN A 28 -15.40 -4.45 5.12
C ASN A 28 -16.04 -4.67 3.76
N GLY A 29 -15.62 -5.72 3.07
CA GLY A 29 -16.18 -6.01 1.77
C GLY A 29 -15.23 -5.63 0.65
N ILE A 30 -14.17 -4.91 0.99
CA ILE A 30 -13.17 -4.51 0.00
C ILE A 30 -12.56 -5.74 -0.67
N THR A 31 -12.57 -5.74 -2.00
CA THR A 31 -12.00 -6.84 -2.75
C THR A 31 -10.79 -6.37 -3.53
N GLU A 32 -9.93 -7.33 -3.88
CA GLU A 32 -8.69 -7.05 -4.56
C GLU A 32 -8.97 -6.41 -5.89
N ASP A 33 -10.00 -6.90 -6.57
CA ASP A 33 -10.37 -6.40 -7.88
C ASP A 33 -10.54 -4.89 -7.88
N GLU A 34 -11.08 -4.37 -6.78
CA GLU A 34 -11.29 -2.93 -6.64
C GLU A 34 -9.95 -2.20 -6.52
N ILE A 35 -9.13 -2.65 -5.58
CA ILE A 35 -7.82 -2.06 -5.38
C ILE A 35 -6.94 -2.22 -6.62
N ARG A 36 -6.98 -3.39 -7.23
CA ARG A 36 -6.26 -3.67 -8.46
C ARG A 36 -6.57 -2.66 -9.54
N GLU A 37 -7.82 -2.62 -9.95
CA GLU A 37 -8.24 -1.71 -11.02
C GLU A 37 -7.90 -0.28 -10.68
N ASP A 38 -7.79 -0.01 -9.40
CA ASP A 38 -7.49 1.33 -8.94
C ASP A 38 -5.99 1.62 -8.98
N LEU A 39 -5.16 0.60 -8.74
CA LEU A 39 -3.72 0.82 -8.58
C LEU A 39 -2.94 0.35 -9.79
N GLU A 40 -3.57 -0.45 -10.64
CA GLU A 40 -2.92 -1.02 -11.82
C GLU A 40 -2.44 0.06 -12.79
N PRO A 41 -3.20 1.17 -12.98
CA PRO A 41 -2.87 2.16 -14.00
C PRO A 41 -1.56 2.88 -13.71
N PHE A 42 -1.21 3.01 -12.44
CA PHE A 42 0.05 3.63 -12.08
C PHE A 42 1.03 2.62 -11.49
N GLY A 43 0.55 1.43 -11.19
CA GLY A 43 1.40 0.45 -10.54
C GLY A 43 0.81 -0.93 -10.60
N PRO A 44 1.16 -1.71 -11.63
CA PRO A 44 0.68 -3.07 -11.76
C PRO A 44 1.10 -3.93 -10.57
N ILE A 45 0.14 -4.63 -9.99
CA ILE A 45 0.41 -5.50 -8.86
C ILE A 45 0.29 -6.96 -9.29
N ASP A 46 1.01 -7.85 -8.62
CA ASP A 46 0.92 -9.27 -8.90
C ASP A 46 0.29 -10.02 -7.74
N GLN A 47 0.39 -9.43 -6.55
CA GLN A 47 -0.08 -10.07 -5.35
C GLN A 47 -0.79 -9.09 -4.45
N ILE A 48 -2.06 -9.36 -4.17
CA ILE A 48 -2.87 -8.51 -3.31
C ILE A 48 -3.69 -9.36 -2.35
N LYS A 49 -3.36 -9.27 -1.07
CA LYS A 49 -4.03 -10.08 -0.05
C LYS A 49 -4.70 -9.18 0.98
N ILE A 50 -6.01 -9.15 0.97
CA ILE A 50 -6.78 -8.32 1.89
C ILE A 50 -7.26 -9.14 3.07
N VAL A 51 -6.81 -8.77 4.25
CA VAL A 51 -7.29 -9.37 5.48
C VAL A 51 -8.36 -8.47 6.08
N THR A 52 -9.60 -8.69 5.67
CA THR A 52 -10.72 -7.86 6.09
C THR A 52 -10.98 -7.98 7.59
N GLU A 53 -10.57 -9.09 8.18
CA GLU A 53 -10.73 -9.31 9.61
C GLU A 53 -9.86 -8.35 10.40
N ARG A 54 -8.84 -7.83 9.74
CA ARG A 54 -7.90 -6.90 10.36
C ARG A 54 -7.93 -5.55 9.66
N ASN A 55 -8.74 -5.45 8.60
CA ASN A 55 -8.89 -4.22 7.84
C ASN A 55 -7.60 -3.85 7.12
N ILE A 56 -6.79 -4.85 6.86
CA ILE A 56 -5.47 -4.64 6.30
C ILE A 56 -5.30 -5.38 4.99
N ALA A 57 -4.43 -4.87 4.13
CA ALA A 57 -4.18 -5.48 2.84
C ALA A 57 -2.71 -5.41 2.48
N PHE A 58 -2.18 -6.52 1.99
CA PHE A 58 -0.79 -6.60 1.57
C PHE A 58 -0.73 -6.62 0.05
N VAL A 59 -0.04 -5.64 -0.52
CA VAL A 59 0.05 -5.50 -1.96
C VAL A 59 1.50 -5.64 -2.40
N HIS A 60 1.75 -6.44 -3.41
CA HIS A 60 3.11 -6.57 -3.91
C HIS A 60 3.24 -6.03 -5.33
N PHE A 61 3.81 -4.83 -5.42
CA PHE A 61 4.03 -4.15 -6.70
C PHE A 61 5.33 -4.57 -7.33
N LEU A 62 5.23 -5.41 -8.36
CA LEU A 62 6.38 -6.00 -9.05
C LEU A 62 7.51 -5.01 -9.29
N ASN A 63 7.18 -3.81 -9.77
CA ASN A 63 8.21 -2.79 -9.99
C ASN A 63 8.30 -1.88 -8.78
N ILE A 64 9.51 -1.42 -8.49
CA ILE A 64 9.73 -0.54 -7.35
C ILE A 64 8.98 0.77 -7.56
N ALA A 65 9.01 1.30 -8.78
CA ALA A 65 8.42 2.60 -9.08
C ALA A 65 6.91 2.52 -9.00
N ALA A 66 6.38 1.36 -9.36
CA ALA A 66 4.94 1.13 -9.33
C ALA A 66 4.39 1.33 -7.92
N ALA A 67 5.12 0.81 -6.94
CA ALA A 67 4.73 0.95 -5.55
C ALA A 67 4.87 2.39 -5.08
N ILE A 68 5.93 3.05 -5.54
CA ILE A 68 6.20 4.42 -5.13
C ILE A 68 5.04 5.33 -5.47
N LYS A 69 4.73 5.44 -6.75
CA LYS A 69 3.69 6.34 -7.22
C LYS A 69 2.33 5.95 -6.63
N ALA A 70 2.04 4.66 -6.55
CA ALA A 70 0.79 4.19 -6.00
C ALA A 70 0.62 4.61 -4.54
N VAL A 71 1.66 4.38 -3.74
CA VAL A 71 1.63 4.74 -2.33
C VAL A 71 1.62 6.27 -2.15
N GLN A 72 2.09 6.99 -3.15
CA GLN A 72 2.07 8.44 -3.10
C GLN A 72 0.72 9.01 -3.55
N GLU A 73 0.01 8.26 -4.39
CA GLU A 73 -1.23 8.73 -4.98
C GLU A 73 -2.44 8.26 -4.19
N LEU A 74 -2.30 7.09 -3.56
CA LEU A 74 -3.36 6.53 -2.73
C LEU A 74 -3.87 7.54 -1.69
N PRO A 75 -2.96 8.16 -0.92
CA PRO A 75 -3.34 9.10 0.14
C PRO A 75 -3.96 10.39 -0.40
N LEU A 76 -3.79 10.63 -1.69
CA LEU A 76 -4.31 11.86 -2.30
C LEU A 76 -5.67 11.65 -2.93
N ASN A 77 -6.13 10.42 -2.90
CA ASN A 77 -7.40 10.06 -3.51
C ASN A 77 -8.47 9.84 -2.47
N PRO A 78 -9.73 10.14 -2.80
CA PRO A 78 -10.83 10.22 -1.83
C PRO A 78 -11.18 8.86 -1.24
N LYS A 79 -11.03 7.81 -2.04
CA LYS A 79 -11.35 6.47 -1.61
C LYS A 79 -10.16 5.86 -0.90
N TRP A 80 -8.99 6.05 -1.49
CA TRP A 80 -7.77 5.44 -1.01
C TRP A 80 -7.24 6.17 0.22
N SER A 81 -7.54 7.46 0.32
CA SER A 81 -7.11 8.25 1.46
C SER A 81 -7.85 7.81 2.72
N LYS A 82 -8.93 7.06 2.54
CA LYS A 82 -9.67 6.49 3.66
C LYS A 82 -8.88 5.32 4.24
N ARG A 83 -7.90 4.85 3.48
CA ARG A 83 -7.04 3.75 3.91
C ARG A 83 -5.72 4.30 4.44
N ARG A 84 -5.00 3.49 5.19
CA ARG A 84 -3.67 3.86 5.66
C ARG A 84 -2.63 3.00 4.97
N ILE A 85 -1.91 3.58 4.02
CA ILE A 85 -0.95 2.81 3.25
C ILE A 85 0.47 3.30 3.47
N TYR A 86 1.39 2.36 3.54
CA TYR A 86 2.80 2.68 3.59
C TYR A 86 3.60 1.55 2.98
N TYR A 87 4.88 1.80 2.74
CA TYR A 87 5.77 0.76 2.27
C TYR A 87 5.98 -0.28 3.35
N GLY A 88 5.98 -1.54 2.95
CA GLY A 88 6.21 -2.62 3.88
C GLY A 88 7.57 -2.50 4.54
N ARG A 89 7.56 -2.35 5.85
CA ARG A 89 8.79 -2.18 6.63
C ARG A 89 9.78 -3.30 6.33
N ASP A 90 10.99 -2.89 5.98
CA ASP A 90 12.06 -3.79 5.57
C ASP A 90 11.75 -4.47 4.25
N ARG A 91 12.64 -4.30 3.29
CA ARG A 91 12.44 -4.79 1.93
C ARG A 91 12.45 -6.31 1.87
N CYS A 92 12.99 -6.93 2.90
CA CYS A 92 13.08 -8.38 2.95
C CYS A 92 11.85 -8.96 3.64
N ALA A 93 10.77 -8.18 3.68
CA ALA A 93 9.52 -8.60 4.28
C ALA A 93 8.89 -9.72 3.48
N VAL A 94 9.21 -10.95 3.87
CA VAL A 94 8.71 -12.12 3.17
C VAL A 94 7.99 -13.06 4.14
N GLY A 95 8.09 -12.75 5.43
CA GLY A 95 7.49 -13.61 6.44
C GLY A 95 6.03 -13.29 6.66
N LEU A 96 5.22 -13.57 5.65
CA LEU A 96 3.80 -13.32 5.73
C LEU A 96 3.03 -14.62 5.90
N LYS A 97 2.99 -15.11 7.13
CA LYS A 97 2.27 -16.33 7.45
C LYS A 97 0.86 -16.01 7.90
N ASN A 1 -1.21 -10.71 20.54
CA ASN A 1 -0.51 -9.41 20.47
C ASN A 1 -0.18 -9.07 19.03
N SER A 2 -0.16 -7.79 18.72
CA SER A 2 0.15 -7.33 17.37
C SER A 2 0.40 -5.82 17.39
N ALA A 3 1.65 -5.45 17.13
CA ALA A 3 2.03 -4.05 17.07
C ALA A 3 1.80 -3.51 15.66
N SER A 4 0.79 -2.66 15.52
CA SER A 4 0.45 -2.09 14.23
C SER A 4 1.04 -0.69 14.09
N ASN A 5 1.73 -0.45 12.99
CA ASN A 5 2.33 0.84 12.71
C ASN A 5 1.26 1.84 12.30
N SER A 6 1.29 3.02 12.89
CA SER A 6 0.29 4.05 12.62
C SER A 6 0.66 4.83 11.37
N SER A 7 0.67 4.15 10.22
CA SER A 7 0.98 4.76 8.94
C SER A 7 2.40 5.33 8.94
N VAL A 8 2.74 6.12 7.92
CA VAL A 8 4.01 6.82 7.91
C VAL A 8 3.90 8.13 8.64
N LEU A 9 4.73 8.32 9.64
CA LEU A 9 4.76 9.57 10.39
C LEU A 9 5.16 10.69 9.45
N LEU A 10 4.17 11.44 8.97
CA LEU A 10 4.39 12.56 8.06
C LEU A 10 5.17 12.13 6.82
N ALA A 11 5.08 10.84 6.50
CA ALA A 11 5.76 10.27 5.35
C ALA A 11 7.28 10.50 5.43
N VAL A 12 7.83 10.45 6.64
CA VAL A 12 9.28 10.62 6.81
C VAL A 12 10.03 9.41 6.26
N GLN A 13 9.37 8.27 6.21
CA GLN A 13 9.97 7.08 5.65
C GLN A 13 9.35 6.73 4.30
N GLN A 14 9.82 7.39 3.26
CA GLN A 14 9.41 7.08 1.90
C GLN A 14 10.50 6.28 1.21
N SER A 15 11.09 5.36 1.97
CA SER A 15 12.20 4.54 1.51
C SER A 15 11.82 3.74 0.27
N GLY A 16 12.82 3.47 -0.56
CA GLY A 16 12.60 2.72 -1.78
C GLY A 16 12.38 1.25 -1.53
N ALA A 17 11.23 0.90 -0.99
CA ALA A 17 10.85 -0.48 -0.77
C ALA A 17 10.09 -0.99 -1.99
N CYS A 18 10.59 -2.06 -2.60
CA CYS A 18 9.98 -2.58 -3.79
C CYS A 18 8.87 -3.56 -3.45
N ARG A 19 7.83 -3.57 -4.27
CA ARG A 19 6.71 -4.50 -4.16
C ARG A 19 6.02 -4.47 -2.80
N ASN A 20 6.41 -3.58 -1.91
CA ASN A 20 5.84 -3.59 -0.56
C ASN A 20 4.91 -2.43 -0.33
N VAL A 21 3.64 -2.73 -0.33
CA VAL A 21 2.61 -1.76 -0.04
C VAL A 21 1.62 -2.36 0.94
N PHE A 22 1.58 -1.79 2.14
CA PHE A 22 0.75 -2.33 3.19
C PHE A 22 -0.37 -1.36 3.52
N LEU A 23 -1.61 -1.84 3.39
CA LEU A 23 -2.78 -1.01 3.69
C LEU A 23 -3.37 -1.43 5.02
N GLY A 24 -3.64 -0.45 5.88
CA GLY A 24 -4.19 -0.76 7.18
C GLY A 24 -5.31 0.17 7.61
N ASN A 25 -6.41 0.15 6.87
CA ASN A 25 -7.61 0.91 7.22
C ASN A 25 -8.66 0.76 6.13
N LEU A 26 -8.75 -0.42 5.55
CA LEU A 26 -9.67 -0.65 4.44
C LEU A 26 -11.07 -0.92 4.96
N PRO A 27 -12.10 -0.72 4.11
CA PRO A 27 -13.47 -0.99 4.48
C PRO A 27 -13.76 -2.48 4.49
N ASN A 28 -14.72 -2.86 5.29
CA ASN A 28 -15.12 -4.26 5.40
C ASN A 28 -15.81 -4.70 4.13
N GLY A 29 -15.21 -5.65 3.43
CA GLY A 29 -15.77 -6.12 2.18
C GLY A 29 -14.96 -5.65 0.98
N ILE A 30 -13.87 -4.94 1.23
CA ILE A 30 -12.98 -4.51 0.16
C ILE A 30 -12.41 -5.71 -0.58
N THR A 31 -12.49 -5.67 -1.90
CA THR A 31 -11.98 -6.78 -2.69
C THR A 31 -10.79 -6.33 -3.52
N GLU A 32 -9.99 -7.32 -3.92
CA GLU A 32 -8.77 -7.07 -4.65
C GLU A 32 -9.09 -6.39 -5.96
N ASP A 33 -10.14 -6.88 -6.61
CA ASP A 33 -10.59 -6.33 -7.90
C ASP A 33 -10.70 -4.81 -7.85
N GLU A 34 -11.16 -4.31 -6.72
CA GLU A 34 -11.30 -2.87 -6.52
C GLU A 34 -9.93 -2.20 -6.51
N ILE A 35 -9.08 -2.65 -5.59
CA ILE A 35 -7.75 -2.10 -5.43
C ILE A 35 -6.91 -2.28 -6.70
N ARG A 36 -7.02 -3.45 -7.32
CA ARG A 36 -6.34 -3.73 -8.59
C ARG A 36 -6.65 -2.70 -9.64
N GLU A 37 -7.93 -2.61 -10.00
CA GLU A 37 -8.36 -1.69 -11.05
C GLU A 37 -7.99 -0.26 -10.69
N ASP A 38 -7.81 -0.01 -9.40
CA ASP A 38 -7.50 1.31 -8.94
C ASP A 38 -6.01 1.60 -8.99
N LEU A 39 -5.18 0.58 -8.79
CA LEU A 39 -3.74 0.81 -8.61
C LEU A 39 -2.94 0.38 -9.84
N GLU A 40 -3.56 -0.41 -10.71
CA GLU A 40 -2.90 -0.93 -11.90
C GLU A 40 -2.41 0.19 -12.82
N PRO A 41 -3.18 1.30 -12.98
CA PRO A 41 -2.85 2.32 -13.97
C PRO A 41 -1.55 3.06 -13.65
N PHE A 42 -1.19 3.12 -12.37
CA PHE A 42 0.08 3.72 -11.97
C PHE A 42 1.06 2.69 -11.44
N GLY A 43 0.59 1.47 -11.23
CA GLY A 43 1.44 0.47 -10.63
C GLY A 43 0.84 -0.91 -10.70
N PRO A 44 1.25 -1.72 -11.67
CA PRO A 44 0.75 -3.08 -11.80
C PRO A 44 1.17 -3.95 -10.63
N ILE A 45 0.20 -4.66 -10.07
CA ILE A 45 0.43 -5.54 -8.95
C ILE A 45 0.33 -7.00 -9.39
N ASP A 46 1.05 -7.88 -8.70
CA ASP A 46 1.00 -9.31 -8.99
C ASP A 46 0.40 -10.08 -7.82
N GLN A 47 0.41 -9.46 -6.65
CA GLN A 47 -0.08 -10.12 -5.45
C GLN A 47 -0.79 -9.12 -4.55
N ILE A 48 -2.06 -9.40 -4.27
CA ILE A 48 -2.87 -8.53 -3.43
C ILE A 48 -3.66 -9.37 -2.43
N LYS A 49 -3.27 -9.30 -1.18
CA LYS A 49 -3.91 -10.07 -0.13
C LYS A 49 -4.58 -9.15 0.87
N ILE A 50 -5.89 -9.18 0.91
CA ILE A 50 -6.65 -8.35 1.82
C ILE A 50 -7.13 -9.15 3.02
N VAL A 51 -6.78 -8.68 4.20
CA VAL A 51 -7.30 -9.23 5.42
C VAL A 51 -8.32 -8.26 6.01
N THR A 52 -9.57 -8.40 5.57
CA THR A 52 -10.63 -7.51 6.00
C THR A 52 -10.97 -7.73 7.46
N GLU A 53 -10.52 -8.87 7.99
CA GLU A 53 -10.69 -9.18 9.41
C GLU A 53 -9.94 -8.15 10.27
N ARG A 54 -8.81 -7.67 9.75
CA ARG A 54 -8.03 -6.67 10.44
C ARG A 54 -8.05 -5.34 9.68
N ASN A 55 -8.75 -5.35 8.55
CA ASN A 55 -8.89 -4.15 7.70
C ASN A 55 -7.55 -3.79 7.05
N ILE A 56 -6.73 -4.80 6.83
CA ILE A 56 -5.39 -4.59 6.31
C ILE A 56 -5.17 -5.35 5.01
N ALA A 57 -4.29 -4.84 4.15
CA ALA A 57 -4.02 -5.48 2.87
C ALA A 57 -2.53 -5.42 2.51
N PHE A 58 -2.03 -6.53 1.99
CA PHE A 58 -0.65 -6.64 1.54
C PHE A 58 -0.61 -6.67 0.03
N VAL A 59 -0.15 -5.58 -0.57
CA VAL A 59 -0.07 -5.48 -2.02
C VAL A 59 1.38 -5.60 -2.46
N HIS A 60 1.66 -6.42 -3.47
CA HIS A 60 3.02 -6.55 -3.96
C HIS A 60 3.17 -5.97 -5.36
N PHE A 61 3.73 -4.77 -5.40
CA PHE A 61 3.98 -4.07 -6.66
C PHE A 61 5.30 -4.46 -7.28
N LEU A 62 5.23 -5.34 -8.29
CA LEU A 62 6.41 -5.90 -8.94
C LEU A 62 7.49 -4.85 -9.21
N ASN A 63 7.09 -3.71 -9.76
CA ASN A 63 8.04 -2.65 -10.02
C ASN A 63 8.21 -1.80 -8.77
N ILE A 64 9.44 -1.42 -8.47
CA ILE A 64 9.73 -0.62 -7.29
C ILE A 64 9.02 0.75 -7.40
N ALA A 65 9.08 1.34 -8.59
CA ALA A 65 8.50 2.66 -8.82
C ALA A 65 6.98 2.60 -8.78
N ALA A 66 6.43 1.44 -9.17
CA ALA A 66 4.99 1.24 -9.18
C ALA A 66 4.42 1.39 -7.78
N ALA A 67 5.13 0.83 -6.81
CA ALA A 67 4.73 0.94 -5.42
C ALA A 67 4.84 2.37 -4.92
N ILE A 68 5.92 3.04 -5.33
CA ILE A 68 6.17 4.40 -4.91
C ILE A 68 5.01 5.31 -5.28
N LYS A 69 4.72 5.41 -6.57
CA LYS A 69 3.68 6.30 -7.05
C LYS A 69 2.31 5.90 -6.51
N ALA A 70 2.04 4.61 -6.41
CA ALA A 70 0.77 4.14 -5.88
C ALA A 70 0.58 4.57 -4.44
N VAL A 71 1.61 4.35 -3.62
CA VAL A 71 1.55 4.76 -2.21
C VAL A 71 1.47 6.29 -2.08
N GLN A 72 1.95 6.99 -3.09
CA GLN A 72 1.90 8.45 -3.12
C GLN A 72 0.56 8.97 -3.63
N GLU A 73 -0.14 8.15 -4.41
CA GLU A 73 -1.40 8.56 -5.03
C GLU A 73 -2.58 8.13 -4.18
N LEU A 74 -2.45 6.98 -3.54
CA LEU A 74 -3.50 6.42 -2.70
C LEU A 74 -4.03 7.44 -1.69
N PRO A 75 -3.14 8.10 -0.92
CA PRO A 75 -3.56 9.07 0.10
C PRO A 75 -4.22 10.31 -0.49
N LEU A 76 -3.97 10.57 -1.77
CA LEU A 76 -4.48 11.79 -2.39
C LEU A 76 -5.85 11.57 -3.01
N ASN A 77 -6.33 10.34 -2.93
CA ASN A 77 -7.59 9.96 -3.56
C ASN A 77 -8.69 9.75 -2.54
N PRO A 78 -9.95 10.03 -2.92
CA PRO A 78 -11.08 10.06 -2.00
C PRO A 78 -11.39 8.69 -1.39
N LYS A 79 -11.17 7.65 -2.18
CA LYS A 79 -11.48 6.30 -1.74
C LYS A 79 -10.30 5.72 -0.97
N TRP A 80 -9.12 5.93 -1.54
CA TRP A 80 -7.90 5.33 -1.03
C TRP A 80 -7.40 6.09 0.19
N SER A 81 -7.74 7.38 0.27
CA SER A 81 -7.35 8.20 1.42
C SER A 81 -7.96 7.65 2.71
N LYS A 82 -9.04 6.87 2.58
CA LYS A 82 -9.65 6.24 3.73
C LYS A 82 -8.77 5.13 4.26
N ARG A 83 -7.85 4.68 3.43
CA ARG A 83 -6.94 3.61 3.79
C ARG A 83 -5.58 4.18 4.17
N ARG A 84 -4.98 3.61 5.19
CA ARG A 84 -3.67 4.05 5.65
C ARG A 84 -2.61 3.17 5.02
N ILE A 85 -1.91 3.70 4.05
CA ILE A 85 -0.94 2.90 3.31
C ILE A 85 0.48 3.40 3.54
N TYR A 86 1.41 2.48 3.58
CA TYR A 86 2.82 2.80 3.68
C TYR A 86 3.63 1.69 3.04
N TYR A 87 4.92 1.93 2.85
CA TYR A 87 5.81 0.88 2.42
C TYR A 87 5.84 -0.21 3.48
N GLY A 88 5.36 -1.38 3.12
CA GLY A 88 5.14 -2.43 4.08
C GLY A 88 6.39 -3.22 4.37
N ARG A 89 6.30 -4.04 5.40
CA ARG A 89 7.40 -4.92 5.77
C ARG A 89 6.99 -6.36 5.48
N ASP A 90 7.92 -7.15 4.98
CA ASP A 90 7.59 -8.48 4.48
C ASP A 90 8.82 -9.38 4.44
N ARG A 91 8.58 -10.67 4.32
CA ARG A 91 9.63 -11.68 4.26
C ARG A 91 10.63 -11.42 3.12
N CYS A 92 10.14 -10.86 2.02
CA CYS A 92 11.01 -10.54 0.89
C CYS A 92 11.15 -9.03 0.76
N ALA A 93 11.80 -8.42 1.75
CA ALA A 93 11.94 -6.98 1.80
C ALA A 93 12.79 -6.58 2.99
N VAL A 94 12.84 -5.29 3.23
CA VAL A 94 13.58 -4.73 4.34
C VAL A 94 12.94 -3.41 4.78
N GLY A 95 12.32 -3.44 5.95
CA GLY A 95 11.70 -2.25 6.49
C GLY A 95 12.72 -1.27 7.03
N LEU A 96 13.25 -1.56 8.21
CA LEU A 96 14.26 -0.74 8.82
C LEU A 96 15.31 -1.62 9.48
N LYS A 97 16.34 -1.97 8.72
CA LYS A 97 17.36 -2.90 9.19
C LYS A 97 18.58 -2.80 8.31
N ASN A 1 -4.50 14.93 16.92
CA ASN A 1 -3.12 14.41 16.89
C ASN A 1 -2.91 13.49 15.69
N SER A 2 -1.76 13.60 15.06
CA SER A 2 -1.40 12.75 13.95
C SER A 2 0.12 12.60 13.92
N ALA A 3 0.61 11.48 14.42
CA ALA A 3 2.04 11.28 14.57
C ALA A 3 2.62 10.41 13.47
N SER A 4 1.75 9.64 12.81
CA SER A 4 2.13 8.67 11.76
C SER A 4 3.28 7.75 12.20
N ASN A 5 4.51 8.22 12.06
CA ASN A 5 5.71 7.52 12.50
C ASN A 5 6.01 6.28 11.66
N SER A 6 5.18 5.25 11.78
CA SER A 6 5.39 4.01 11.04
C SER A 6 4.88 4.14 9.61
N SER A 7 4.32 5.30 9.29
CA SER A 7 3.85 5.56 7.94
C SER A 7 4.75 6.59 7.27
N VAL A 8 5.94 6.14 6.87
CA VAL A 8 6.98 6.96 6.24
C VAL A 8 7.07 8.39 6.76
N LEU A 9 8.03 8.62 7.64
CA LEU A 9 8.32 9.96 8.14
C LEU A 9 8.58 10.89 6.96
N LEU A 10 7.58 11.71 6.64
CA LEU A 10 7.68 12.70 5.56
C LEU A 10 8.10 12.08 4.23
N ALA A 11 7.99 10.75 4.14
CA ALA A 11 8.41 9.99 2.96
C ALA A 11 9.89 10.21 2.63
N VAL A 12 10.65 10.73 3.59
CA VAL A 12 12.07 10.99 3.35
C VAL A 12 12.89 9.73 3.58
N GLN A 13 12.32 8.81 4.34
CA GLN A 13 13.00 7.56 4.65
C GLN A 13 12.63 6.48 3.63
N GLN A 14 13.19 6.59 2.45
CA GLN A 14 12.97 5.63 1.39
C GLN A 14 14.28 5.04 0.89
N SER A 15 14.51 3.78 1.17
CA SER A 15 15.67 3.09 0.63
C SER A 15 15.36 2.56 -0.76
N GLY A 16 14.30 1.77 -0.83
CA GLY A 16 13.91 1.19 -2.10
C GLY A 16 13.02 -0.02 -1.89
N ALA A 17 11.98 0.14 -1.10
CA ALA A 17 11.05 -0.94 -0.81
C ALA A 17 10.26 -1.30 -2.06
N CYS A 18 10.65 -2.38 -2.71
CA CYS A 18 9.99 -2.81 -3.93
C CYS A 18 8.82 -3.70 -3.57
N ARG A 19 7.75 -3.62 -4.37
CA ARG A 19 6.57 -4.45 -4.18
C ARG A 19 5.94 -4.35 -2.79
N ASN A 20 6.45 -3.47 -1.93
CA ASN A 20 6.00 -3.46 -0.54
C ASN A 20 5.00 -2.35 -0.28
N VAL A 21 3.74 -2.72 -0.15
CA VAL A 21 2.69 -1.78 0.17
C VAL A 21 1.74 -2.39 1.20
N PHE A 22 1.63 -1.74 2.35
CA PHE A 22 0.80 -2.24 3.44
C PHE A 22 -0.35 -1.27 3.72
N LEU A 23 -1.57 -1.79 3.69
CA LEU A 23 -2.74 -0.99 3.98
C LEU A 23 -3.37 -1.42 5.30
N GLY A 24 -3.71 -0.45 6.13
CA GLY A 24 -4.31 -0.76 7.41
C GLY A 24 -5.45 0.17 7.78
N ASN A 25 -6.54 0.12 7.01
CA ASN A 25 -7.74 0.93 7.27
C ASN A 25 -8.74 0.80 6.13
N LEU A 26 -8.94 -0.41 5.63
CA LEU A 26 -9.86 -0.64 4.53
C LEU A 26 -11.26 -0.95 5.07
N PRO A 27 -12.30 -0.79 4.23
CA PRO A 27 -13.67 -1.11 4.61
C PRO A 27 -13.98 -2.60 4.45
N ASN A 28 -15.08 -3.03 5.01
CA ASN A 28 -15.50 -4.41 4.92
C ASN A 28 -16.02 -4.74 3.52
N GLY A 29 -15.46 -5.75 2.91
CA GLY A 29 -15.91 -6.17 1.60
C GLY A 29 -14.93 -5.79 0.50
N ILE A 30 -13.92 -5.00 0.85
CA ILE A 30 -12.94 -4.56 -0.13
C ILE A 30 -12.25 -5.76 -0.78
N THR A 31 -12.27 -5.79 -2.11
CA THR A 31 -11.69 -6.90 -2.84
C THR A 31 -10.49 -6.42 -3.66
N GLU A 32 -9.62 -7.37 -3.99
CA GLU A 32 -8.41 -7.06 -4.72
C GLU A 32 -8.75 -6.48 -6.06
N ASP A 33 -9.83 -6.97 -6.65
CA ASP A 33 -10.32 -6.49 -7.93
C ASP A 33 -10.44 -4.98 -7.95
N GLU A 34 -10.92 -4.44 -6.84
CA GLU A 34 -11.11 -2.99 -6.70
C GLU A 34 -9.77 -2.28 -6.63
N ILE A 35 -8.94 -2.71 -5.71
CA ILE A 35 -7.61 -2.14 -5.51
C ILE A 35 -6.75 -2.29 -6.77
N ARG A 36 -6.80 -3.46 -7.38
CA ARG A 36 -6.12 -3.70 -8.66
C ARG A 36 -6.49 -2.67 -9.71
N GLU A 37 -7.76 -2.66 -10.07
CA GLU A 37 -8.24 -1.77 -11.11
C GLU A 37 -7.96 -0.32 -10.77
N ASP A 38 -7.77 -0.04 -9.50
CA ASP A 38 -7.52 1.30 -9.05
C ASP A 38 -6.04 1.65 -9.05
N LEU A 39 -5.18 0.66 -8.79
CA LEU A 39 -3.76 0.94 -8.56
C LEU A 39 -2.88 0.54 -9.73
N GLU A 40 -3.40 -0.31 -10.60
CA GLU A 40 -2.62 -0.83 -11.70
C GLU A 40 -2.29 0.22 -12.77
N PRO A 41 -3.10 1.29 -12.95
CA PRO A 41 -2.82 2.30 -13.98
C PRO A 41 -1.53 3.07 -13.67
N PHE A 42 -1.19 3.19 -12.39
CA PHE A 42 0.07 3.81 -12.01
C PHE A 42 1.04 2.79 -11.44
N GLY A 43 0.57 1.58 -11.19
CA GLY A 43 1.39 0.59 -10.54
C GLY A 43 0.78 -0.78 -10.59
N PRO A 44 1.14 -1.58 -11.59
CA PRO A 44 0.64 -2.95 -11.71
C PRO A 44 1.02 -3.79 -10.50
N ILE A 45 0.06 -4.53 -9.97
CA ILE A 45 0.31 -5.41 -8.85
C ILE A 45 0.19 -6.86 -9.28
N ASP A 46 0.92 -7.75 -8.60
CA ASP A 46 0.85 -9.18 -8.90
C ASP A 46 0.27 -9.95 -7.72
N GLN A 47 0.33 -9.35 -6.54
CA GLN A 47 -0.11 -10.03 -5.34
C GLN A 47 -0.80 -9.05 -4.40
N ILE A 48 -2.07 -9.33 -4.10
CA ILE A 48 -2.86 -8.47 -3.22
C ILE A 48 -3.64 -9.32 -2.23
N LYS A 49 -3.34 -9.17 -0.95
CA LYS A 49 -4.04 -9.91 0.09
C LYS A 49 -4.69 -8.95 1.07
N ILE A 50 -6.00 -8.99 1.12
CA ILE A 50 -6.74 -8.14 2.04
C ILE A 50 -7.25 -8.95 3.20
N VAL A 51 -6.76 -8.64 4.38
CA VAL A 51 -7.27 -9.25 5.59
C VAL A 51 -8.35 -8.35 6.18
N THR A 52 -9.57 -8.54 5.71
CA THR A 52 -10.70 -7.73 6.14
C THR A 52 -10.98 -7.94 7.62
N GLU A 53 -10.54 -9.09 8.14
CA GLU A 53 -10.69 -9.40 9.55
C GLU A 53 -9.97 -8.37 10.41
N ARG A 54 -8.90 -7.77 9.85
CA ARG A 54 -8.12 -6.78 10.58
C ARG A 54 -8.13 -5.45 9.83
N ASN A 55 -8.83 -5.41 8.69
CA ASN A 55 -8.94 -4.20 7.87
C ASN A 55 -7.59 -3.82 7.27
N ILE A 56 -6.75 -4.82 7.04
CA ILE A 56 -5.41 -4.60 6.54
C ILE A 56 -5.19 -5.32 5.22
N ALA A 57 -4.32 -4.79 4.39
CA ALA A 57 -4.05 -5.38 3.09
C ALA A 57 -2.58 -5.30 2.72
N PHE A 58 -2.08 -6.38 2.15
CA PHE A 58 -0.71 -6.45 1.68
C PHE A 58 -0.68 -6.51 0.16
N VAL A 59 -0.19 -5.44 -0.45
CA VAL A 59 -0.13 -5.35 -1.89
C VAL A 59 1.31 -5.46 -2.34
N HIS A 60 1.57 -6.26 -3.37
CA HIS A 60 2.92 -6.39 -3.86
C HIS A 60 3.05 -5.86 -5.27
N PHE A 61 3.59 -4.66 -5.37
CA PHE A 61 3.80 -3.98 -6.65
C PHE A 61 5.10 -4.41 -7.30
N LEU A 62 4.98 -5.26 -8.34
CA LEU A 62 6.12 -5.88 -9.00
C LEU A 62 7.28 -4.91 -9.24
N ASN A 63 6.97 -3.70 -9.67
CA ASN A 63 7.99 -2.71 -9.92
C ASN A 63 8.15 -1.82 -8.70
N ILE A 64 9.37 -1.41 -8.41
CA ILE A 64 9.65 -0.60 -7.24
C ILE A 64 8.94 0.76 -7.37
N ALA A 65 9.03 1.38 -8.54
CA ALA A 65 8.45 2.70 -8.76
C ALA A 65 6.93 2.62 -8.77
N ALA A 66 6.41 1.49 -9.19
CA ALA A 66 4.96 1.26 -9.21
C ALA A 66 4.38 1.43 -7.82
N ALA A 67 5.07 0.88 -6.83
CA ALA A 67 4.64 1.00 -5.45
C ALA A 67 4.75 2.44 -4.98
N ILE A 68 5.84 3.10 -5.36
CA ILE A 68 6.11 4.46 -4.93
C ILE A 68 4.96 5.39 -5.33
N LYS A 69 4.72 5.51 -6.62
CA LYS A 69 3.70 6.42 -7.14
C LYS A 69 2.33 6.06 -6.60
N ALA A 70 2.04 4.76 -6.48
CA ALA A 70 0.78 4.29 -5.95
C ALA A 70 0.60 4.74 -4.50
N VAL A 71 1.63 4.52 -3.68
CA VAL A 71 1.60 4.91 -2.28
C VAL A 71 1.54 6.43 -2.12
N GLN A 72 2.00 7.14 -3.14
CA GLN A 72 1.95 8.60 -3.14
C GLN A 72 0.59 9.13 -3.61
N GLU A 73 -0.10 8.35 -4.43
CA GLU A 73 -1.35 8.77 -5.05
C GLU A 73 -2.56 8.29 -4.27
N LEU A 74 -2.40 7.15 -3.59
CA LEU A 74 -3.48 6.57 -2.79
C LEU A 74 -4.02 7.58 -1.76
N PRO A 75 -3.15 8.23 -0.98
CA PRO A 75 -3.58 9.20 0.03
C PRO A 75 -4.23 10.44 -0.59
N LEU A 76 -4.06 10.61 -1.89
CA LEU A 76 -4.60 11.79 -2.57
C LEU A 76 -6.00 11.54 -3.11
N ASN A 77 -6.44 10.30 -3.04
CA ASN A 77 -7.75 9.91 -3.57
C ASN A 77 -8.76 9.67 -2.47
N PRO A 78 -10.04 9.92 -2.74
CA PRO A 78 -11.11 9.89 -1.74
C PRO A 78 -11.36 8.48 -1.19
N LYS A 79 -11.20 7.47 -2.02
CA LYS A 79 -11.44 6.10 -1.57
C LYS A 79 -10.20 5.59 -0.87
N TRP A 80 -9.07 5.83 -1.51
CA TRP A 80 -7.81 5.28 -1.06
C TRP A 80 -7.28 6.01 0.16
N SER A 81 -7.62 7.30 0.26
CA SER A 81 -7.20 8.10 1.40
C SER A 81 -7.82 7.58 2.69
N LYS A 82 -8.93 6.87 2.56
CA LYS A 82 -9.60 6.28 3.71
C LYS A 82 -8.77 5.13 4.25
N ARG A 83 -7.88 4.62 3.41
CA ARG A 83 -6.95 3.58 3.80
C ARG A 83 -5.65 4.20 4.27
N ARG A 84 -5.01 3.56 5.24
CA ARG A 84 -3.69 4.00 5.68
C ARG A 84 -2.63 3.12 5.02
N ILE A 85 -1.93 3.65 4.04
CA ILE A 85 -0.94 2.86 3.32
C ILE A 85 0.46 3.40 3.50
N TYR A 86 1.42 2.50 3.60
CA TYR A 86 2.82 2.84 3.58
C TYR A 86 3.62 1.68 3.00
N TYR A 87 4.88 1.91 2.69
CA TYR A 87 5.76 0.85 2.23
C TYR A 87 5.84 -0.25 3.27
N GLY A 88 5.69 -1.49 2.83
CA GLY A 88 5.74 -2.62 3.73
C GLY A 88 7.15 -2.90 4.20
N ARG A 89 7.57 -2.09 5.15
CA ARG A 89 8.91 -2.11 5.70
C ARG A 89 9.99 -1.74 4.69
N ASP A 90 10.90 -0.90 5.15
CA ASP A 90 12.00 -0.42 4.33
C ASP A 90 13.24 -0.32 5.21
N ARG A 91 14.41 -0.47 4.62
CA ARG A 91 15.66 -0.48 5.38
C ARG A 91 15.91 0.86 6.06
N CYS A 92 15.35 1.92 5.49
CA CYS A 92 15.58 3.29 5.97
C CYS A 92 17.08 3.57 6.05
N ALA A 93 17.78 3.18 4.99
CA ALA A 93 19.22 3.33 4.92
C ALA A 93 19.65 3.74 3.52
N VAL A 94 18.71 4.38 2.80
CA VAL A 94 18.88 4.82 1.41
C VAL A 94 19.68 3.81 0.55
N GLY A 95 18.96 2.86 0.00
CA GLY A 95 19.57 1.84 -0.84
C GLY A 95 18.54 0.85 -1.33
N LEU A 96 18.53 0.57 -2.62
CA LEU A 96 17.53 -0.32 -3.21
C LEU A 96 18.05 -1.74 -3.27
N LYS A 97 17.32 -2.61 -3.95
CA LYS A 97 17.73 -4.00 -4.11
C LYS A 97 17.58 -4.45 -5.56
N ASN A 1 9.29 7.27 17.63
CA ASN A 1 7.87 7.01 17.94
C ASN A 1 7.10 6.63 16.69
N SER A 2 6.58 5.41 16.66
CA SER A 2 5.76 4.95 15.56
C SER A 2 4.31 4.83 16.01
N ALA A 3 3.54 5.89 15.79
CA ALA A 3 2.14 5.91 16.22
C ALA A 3 1.33 4.89 15.43
N SER A 4 1.24 5.09 14.13
CA SER A 4 0.55 4.15 13.26
C SER A 4 1.49 3.01 12.88
N ASN A 5 2.79 3.31 12.90
CA ASN A 5 3.84 2.39 12.45
C ASN A 5 3.70 2.09 10.97
N SER A 6 4.37 2.88 10.16
CA SER A 6 4.30 2.73 8.72
C SER A 6 5.29 1.69 8.22
N SER A 7 5.95 1.00 9.17
CA SER A 7 6.86 -0.11 8.85
C SER A 7 8.03 0.35 7.97
N VAL A 8 8.41 1.62 8.15
CA VAL A 8 9.47 2.21 7.33
C VAL A 8 10.56 2.79 8.20
N LEU A 9 11.79 2.80 7.67
CA LEU A 9 12.92 3.39 8.37
C LEU A 9 12.63 4.87 8.60
N LEU A 10 12.16 5.18 9.80
CA LEU A 10 11.84 6.54 10.21
C LEU A 10 10.93 7.26 9.22
N ALA A 11 10.15 6.49 8.46
CA ALA A 11 9.21 7.04 7.48
C ALA A 11 9.90 7.90 6.42
N VAL A 12 11.21 7.74 6.29
CA VAL A 12 11.96 8.49 5.27
C VAL A 12 12.04 7.68 3.98
N GLN A 13 11.58 6.44 4.07
CA GLN A 13 11.56 5.56 2.91
C GLN A 13 10.32 5.80 2.08
N GLN A 14 10.35 6.86 1.29
CA GLN A 14 9.28 7.14 0.35
C GLN A 14 9.60 6.52 -0.99
N SER A 15 10.79 5.94 -1.07
CA SER A 15 11.24 5.23 -2.26
C SER A 15 12.21 4.13 -1.84
N GLY A 16 12.54 3.24 -2.76
CA GLY A 16 13.47 2.16 -2.45
C GLY A 16 12.75 0.87 -2.12
N ALA A 17 11.76 0.93 -1.25
CA ALA A 17 11.01 -0.25 -0.85
C ALA A 17 10.20 -0.78 -2.02
N CYS A 18 10.68 -1.86 -2.63
CA CYS A 18 10.04 -2.41 -3.81
C CYS A 18 8.98 -3.41 -3.41
N ARG A 19 7.95 -3.49 -4.24
CA ARG A 19 6.82 -4.39 -4.07
C ARG A 19 6.16 -4.35 -2.69
N ASN A 20 6.64 -3.53 -1.78
CA ASN A 20 6.15 -3.57 -0.41
C ASN A 20 5.16 -2.46 -0.16
N VAL A 21 3.90 -2.82 -0.09
CA VAL A 21 2.83 -1.89 0.23
C VAL A 21 1.86 -2.55 1.20
N PHE A 22 1.59 -1.88 2.29
CA PHE A 22 0.71 -2.43 3.32
C PHE A 22 -0.40 -1.44 3.65
N LEU A 23 -1.63 -1.91 3.60
CA LEU A 23 -2.79 -1.08 3.92
C LEU A 23 -3.43 -1.54 5.22
N GLY A 24 -3.75 -0.59 6.09
CA GLY A 24 -4.37 -0.94 7.35
C GLY A 24 -5.48 0.01 7.75
N ASN A 25 -6.56 0.00 6.98
CA ASN A 25 -7.76 0.79 7.30
C ASN A 25 -8.78 0.68 6.17
N LEU A 26 -8.92 -0.52 5.63
CA LEU A 26 -9.82 -0.73 4.50
C LEU A 26 -11.24 -0.99 4.99
N PRO A 27 -12.24 -0.71 4.14
CA PRO A 27 -13.64 -0.92 4.48
C PRO A 27 -14.06 -2.38 4.34
N ASN A 28 -15.24 -2.69 4.83
CA ASN A 28 -15.76 -4.04 4.74
C ASN A 28 -16.31 -4.27 3.35
N GLY A 29 -15.82 -5.29 2.67
CA GLY A 29 -16.27 -5.59 1.34
C GLY A 29 -15.23 -5.28 0.29
N ILE A 30 -14.09 -4.74 0.71
CA ILE A 30 -13.01 -4.42 -0.21
C ILE A 30 -12.43 -5.69 -0.85
N THR A 31 -12.41 -5.72 -2.17
CA THR A 31 -11.84 -6.85 -2.89
C THR A 31 -10.60 -6.41 -3.66
N GLU A 32 -9.77 -7.38 -4.04
CA GLU A 32 -8.54 -7.12 -4.75
C GLU A 32 -8.83 -6.49 -6.08
N ASP A 33 -9.90 -6.94 -6.72
CA ASP A 33 -10.31 -6.43 -8.02
C ASP A 33 -10.42 -4.92 -8.00
N GLU A 34 -10.90 -4.39 -6.87
CA GLU A 34 -11.04 -2.95 -6.68
C GLU A 34 -9.67 -2.30 -6.61
N ILE A 35 -8.87 -2.75 -5.66
CA ILE A 35 -7.53 -2.21 -5.47
C ILE A 35 -6.68 -2.36 -6.73
N ARG A 36 -6.78 -3.51 -7.38
CA ARG A 36 -6.10 -3.74 -8.66
C ARG A 36 -6.46 -2.72 -9.71
N GLU A 37 -7.73 -2.68 -10.07
CA GLU A 37 -8.19 -1.79 -11.13
C GLU A 37 -7.92 -0.34 -10.77
N ASP A 38 -7.73 -0.09 -9.49
CA ASP A 38 -7.50 1.26 -9.02
C ASP A 38 -6.01 1.60 -8.99
N LEU A 39 -5.15 0.60 -8.75
CA LEU A 39 -3.74 0.87 -8.52
C LEU A 39 -2.87 0.44 -9.70
N GLU A 40 -3.41 -0.43 -10.54
CA GLU A 40 -2.64 -0.98 -11.64
C GLU A 40 -2.40 0.03 -12.78
N PRO A 41 -3.23 1.10 -12.94
CA PRO A 41 -2.98 2.07 -13.99
C PRO A 41 -1.70 2.86 -13.77
N PHE A 42 -1.31 3.01 -12.51
CA PHE A 42 -0.03 3.64 -12.19
C PHE A 42 0.97 2.65 -11.63
N GLY A 43 0.53 1.42 -11.40
CA GLY A 43 1.40 0.45 -10.78
C GLY A 43 0.78 -0.93 -10.71
N PRO A 44 1.08 -1.79 -11.68
CA PRO A 44 0.56 -3.15 -11.68
C PRO A 44 1.02 -3.93 -10.46
N ILE A 45 0.10 -4.66 -9.86
CA ILE A 45 0.41 -5.48 -8.69
C ILE A 45 0.38 -6.96 -9.07
N ASP A 46 1.18 -7.77 -8.37
CA ASP A 46 1.21 -9.21 -8.60
C ASP A 46 0.51 -9.98 -7.48
N GLN A 47 0.48 -9.36 -6.31
CA GLN A 47 -0.04 -10.03 -5.13
C GLN A 47 -0.77 -9.04 -4.24
N ILE A 48 -2.04 -9.30 -3.99
CA ILE A 48 -2.87 -8.44 -3.16
C ILE A 48 -3.66 -9.29 -2.16
N LYS A 49 -3.26 -9.23 -0.92
CA LYS A 49 -3.85 -10.05 0.13
C LYS A 49 -4.60 -9.19 1.13
N ILE A 50 -5.91 -9.30 1.14
CA ILE A 50 -6.74 -8.51 2.02
C ILE A 50 -7.19 -9.32 3.23
N VAL A 51 -6.85 -8.83 4.40
CA VAL A 51 -7.34 -9.41 5.63
C VAL A 51 -8.33 -8.43 6.25
N THR A 52 -9.58 -8.55 5.86
CA THR A 52 -10.63 -7.65 6.33
C THR A 52 -10.89 -7.89 7.81
N GLU A 53 -10.49 -9.06 8.29
CA GLU A 53 -10.61 -9.39 9.70
C GLU A 53 -9.84 -8.39 10.54
N ARG A 54 -8.77 -7.85 9.97
CA ARG A 54 -7.97 -6.83 10.65
C ARG A 54 -7.98 -5.51 9.86
N ASN A 55 -8.77 -5.49 8.78
CA ASN A 55 -8.92 -4.30 7.94
C ASN A 55 -7.61 -3.93 7.25
N ILE A 56 -6.79 -4.94 6.99
CA ILE A 56 -5.46 -4.72 6.46
C ILE A 56 -5.27 -5.46 5.14
N ALA A 57 -4.40 -4.94 4.29
CA ALA A 57 -4.14 -5.55 2.99
C ALA A 57 -2.67 -5.44 2.62
N PHE A 58 -2.13 -6.54 2.12
CA PHE A 58 -0.75 -6.62 1.67
C PHE A 58 -0.70 -6.57 0.15
N VAL A 59 -0.12 -5.52 -0.39
CA VAL A 59 -0.02 -5.35 -1.83
C VAL A 59 1.43 -5.49 -2.25
N HIS A 60 1.69 -6.29 -3.28
CA HIS A 60 3.04 -6.42 -3.77
C HIS A 60 3.18 -5.88 -5.18
N PHE A 61 3.76 -4.69 -5.26
CA PHE A 61 3.97 -3.99 -6.53
C PHE A 61 5.28 -4.43 -7.18
N LEU A 62 5.15 -5.28 -8.20
CA LEU A 62 6.28 -5.89 -8.90
C LEU A 62 7.36 -4.87 -9.26
N ASN A 63 6.94 -3.68 -9.65
CA ASN A 63 7.88 -2.63 -9.99
C ASN A 63 8.08 -1.71 -8.80
N ILE A 64 9.32 -1.35 -8.53
CA ILE A 64 9.63 -0.48 -7.39
C ILE A 64 8.91 0.86 -7.56
N ALA A 65 8.96 1.40 -8.77
CA ALA A 65 8.37 2.71 -9.04
C ALA A 65 6.86 2.65 -8.99
N ALA A 66 6.32 1.47 -9.30
CA ALA A 66 4.87 1.27 -9.30
C ALA A 66 4.32 1.48 -7.90
N ALA A 67 5.04 0.97 -6.91
CA ALA A 67 4.66 1.12 -5.52
C ALA A 67 4.77 2.57 -5.09
N ILE A 68 5.85 3.22 -5.52
CA ILE A 68 6.11 4.60 -5.15
C ILE A 68 4.94 5.51 -5.52
N LYS A 69 4.65 5.57 -6.81
CA LYS A 69 3.61 6.45 -7.31
C LYS A 69 2.24 6.07 -6.74
N ALA A 70 1.98 4.78 -6.60
CA ALA A 70 0.72 4.31 -6.04
C ALA A 70 0.55 4.73 -4.60
N VAL A 71 1.56 4.48 -3.78
CA VAL A 71 1.52 4.84 -2.36
C VAL A 71 1.49 6.37 -2.18
N GLN A 72 1.98 7.09 -3.18
CA GLN A 72 1.92 8.54 -3.16
C GLN A 72 0.57 9.07 -3.67
N GLU A 73 -0.12 8.29 -4.48
CA GLU A 73 -1.41 8.69 -5.08
C GLU A 73 -2.57 8.27 -4.18
N LEU A 74 -2.41 7.12 -3.55
CA LEU A 74 -3.44 6.55 -2.69
C LEU A 74 -3.92 7.55 -1.63
N PRO A 75 -3.00 8.25 -0.93
CA PRO A 75 -3.36 9.23 0.09
C PRO A 75 -4.00 10.48 -0.50
N LEU A 76 -3.76 10.74 -1.78
CA LEU A 76 -4.27 11.96 -2.41
C LEU A 76 -5.64 11.72 -3.02
N ASN A 77 -6.12 10.50 -2.88
CA ASN A 77 -7.41 10.09 -3.42
C ASN A 77 -8.44 9.91 -2.33
N PRO A 78 -9.71 10.17 -2.64
CA PRO A 78 -10.79 10.21 -1.65
C PRO A 78 -11.08 8.84 -1.04
N LYS A 79 -11.08 7.82 -1.89
CA LYS A 79 -11.44 6.47 -1.46
C LYS A 79 -10.26 5.82 -0.80
N TRP A 80 -9.11 5.97 -1.44
CA TRP A 80 -7.90 5.32 -0.98
C TRP A 80 -7.37 6.02 0.27
N SER A 81 -7.66 7.30 0.42
CA SER A 81 -7.22 8.04 1.60
C SER A 81 -7.92 7.54 2.86
N LYS A 82 -9.06 6.86 2.67
CA LYS A 82 -9.76 6.24 3.79
C LYS A 82 -8.98 5.04 4.29
N ARG A 83 -8.05 4.58 3.46
CA ARG A 83 -7.16 3.51 3.81
C ARG A 83 -5.79 4.06 4.15
N ARG A 84 -5.18 3.51 5.17
CA ARG A 84 -3.86 3.96 5.58
C ARG A 84 -2.81 3.10 4.89
N ILE A 85 -2.15 3.68 3.90
CA ILE A 85 -1.21 2.92 3.12
C ILE A 85 0.22 3.38 3.39
N TYR A 86 1.12 2.44 3.42
CA TYR A 86 2.54 2.74 3.55
C TYR A 86 3.35 1.62 2.92
N TYR A 87 4.63 1.87 2.73
CA TYR A 87 5.54 0.84 2.28
C TYR A 87 5.74 -0.20 3.38
N GLY A 88 5.73 -1.46 3.00
CA GLY A 88 5.98 -2.52 3.93
C GLY A 88 7.43 -2.51 4.40
N ARG A 89 7.78 -3.47 5.24
CA ARG A 89 9.13 -3.50 5.78
C ARG A 89 10.12 -4.04 4.76
N ASP A 90 10.97 -3.15 4.31
CA ASP A 90 11.95 -3.45 3.28
C ASP A 90 13.09 -2.45 3.37
N ARG A 91 14.30 -2.90 3.07
CA ARG A 91 15.46 -2.04 3.18
C ARG A 91 15.91 -1.57 1.81
N CYS A 92 14.94 -1.04 1.06
CA CYS A 92 15.17 -0.53 -0.28
C CYS A 92 15.78 -1.60 -1.17
N ALA A 93 15.08 -2.70 -1.29
CA ALA A 93 15.55 -3.83 -2.06
C ALA A 93 14.68 -4.07 -3.29
N VAL A 94 15.09 -3.52 -4.41
CA VAL A 94 14.38 -3.69 -5.66
C VAL A 94 14.91 -4.90 -6.41
N GLY A 95 16.21 -5.16 -6.25
CA GLY A 95 16.83 -6.29 -6.89
C GLY A 95 17.87 -6.93 -6.00
N LEU A 96 19.10 -6.95 -6.46
CA LEU A 96 20.18 -7.54 -5.70
C LEU A 96 21.39 -6.62 -5.78
N LYS A 97 21.54 -5.77 -4.77
CA LYS A 97 22.60 -4.80 -4.74
C LYS A 97 23.13 -4.65 -3.31
N ASN A 1 -3.29 16.84 -2.71
CA ASN A 1 -3.71 17.47 -1.43
C ASN A 1 -3.06 18.82 -1.27
N SER A 2 -3.57 19.62 -0.35
CA SER A 2 -3.01 20.93 -0.06
C SER A 2 -1.73 20.80 0.76
N ALA A 3 -1.70 19.77 1.61
CA ALA A 3 -0.52 19.49 2.42
C ALA A 3 0.51 18.69 1.62
N SER A 4 1.60 18.32 2.26
CA SER A 4 2.63 17.48 1.64
C SER A 4 2.00 16.21 1.10
N ASN A 5 2.17 15.97 -0.20
CA ASN A 5 1.58 14.80 -0.84
C ASN A 5 2.44 13.56 -0.57
N SER A 6 2.31 13.01 0.62
CA SER A 6 3.07 11.82 0.99
C SER A 6 2.37 11.07 2.11
N SER A 7 2.38 9.75 2.02
CA SER A 7 1.76 8.91 3.03
C SER A 7 2.78 8.35 4.00
N VAL A 8 4.02 8.71 3.77
CA VAL A 8 5.13 8.21 4.57
C VAL A 8 5.75 9.32 5.41
N LEU A 9 5.87 9.05 6.70
CA LEU A 9 6.53 9.96 7.63
C LEU A 9 7.95 10.22 7.15
N LEU A 10 8.12 11.33 6.43
CA LEU A 10 9.42 11.76 5.90
C LEU A 10 10.11 10.67 5.08
N ALA A 11 9.33 9.67 4.64
CA ALA A 11 9.86 8.53 3.89
C ALA A 11 11.07 7.91 4.61
N VAL A 12 11.00 7.88 5.94
CA VAL A 12 12.10 7.41 6.77
C VAL A 12 12.43 5.93 6.54
N GLN A 13 11.46 5.17 6.03
CA GLN A 13 11.66 3.76 5.78
C GLN A 13 12.45 3.52 4.51
N GLN A 14 13.74 3.82 4.57
CA GLN A 14 14.68 3.58 3.48
C GLN A 14 14.22 4.20 2.16
N SER A 15 13.53 5.34 2.27
CA SER A 15 13.05 6.10 1.12
C SER A 15 11.90 5.40 0.42
N GLY A 16 12.18 4.27 -0.20
CA GLY A 16 11.17 3.57 -0.96
C GLY A 16 11.46 2.09 -1.07
N ALA A 17 10.46 1.28 -0.80
CA ALA A 17 10.58 -0.17 -0.90
C ALA A 17 9.93 -0.65 -2.18
N CYS A 18 10.49 -1.69 -2.79
CA CYS A 18 9.88 -2.25 -3.98
C CYS A 18 8.86 -3.30 -3.59
N ARG A 19 7.79 -3.38 -4.37
CA ARG A 19 6.74 -4.37 -4.18
C ARG A 19 6.08 -4.33 -2.80
N ASN A 20 6.56 -3.51 -1.87
CA ASN A 20 6.05 -3.55 -0.51
C ASN A 20 5.07 -2.43 -0.24
N VAL A 21 3.80 -2.80 -0.17
CA VAL A 21 2.73 -1.85 0.12
C VAL A 21 1.77 -2.46 1.12
N PHE A 22 1.66 -1.85 2.28
CA PHE A 22 0.81 -2.38 3.34
C PHE A 22 -0.34 -1.42 3.64
N LEU A 23 -1.56 -1.92 3.54
CA LEU A 23 -2.75 -1.13 3.83
C LEU A 23 -3.37 -1.56 5.14
N GLY A 24 -3.72 -0.60 5.98
CA GLY A 24 -4.33 -0.91 7.25
C GLY A 24 -5.40 0.08 7.67
N ASN A 25 -6.48 0.12 6.90
CA ASN A 25 -7.63 0.99 7.20
C ASN A 25 -8.68 0.87 6.12
N LEU A 26 -8.88 -0.34 5.65
CA LEU A 26 -9.86 -0.60 4.60
C LEU A 26 -11.23 -0.89 5.20
N PRO A 27 -12.29 -0.85 4.38
CA PRO A 27 -13.62 -1.20 4.83
C PRO A 27 -13.84 -2.71 4.76
N ASN A 28 -14.91 -3.17 5.36
CA ASN A 28 -15.23 -4.58 5.32
C ASN A 28 -15.88 -4.91 3.98
N GLY A 29 -15.31 -5.88 3.30
CA GLY A 29 -15.85 -6.27 2.00
C GLY A 29 -14.98 -5.81 0.85
N ILE A 30 -13.92 -5.07 1.16
CA ILE A 30 -12.99 -4.58 0.14
C ILE A 30 -12.37 -5.75 -0.61
N THR A 31 -12.48 -5.73 -1.93
CA THR A 31 -11.97 -6.81 -2.74
C THR A 31 -10.76 -6.36 -3.54
N GLU A 32 -9.94 -7.33 -3.92
CA GLU A 32 -8.72 -7.05 -4.67
C GLU A 32 -9.07 -6.42 -5.99
N ASP A 33 -10.17 -6.86 -6.57
CA ASP A 33 -10.67 -6.33 -7.85
C ASP A 33 -10.75 -4.81 -7.82
N GLU A 34 -11.13 -4.29 -6.65
CA GLU A 34 -11.24 -2.84 -6.45
C GLU A 34 -9.87 -2.20 -6.42
N ILE A 35 -9.04 -2.63 -5.48
CA ILE A 35 -7.71 -2.07 -5.31
C ILE A 35 -6.86 -2.26 -6.57
N ARG A 36 -6.97 -3.41 -7.20
CA ARG A 36 -6.32 -3.67 -8.47
C ARG A 36 -6.67 -2.64 -9.52
N GLU A 37 -7.96 -2.58 -9.86
CA GLU A 37 -8.42 -1.65 -10.89
C GLU A 37 -8.02 -0.22 -10.55
N ASP A 38 -7.83 0.03 -9.27
CA ASP A 38 -7.51 1.36 -8.80
C ASP A 38 -6.01 1.63 -8.87
N LEU A 39 -5.19 0.60 -8.68
CA LEU A 39 -3.75 0.81 -8.54
C LEU A 39 -2.96 0.34 -9.76
N GLU A 40 -3.61 -0.46 -10.60
CA GLU A 40 -2.96 -1.03 -11.78
C GLU A 40 -2.48 0.03 -12.76
N PRO A 41 -3.24 1.15 -12.95
CA PRO A 41 -2.91 2.13 -13.98
C PRO A 41 -1.60 2.84 -13.70
N PHE A 42 -1.26 3.01 -12.42
CA PHE A 42 0.01 3.62 -12.06
C PHE A 42 0.95 2.60 -11.43
N GLY A 43 0.53 1.36 -11.36
CA GLY A 43 1.37 0.37 -10.74
C GLY A 43 0.74 -1.00 -10.75
N PRO A 44 1.11 -1.85 -11.72
CA PRO A 44 0.60 -3.21 -11.79
C PRO A 44 1.06 -4.02 -10.58
N ILE A 45 0.13 -4.75 -9.99
CA ILE A 45 0.43 -5.59 -8.85
C ILE A 45 0.40 -7.07 -9.23
N ASP A 46 1.20 -7.87 -8.54
CA ASP A 46 1.24 -9.32 -8.77
C ASP A 46 0.57 -10.06 -7.64
N GLN A 47 0.57 -9.45 -6.47
CA GLN A 47 0.07 -10.11 -5.28
C GLN A 47 -0.67 -9.13 -4.39
N ILE A 48 -1.93 -9.42 -4.15
CA ILE A 48 -2.77 -8.57 -3.31
C ILE A 48 -3.56 -9.44 -2.33
N LYS A 49 -3.23 -9.30 -1.05
CA LYS A 49 -3.90 -10.06 -0.01
C LYS A 49 -4.64 -9.13 0.93
N ILE A 50 -5.95 -9.21 0.90
CA ILE A 50 -6.77 -8.39 1.77
C ILE A 50 -7.27 -9.19 2.95
N VAL A 51 -6.95 -8.73 4.14
CA VAL A 51 -7.50 -9.31 5.34
C VAL A 51 -8.56 -8.37 5.89
N THR A 52 -9.78 -8.52 5.40
CA THR A 52 -10.88 -7.63 5.77
C THR A 52 -11.28 -7.86 7.22
N GLU A 53 -10.83 -8.98 7.78
CA GLU A 53 -11.05 -9.29 9.17
C GLU A 53 -10.29 -8.31 10.06
N ARG A 54 -9.13 -7.85 9.57
CA ARG A 54 -8.30 -6.93 10.34
C ARG A 54 -8.19 -5.58 9.64
N ASN A 55 -8.92 -5.44 8.53
CA ASN A 55 -9.00 -4.18 7.78
C ASN A 55 -7.66 -3.85 7.13
N ILE A 56 -6.86 -4.87 6.88
CA ILE A 56 -5.51 -4.69 6.37
C ILE A 56 -5.32 -5.42 5.05
N ALA A 57 -4.41 -4.92 4.23
CA ALA A 57 -4.11 -5.54 2.95
C ALA A 57 -2.64 -5.45 2.62
N PHE A 58 -2.12 -6.53 2.05
CA PHE A 58 -0.73 -6.59 1.63
C PHE A 58 -0.65 -6.64 0.11
N VAL A 59 -0.08 -5.60 -0.47
CA VAL A 59 0.02 -5.49 -1.92
C VAL A 59 1.48 -5.62 -2.33
N HIS A 60 1.74 -6.38 -3.38
CA HIS A 60 3.11 -6.49 -3.88
C HIS A 60 3.22 -5.96 -5.30
N PHE A 61 3.76 -4.74 -5.39
CA PHE A 61 3.95 -4.06 -6.67
C PHE A 61 5.25 -4.47 -7.34
N LEU A 62 5.12 -5.31 -8.38
CA LEU A 62 6.28 -5.89 -9.06
C LEU A 62 7.36 -4.87 -9.40
N ASN A 63 6.97 -3.68 -9.80
CA ASN A 63 7.93 -2.63 -10.08
C ASN A 63 8.13 -1.77 -8.84
N ILE A 64 9.37 -1.36 -8.59
CA ILE A 64 9.68 -0.53 -7.45
C ILE A 64 8.93 0.81 -7.58
N ALA A 65 8.96 1.37 -8.78
CA ALA A 65 8.37 2.68 -9.04
C ALA A 65 6.84 2.60 -8.98
N ALA A 66 6.31 1.43 -9.32
CA ALA A 66 4.87 1.21 -9.30
C ALA A 66 4.34 1.41 -7.89
N ALA A 67 5.07 0.88 -6.93
CA ALA A 67 4.69 1.01 -5.53
C ALA A 67 4.82 2.44 -5.07
N ILE A 68 5.89 3.10 -5.50
CA ILE A 68 6.16 4.47 -5.10
C ILE A 68 5.00 5.39 -5.45
N LYS A 69 4.69 5.47 -6.75
CA LYS A 69 3.65 6.34 -7.23
C LYS A 69 2.29 5.96 -6.66
N ALA A 70 2.03 4.66 -6.54
CA ALA A 70 0.76 4.19 -5.97
C ALA A 70 0.61 4.62 -4.52
N VAL A 71 1.63 4.37 -3.72
CA VAL A 71 1.59 4.74 -2.30
C VAL A 71 1.53 6.25 -2.13
N GLN A 72 2.05 6.98 -3.11
CA GLN A 72 2.02 8.45 -3.07
C GLN A 72 0.70 9.01 -3.60
N GLU A 73 0.00 8.23 -4.42
CA GLU A 73 -1.24 8.67 -5.06
C GLU A 73 -2.45 8.25 -4.25
N LEU A 74 -2.34 7.11 -3.59
CA LEU A 74 -3.41 6.57 -2.78
C LEU A 74 -3.92 7.61 -1.76
N PRO A 75 -3.02 8.27 -0.99
CA PRO A 75 -3.42 9.27 0.00
C PRO A 75 -3.97 10.54 -0.64
N LEU A 76 -3.82 10.67 -1.94
CA LEU A 76 -4.32 11.86 -2.63
C LEU A 76 -5.73 11.66 -3.15
N ASN A 77 -6.20 10.42 -3.07
CA ASN A 77 -7.52 10.07 -3.60
C ASN A 77 -8.54 9.84 -2.49
N PRO A 78 -9.81 10.12 -2.78
CA PRO A 78 -10.89 10.14 -1.78
C PRO A 78 -11.19 8.76 -1.22
N LYS A 79 -11.02 7.73 -2.05
CA LYS A 79 -11.30 6.36 -1.61
C LYS A 79 -10.10 5.81 -0.91
N TRP A 80 -8.95 6.03 -1.53
CA TRP A 80 -7.71 5.42 -1.08
C TRP A 80 -7.17 6.13 0.14
N SER A 81 -7.44 7.44 0.24
CA SER A 81 -6.96 8.20 1.39
C SER A 81 -7.70 7.78 2.66
N LYS A 82 -8.81 7.07 2.49
CA LYS A 82 -9.52 6.51 3.62
C LYS A 82 -8.81 5.26 4.12
N ARG A 83 -7.81 4.84 3.38
CA ARG A 83 -7.01 3.68 3.76
C ARG A 83 -5.61 4.13 4.14
N ARG A 84 -5.03 3.47 5.13
CA ARG A 84 -3.69 3.79 5.58
C ARG A 84 -2.67 2.94 4.83
N ILE A 85 -1.96 3.54 3.91
CA ILE A 85 -0.96 2.82 3.16
C ILE A 85 0.43 3.40 3.40
N TYR A 86 1.40 2.52 3.50
CA TYR A 86 2.79 2.90 3.59
C TYR A 86 3.66 1.78 3.04
N TYR A 87 4.94 2.06 2.83
CA TYR A 87 5.88 1.03 2.43
C TYR A 87 5.95 -0.07 3.48
N GLY A 88 5.60 -1.27 3.08
CA GLY A 88 5.67 -2.40 3.98
C GLY A 88 7.06 -3.00 4.05
N ARG A 89 7.18 -4.12 4.75
CA ARG A 89 8.46 -4.77 4.91
C ARG A 89 8.41 -6.21 4.45
N ASP A 90 9.50 -6.66 3.85
CA ASP A 90 9.61 -8.01 3.34
C ASP A 90 11.04 -8.27 2.89
N ARG A 91 11.53 -9.46 3.17
CA ARG A 91 12.94 -9.77 2.98
C ARG A 91 13.21 -10.31 1.58
N CYS A 92 12.15 -10.46 0.81
CA CYS A 92 12.26 -10.88 -0.57
C CYS A 92 12.03 -9.70 -1.50
N ALA A 93 11.77 -8.54 -0.90
CA ALA A 93 11.47 -7.33 -1.64
C ALA A 93 12.33 -6.17 -1.13
N VAL A 94 13.52 -6.51 -0.64
CA VAL A 94 14.47 -5.56 -0.05
C VAL A 94 13.77 -4.44 0.76
N GLY A 95 12.80 -4.86 1.56
CA GLY A 95 12.13 -3.94 2.45
C GLY A 95 12.41 -4.31 3.88
N LEU A 96 13.52 -3.82 4.42
CA LEU A 96 13.97 -4.22 5.73
C LEU A 96 13.38 -3.33 6.82
N LYS A 97 13.38 -3.85 8.03
CA LYS A 97 12.90 -3.11 9.18
C LYS A 97 13.84 -3.32 10.35
N ASN A 1 2.24 15.53 16.90
CA ASN A 1 2.31 14.06 16.76
C ASN A 1 2.09 13.64 15.32
N SER A 2 3.15 13.22 14.66
CA SER A 2 3.04 12.78 13.27
C SER A 2 3.15 11.26 13.19
N ALA A 3 3.60 10.65 14.28
CA ALA A 3 3.80 9.20 14.35
C ALA A 3 2.47 8.46 14.52
N SER A 4 1.37 9.19 14.46
CA SER A 4 0.05 8.59 14.56
C SER A 4 -0.31 7.88 13.26
N ASN A 5 0.28 8.36 12.16
CA ASN A 5 0.07 7.77 10.84
C ASN A 5 -1.41 7.79 10.45
N SER A 6 -2.12 8.81 10.92
CA SER A 6 -3.52 8.98 10.57
C SER A 6 -3.60 9.49 9.14
N SER A 7 -2.54 10.15 8.73
CA SER A 7 -2.34 10.55 7.36
C SER A 7 -0.89 10.23 6.98
N VAL A 8 -0.51 10.43 5.74
CA VAL A 8 0.87 10.20 5.36
C VAL A 8 1.80 11.14 6.11
N LEU A 9 2.64 10.57 6.96
CA LEU A 9 3.62 11.33 7.72
C LEU A 9 4.48 12.15 6.77
N LEU A 10 4.09 13.41 6.57
CA LEU A 10 4.75 14.34 5.65
C LEU A 10 4.90 13.76 4.24
N ALA A 11 4.23 12.63 3.99
CA ALA A 11 4.37 11.88 2.74
C ALA A 11 5.82 11.47 2.50
N VAL A 12 6.62 11.44 3.56
CA VAL A 12 8.05 11.17 3.45
C VAL A 12 8.40 9.80 4.01
N GLN A 13 7.40 8.93 4.14
CA GLN A 13 7.63 7.58 4.65
C GLN A 13 8.25 6.68 3.57
N GLN A 14 9.03 7.29 2.69
CA GLN A 14 9.66 6.58 1.60
C GLN A 14 10.91 5.86 2.10
N SER A 15 11.00 4.58 1.81
CA SER A 15 12.14 3.78 2.20
C SER A 15 12.42 2.74 1.13
N GLY A 16 13.48 1.97 1.31
CA GLY A 16 13.81 0.92 0.37
C GLY A 16 12.81 -0.22 0.42
N ALA A 17 11.78 -0.13 -0.39
CA ALA A 17 10.75 -1.16 -0.43
C ALA A 17 10.18 -1.30 -1.83
N CYS A 18 10.52 -2.37 -2.52
CA CYS A 18 9.93 -2.66 -3.79
C CYS A 18 8.83 -3.66 -3.59
N ARG A 19 7.77 -3.55 -4.38
CA ARG A 19 6.61 -4.42 -4.25
C ARG A 19 5.99 -4.38 -2.87
N ASN A 20 6.44 -3.50 -1.98
CA ASN A 20 5.98 -3.53 -0.61
C ASN A 20 5.03 -2.38 -0.32
N VAL A 21 3.75 -2.71 -0.22
CA VAL A 21 2.72 -1.75 0.09
C VAL A 21 1.76 -2.35 1.10
N PHE A 22 1.63 -1.73 2.26
CA PHE A 22 0.78 -2.26 3.31
C PHE A 22 -0.38 -1.31 3.58
N LEU A 23 -1.59 -1.84 3.49
CA LEU A 23 -2.78 -1.06 3.78
C LEU A 23 -3.39 -1.50 5.09
N GLY A 24 -3.67 -0.54 5.96
CA GLY A 24 -4.22 -0.87 7.27
C GLY A 24 -5.34 0.06 7.69
N ASN A 25 -6.40 0.09 6.89
CA ASN A 25 -7.60 0.87 7.19
C ASN A 25 -8.61 0.76 6.06
N LEU A 26 -8.79 -0.44 5.56
CA LEU A 26 -9.69 -0.66 4.43
C LEU A 26 -11.13 -0.89 4.91
N PRO A 27 -12.11 -0.78 4.00
CA PRO A 27 -13.50 -1.06 4.32
C PRO A 27 -13.78 -2.56 4.41
N ASN A 28 -14.94 -2.91 4.91
CA ASN A 28 -15.33 -4.31 5.03
C ASN A 28 -15.79 -4.83 3.67
N GLY A 29 -15.25 -5.96 3.29
CA GLY A 29 -15.65 -6.59 2.04
C GLY A 29 -14.80 -6.17 0.87
N ILE A 30 -13.78 -5.37 1.13
CA ILE A 30 -12.90 -4.87 0.09
C ILE A 30 -12.24 -6.02 -0.68
N THR A 31 -12.34 -5.98 -2.00
CA THR A 31 -11.79 -7.02 -2.82
C THR A 31 -10.61 -6.51 -3.64
N GLU A 32 -9.74 -7.43 -4.03
CA GLU A 32 -8.55 -7.10 -4.78
C GLU A 32 -8.93 -6.48 -6.10
N ASP A 33 -10.02 -6.97 -6.67
CA ASP A 33 -10.55 -6.45 -7.93
C ASP A 33 -10.65 -4.93 -7.89
N GLU A 34 -11.09 -4.41 -6.74
CA GLU A 34 -11.25 -2.97 -6.57
C GLU A 34 -9.90 -2.27 -6.50
N ILE A 35 -9.07 -2.71 -5.58
CA ILE A 35 -7.75 -2.11 -5.38
C ILE A 35 -6.88 -2.25 -6.63
N ARG A 36 -6.87 -3.43 -7.23
CA ARG A 36 -6.15 -3.68 -8.47
C ARG A 36 -6.52 -2.71 -9.55
N GLU A 37 -7.78 -2.73 -9.94
CA GLU A 37 -8.26 -1.87 -11.02
C GLU A 37 -7.96 -0.42 -10.72
N ASP A 38 -7.82 -0.11 -9.44
CA ASP A 38 -7.57 1.24 -9.03
C ASP A 38 -6.08 1.58 -9.05
N LEU A 39 -5.22 0.59 -8.79
CA LEU A 39 -3.80 0.86 -8.63
C LEU A 39 -3.00 0.41 -9.85
N GLU A 40 -3.63 -0.40 -10.70
CA GLU A 40 -2.97 -0.96 -11.87
C GLU A 40 -2.51 0.13 -12.85
N PRO A 41 -3.28 1.24 -13.02
CA PRO A 41 -2.97 2.23 -14.05
C PRO A 41 -1.67 2.98 -13.76
N PHE A 42 -1.31 3.08 -12.49
CA PHE A 42 -0.03 3.69 -12.13
C PHE A 42 0.96 2.68 -11.59
N GLY A 43 0.48 1.51 -11.25
CA GLY A 43 1.33 0.53 -10.61
C GLY A 43 0.72 -0.85 -10.64
N PRO A 44 1.13 -1.68 -11.59
CA PRO A 44 0.64 -3.04 -11.70
C PRO A 44 1.06 -3.87 -10.49
N ILE A 45 0.11 -4.63 -9.95
CA ILE A 45 0.37 -5.47 -8.81
C ILE A 45 0.30 -6.95 -9.19
N ASP A 46 1.09 -7.78 -8.51
CA ASP A 46 1.09 -9.22 -8.76
C ASP A 46 0.46 -9.97 -7.61
N GLN A 47 0.47 -9.35 -6.44
CA GLN A 47 0.00 -10.00 -5.24
C GLN A 47 -0.74 -9.01 -4.35
N ILE A 48 -1.99 -9.32 -4.05
CA ILE A 48 -2.79 -8.48 -3.19
C ILE A 48 -3.55 -9.33 -2.19
N LYS A 49 -3.08 -9.30 -0.96
CA LYS A 49 -3.66 -10.10 0.11
C LYS A 49 -4.42 -9.21 1.06
N ILE A 50 -5.73 -9.30 1.01
CA ILE A 50 -6.58 -8.48 1.85
C ILE A 50 -7.10 -9.27 3.04
N VAL A 51 -6.87 -8.74 4.22
CA VAL A 51 -7.48 -9.28 5.43
C VAL A 51 -8.51 -8.29 5.94
N THR A 52 -9.74 -8.43 5.44
CA THR A 52 -10.83 -7.50 5.78
C THR A 52 -11.24 -7.68 7.22
N GLU A 53 -10.78 -8.76 7.83
CA GLU A 53 -11.02 -9.04 9.24
C GLU A 53 -10.27 -8.05 10.11
N ARG A 54 -9.09 -7.65 9.66
CA ARG A 54 -8.24 -6.73 10.42
C ARG A 54 -8.10 -5.40 9.68
N ASN A 55 -8.82 -5.28 8.57
CA ASN A 55 -8.86 -4.05 7.78
C ASN A 55 -7.52 -3.77 7.11
N ILE A 56 -6.75 -4.82 6.89
CA ILE A 56 -5.39 -4.68 6.38
C ILE A 56 -5.19 -5.44 5.07
N ALA A 57 -4.29 -4.94 4.24
CA ALA A 57 -4.00 -5.57 2.96
C ALA A 57 -2.52 -5.44 2.63
N PHE A 58 -1.96 -6.53 2.12
CA PHE A 58 -0.57 -6.59 1.69
C PHE A 58 -0.52 -6.63 0.16
N VAL A 59 -0.04 -5.55 -0.43
CA VAL A 59 0.01 -5.41 -1.87
C VAL A 59 1.46 -5.52 -2.34
N HIS A 60 1.69 -6.29 -3.41
CA HIS A 60 3.04 -6.39 -3.94
C HIS A 60 3.12 -5.79 -5.33
N PHE A 61 3.66 -4.58 -5.38
CA PHE A 61 3.87 -3.87 -6.65
C PHE A 61 5.18 -4.28 -7.30
N LEU A 62 5.08 -5.15 -8.30
CA LEU A 62 6.24 -5.74 -8.96
C LEU A 62 7.34 -4.72 -9.27
N ASN A 63 6.95 -3.53 -9.67
CA ASN A 63 7.93 -2.46 -9.91
C ASN A 63 8.08 -1.61 -8.66
N ILE A 64 9.31 -1.23 -8.36
CA ILE A 64 9.58 -0.39 -7.21
C ILE A 64 8.88 0.97 -7.40
N ALA A 65 8.94 1.50 -8.62
CA ALA A 65 8.36 2.80 -8.90
C ALA A 65 6.84 2.74 -8.90
N ALA A 66 6.31 1.57 -9.24
CA ALA A 66 4.87 1.36 -9.26
C ALA A 66 4.29 1.56 -7.87
N ALA A 67 5.01 1.05 -6.87
CA ALA A 67 4.60 1.20 -5.48
C ALA A 67 4.72 2.65 -5.03
N ILE A 68 5.79 3.30 -5.47
CA ILE A 68 6.06 4.68 -5.08
C ILE A 68 4.89 5.59 -5.45
N LYS A 69 4.59 5.66 -6.74
CA LYS A 69 3.53 6.51 -7.24
C LYS A 69 2.18 6.12 -6.64
N ALA A 70 1.91 4.83 -6.55
CA ALA A 70 0.65 4.34 -6.00
C ALA A 70 0.48 4.77 -4.54
N VAL A 71 1.50 4.52 -3.73
CA VAL A 71 1.46 4.86 -2.32
C VAL A 71 1.38 6.38 -2.11
N GLN A 72 1.88 7.13 -3.09
CA GLN A 72 1.83 8.59 -3.02
C GLN A 72 0.50 9.14 -3.54
N GLU A 73 -0.20 8.36 -4.38
CA GLU A 73 -1.44 8.80 -5.00
C GLU A 73 -2.65 8.33 -4.20
N LEU A 74 -2.52 7.16 -3.59
CA LEU A 74 -3.58 6.58 -2.78
C LEU A 74 -4.13 7.57 -1.75
N PRO A 75 -3.25 8.24 -0.97
CA PRO A 75 -3.69 9.20 0.05
C PRO A 75 -4.34 10.44 -0.53
N LEU A 76 -4.13 10.69 -1.82
CA LEU A 76 -4.68 11.89 -2.45
C LEU A 76 -6.06 11.62 -3.06
N ASN A 77 -6.47 10.37 -2.98
CA ASN A 77 -7.72 9.94 -3.61
C ASN A 77 -8.81 9.68 -2.57
N PRO A 78 -10.08 9.91 -2.95
CA PRO A 78 -11.20 9.93 -2.02
C PRO A 78 -11.47 8.57 -1.38
N LYS A 79 -11.27 7.50 -2.14
CA LYS A 79 -11.55 6.16 -1.66
C LYS A 79 -10.32 5.63 -0.93
N TRP A 80 -9.18 5.84 -1.55
CA TRP A 80 -7.93 5.27 -1.06
C TRP A 80 -7.42 6.04 0.16
N SER A 81 -7.75 7.32 0.23
CA SER A 81 -7.34 8.15 1.36
C SER A 81 -7.96 7.63 2.66
N LYS A 82 -9.06 6.89 2.52
CA LYS A 82 -9.71 6.30 3.68
C LYS A 82 -8.88 5.17 4.25
N ARG A 83 -7.94 4.69 3.45
CA ARG A 83 -7.03 3.64 3.85
C ARG A 83 -5.70 4.21 4.27
N ARG A 84 -5.06 3.58 5.23
CA ARG A 84 -3.73 3.98 5.67
C ARG A 84 -2.70 3.13 4.96
N ILE A 85 -2.01 3.72 3.98
CA ILE A 85 -1.03 2.97 3.22
C ILE A 85 0.37 3.51 3.43
N TYR A 86 1.32 2.60 3.50
CA TYR A 86 2.73 2.95 3.52
C TYR A 86 3.53 1.82 2.91
N TYR A 87 4.80 2.06 2.66
CA TYR A 87 5.68 1.01 2.21
C TYR A 87 5.72 -0.11 3.22
N GLY A 88 5.25 -1.27 2.81
CA GLY A 88 5.16 -2.40 3.71
C GLY A 88 6.52 -2.93 4.09
N ARG A 89 6.63 -3.43 5.29
CA ARG A 89 7.88 -4.00 5.73
C ARG A 89 7.72 -5.48 5.97
N ASP A 90 8.33 -6.23 5.08
CA ASP A 90 8.19 -7.68 5.02
C ASP A 90 9.14 -8.21 3.96
N ARG A 91 9.65 -9.41 4.18
CA ARG A 91 10.70 -9.95 3.32
C ARG A 91 10.11 -10.88 2.27
N CYS A 92 8.79 -11.07 2.35
CA CYS A 92 8.06 -11.97 1.46
C CYS A 92 8.53 -13.41 1.67
N ALA A 93 8.93 -13.70 2.91
CA ALA A 93 9.47 -15.00 3.27
C ALA A 93 8.66 -15.60 4.42
N VAL A 94 7.36 -15.33 4.40
CA VAL A 94 6.42 -15.73 5.47
C VAL A 94 7.02 -15.55 6.87
N GLY A 95 6.92 -14.32 7.37
CA GLY A 95 7.43 -14.02 8.68
C GLY A 95 8.41 -12.88 8.67
N LEU A 96 8.31 -12.00 9.65
CA LEU A 96 9.20 -10.84 9.73
C LEU A 96 10.59 -11.26 10.15
N LYS A 97 11.57 -11.02 9.29
CA LYS A 97 12.95 -11.33 9.60
C LYS A 97 13.78 -10.06 9.52
N ASN A 1 -6.44 15.86 6.56
CA ASN A 1 -5.16 16.46 7.02
C ASN A 1 -4.27 15.39 7.61
N SER A 2 -3.01 15.74 7.84
CA SER A 2 -2.03 14.79 8.36
C SER A 2 -1.73 15.08 9.83
N ALA A 3 -1.87 14.07 10.67
CA ALA A 3 -1.58 14.21 12.09
C ALA A 3 -0.12 13.87 12.36
N SER A 4 0.66 14.88 12.74
CA SER A 4 2.10 14.72 12.90
C SER A 4 2.48 14.04 14.21
N ASN A 5 1.49 13.83 15.09
CA ASN A 5 1.74 13.10 16.34
C ASN A 5 2.05 11.65 16.03
N SER A 6 1.62 11.21 14.86
CA SER A 6 1.91 9.88 14.36
C SER A 6 2.91 9.96 13.21
N SER A 7 3.95 9.17 13.27
CA SER A 7 4.97 9.19 12.24
C SER A 7 4.90 7.93 11.39
N VAL A 8 5.34 8.06 10.14
CA VAL A 8 5.36 6.93 9.23
C VAL A 8 6.63 6.97 8.37
N LEU A 9 7.71 6.44 8.91
CA LEU A 9 8.95 6.40 8.16
C LEU A 9 8.87 5.30 7.12
N LEU A 10 7.97 4.38 7.37
CA LEU A 10 7.68 3.32 6.40
C LEU A 10 7.00 3.93 5.17
N ALA A 11 6.64 5.20 5.26
CA ALA A 11 6.02 5.88 4.15
C ALA A 11 6.97 6.87 3.51
N VAL A 12 8.13 7.11 4.14
CA VAL A 12 9.08 8.07 3.59
C VAL A 12 10.27 7.37 2.95
N GLN A 13 10.23 6.04 2.94
CA GLN A 13 11.32 5.26 2.37
C GLN A 13 10.93 4.70 1.01
N GLN A 14 10.97 5.56 0.00
CA GLN A 14 10.61 5.17 -1.36
C GLN A 14 11.68 4.24 -1.92
N SER A 15 12.89 4.39 -1.44
CA SER A 15 13.98 3.50 -1.80
C SER A 15 14.16 2.42 -0.72
N GLY A 16 13.17 2.32 0.15
CA GLY A 16 13.25 1.40 1.27
C GLY A 16 12.47 0.13 1.03
N ALA A 17 11.58 0.15 0.05
CA ALA A 17 10.77 -1.01 -0.25
C ALA A 17 10.44 -1.07 -1.74
N CYS A 18 10.40 -2.28 -2.26
CA CYS A 18 9.93 -2.53 -3.62
C CYS A 18 8.88 -3.62 -3.57
N ARG A 19 7.88 -3.53 -4.45
CA ARG A 19 6.76 -4.48 -4.45
C ARG A 19 6.10 -4.63 -3.07
N ASN A 20 6.41 -3.73 -2.16
CA ASN A 20 5.94 -3.86 -0.77
C ASN A 20 5.02 -2.71 -0.41
N VAL A 21 3.74 -3.01 -0.30
CA VAL A 21 2.74 -2.01 0.06
C VAL A 21 1.79 -2.59 1.09
N PHE A 22 1.66 -1.92 2.23
CA PHE A 22 0.82 -2.41 3.31
C PHE A 22 -0.33 -1.44 3.56
N LEU A 23 -1.55 -1.94 3.47
CA LEU A 23 -2.74 -1.13 3.76
C LEU A 23 -3.32 -1.55 5.10
N GLY A 24 -3.64 -0.58 5.93
CA GLY A 24 -4.20 -0.88 7.24
C GLY A 24 -5.29 0.08 7.66
N ASN A 25 -6.36 0.16 6.86
CA ASN A 25 -7.52 0.99 7.19
C ASN A 25 -8.59 0.87 6.10
N LEU A 26 -8.66 -0.30 5.50
CA LEU A 26 -9.61 -0.54 4.40
C LEU A 26 -11.02 -0.70 4.92
N PRO A 27 -12.03 -0.54 4.05
CA PRO A 27 -13.42 -0.79 4.41
C PRO A 27 -13.70 -2.29 4.51
N ASN A 28 -14.78 -2.64 5.15
CA ASN A 28 -15.15 -4.04 5.28
C ASN A 28 -15.77 -4.52 3.97
N GLY A 29 -15.17 -5.52 3.37
CA GLY A 29 -15.69 -6.04 2.11
C GLY A 29 -14.84 -5.66 0.93
N ILE A 30 -13.77 -4.90 1.17
CA ILE A 30 -12.86 -4.50 0.11
C ILE A 30 -12.25 -5.71 -0.58
N THR A 31 -12.34 -5.75 -1.91
CA THR A 31 -11.82 -6.87 -2.66
C THR A 31 -10.63 -6.45 -3.52
N GLU A 32 -9.82 -7.43 -3.89
CA GLU A 32 -8.59 -7.18 -4.61
C GLU A 32 -8.88 -6.53 -5.94
N ASP A 33 -9.95 -7.00 -6.59
CA ASP A 33 -10.34 -6.48 -7.90
C ASP A 33 -10.48 -4.97 -7.87
N GLU A 34 -10.97 -4.46 -6.74
CA GLU A 34 -11.13 -3.01 -6.56
C GLU A 34 -9.76 -2.33 -6.52
N ILE A 35 -8.93 -2.77 -5.59
CA ILE A 35 -7.61 -2.20 -5.42
C ILE A 35 -6.76 -2.39 -6.68
N ARG A 36 -6.85 -3.55 -7.29
CA ARG A 36 -6.19 -3.83 -8.57
C ARG A 36 -6.53 -2.79 -9.62
N GLU A 37 -7.80 -2.72 -9.96
CA GLU A 37 -8.25 -1.82 -11.02
C GLU A 37 -7.90 -0.38 -10.68
N ASP A 38 -7.74 -0.11 -9.40
CA ASP A 38 -7.47 1.23 -8.96
C ASP A 38 -5.98 1.54 -8.96
N LEU A 39 -5.15 0.53 -8.71
CA LEU A 39 -3.72 0.78 -8.51
C LEU A 39 -2.89 0.35 -9.71
N GLU A 40 -3.46 -0.51 -10.55
CA GLU A 40 -2.74 -1.06 -11.70
C GLU A 40 -2.39 0.02 -12.73
N PRO A 41 -3.21 1.08 -12.92
CA PRO A 41 -2.95 2.07 -13.97
C PRO A 41 -1.67 2.86 -13.69
N PHE A 42 -1.32 3.02 -12.41
CA PHE A 42 -0.07 3.67 -12.05
C PHE A 42 0.90 2.67 -11.42
N GLY A 43 0.52 1.41 -11.38
CA GLY A 43 1.36 0.43 -10.75
C GLY A 43 0.75 -0.96 -10.76
N PRO A 44 1.18 -1.81 -11.69
CA PRO A 44 0.68 -3.17 -11.76
C PRO A 44 1.10 -3.99 -10.54
N ILE A 45 0.16 -4.73 -9.98
CA ILE A 45 0.43 -5.57 -8.83
C ILE A 45 0.48 -7.05 -9.21
N ASP A 46 1.25 -7.83 -8.46
CA ASP A 46 1.39 -9.26 -8.69
C ASP A 46 0.60 -10.05 -7.65
N GLN A 47 0.45 -9.45 -6.48
CA GLN A 47 -0.17 -10.14 -5.36
C GLN A 47 -0.83 -9.14 -4.42
N ILE A 48 -2.09 -9.43 -4.08
CA ILE A 48 -2.86 -8.56 -3.20
C ILE A 48 -3.63 -9.41 -2.19
N LYS A 49 -3.22 -9.33 -0.93
CA LYS A 49 -3.87 -10.08 0.13
C LYS A 49 -4.61 -9.15 1.06
N ILE A 50 -5.91 -9.23 1.07
CA ILE A 50 -6.72 -8.37 1.91
C ILE A 50 -7.28 -9.13 3.11
N VAL A 51 -6.89 -8.71 4.29
CA VAL A 51 -7.47 -9.23 5.49
C VAL A 51 -8.52 -8.25 5.99
N THR A 52 -9.73 -8.43 5.49
CA THR A 52 -10.84 -7.54 5.79
C THR A 52 -11.19 -7.60 7.27
N GLU A 53 -10.80 -8.70 7.91
CA GLU A 53 -10.98 -8.86 9.35
C GLU A 53 -10.29 -7.74 10.11
N ARG A 54 -9.12 -7.34 9.63
CA ARG A 54 -8.33 -6.33 10.30
C ARG A 54 -8.24 -5.05 9.47
N ASN A 55 -8.93 -5.04 8.33
CA ASN A 55 -8.95 -3.88 7.44
C ASN A 55 -7.56 -3.64 6.85
N ILE A 56 -6.80 -4.71 6.71
CA ILE A 56 -5.42 -4.61 6.26
C ILE A 56 -5.18 -5.39 4.98
N ALA A 57 -4.23 -4.92 4.18
CA ALA A 57 -3.93 -5.57 2.91
C ALA A 57 -2.44 -5.50 2.59
N PHE A 58 -1.94 -6.59 2.03
CA PHE A 58 -0.55 -6.69 1.60
C PHE A 58 -0.49 -6.76 0.08
N VAL A 59 0.09 -5.75 -0.53
CA VAL A 59 0.12 -5.62 -1.98
C VAL A 59 1.54 -5.77 -2.49
N HIS A 60 1.72 -6.47 -3.60
CA HIS A 60 3.04 -6.59 -4.21
C HIS A 60 3.13 -5.85 -5.54
N PHE A 61 3.73 -4.67 -5.51
CA PHE A 61 3.94 -3.88 -6.74
C PHE A 61 5.25 -4.25 -7.41
N LEU A 62 5.16 -5.11 -8.42
CA LEU A 62 6.33 -5.68 -9.09
C LEU A 62 7.36 -4.63 -9.46
N ASN A 63 6.92 -3.51 -10.01
CA ASN A 63 7.84 -2.43 -10.31
C ASN A 63 8.02 -1.55 -9.08
N ILE A 64 9.26 -1.18 -8.80
CA ILE A 64 9.55 -0.41 -7.61
C ILE A 64 8.85 0.96 -7.70
N ALA A 65 8.85 1.55 -8.88
CA ALA A 65 8.26 2.87 -9.10
C ALA A 65 6.74 2.78 -9.02
N ALA A 66 6.21 1.61 -9.34
CA ALA A 66 4.78 1.39 -9.32
C ALA A 66 4.25 1.55 -7.90
N ALA A 67 5.00 1.02 -6.95
CA ALA A 67 4.64 1.12 -5.55
C ALA A 67 4.76 2.56 -5.06
N ILE A 68 5.82 3.22 -5.49
CA ILE A 68 6.08 4.59 -5.08
C ILE A 68 4.90 5.50 -5.40
N LYS A 69 4.57 5.59 -6.68
CA LYS A 69 3.50 6.47 -7.12
C LYS A 69 2.15 6.05 -6.54
N ALA A 70 1.90 4.76 -6.48
CA ALA A 70 0.64 4.26 -5.93
C ALA A 70 0.48 4.66 -4.46
N VAL A 71 1.52 4.45 -3.67
CA VAL A 71 1.50 4.81 -2.25
C VAL A 71 1.42 6.33 -2.07
N GLN A 72 1.89 7.07 -3.07
CA GLN A 72 1.83 8.52 -3.03
C GLN A 72 0.47 9.06 -3.52
N GLU A 73 -0.21 8.29 -4.34
CA GLU A 73 -1.47 8.72 -4.96
C GLU A 73 -2.66 8.26 -4.14
N LEU A 74 -2.53 7.09 -3.53
CA LEU A 74 -3.60 6.51 -2.72
C LEU A 74 -4.11 7.50 -1.66
N PRO A 75 -3.21 8.12 -0.87
CA PRO A 75 -3.59 9.04 0.20
C PRO A 75 -4.22 10.32 -0.33
N LEU A 76 -4.02 10.61 -1.61
CA LEU A 76 -4.52 11.86 -2.20
C LEU A 76 -5.87 11.64 -2.87
N ASN A 77 -6.33 10.42 -2.85
CA ASN A 77 -7.60 10.05 -3.47
C ASN A 77 -8.68 9.82 -2.44
N PRO A 78 -9.93 10.12 -2.78
CA PRO A 78 -11.04 10.17 -1.82
C PRO A 78 -11.31 8.82 -1.16
N LYS A 79 -11.25 7.76 -1.95
CA LYS A 79 -11.58 6.42 -1.46
C LYS A 79 -10.35 5.79 -0.84
N TRP A 80 -9.22 5.97 -1.50
CA TRP A 80 -7.98 5.36 -1.06
C TRP A 80 -7.42 6.09 0.17
N SER A 81 -7.74 7.38 0.29
CA SER A 81 -7.31 8.15 1.45
C SER A 81 -7.97 7.62 2.72
N LYS A 82 -9.06 6.88 2.55
CA LYS A 82 -9.73 6.23 3.67
C LYS A 82 -8.88 5.06 4.18
N ARG A 83 -7.83 4.73 3.43
CA ARG A 83 -6.95 3.66 3.80
C ARG A 83 -5.56 4.17 4.17
N ARG A 84 -4.96 3.52 5.16
CA ARG A 84 -3.61 3.87 5.59
C ARG A 84 -2.62 2.97 4.88
N ILE A 85 -1.84 3.54 3.95
CA ILE A 85 -0.89 2.73 3.21
C ILE A 85 0.53 3.25 3.38
N TYR A 86 1.46 2.34 3.49
CA TYR A 86 2.87 2.67 3.53
C TYR A 86 3.67 1.50 2.99
N TYR A 87 4.95 1.72 2.76
CA TYR A 87 5.83 0.65 2.32
C TYR A 87 5.93 -0.42 3.40
N GLY A 88 5.54 -1.62 3.05
CA GLY A 88 5.44 -2.68 4.03
C GLY A 88 6.68 -3.54 4.06
N ARG A 89 6.74 -4.46 5.00
CA ARG A 89 7.83 -5.41 5.09
C ARG A 89 7.37 -6.80 4.74
N ASP A 90 7.82 -7.24 3.60
CA ASP A 90 7.47 -8.57 3.09
C ASP A 90 8.59 -9.07 2.18
N ARG A 91 8.87 -10.35 2.28
CA ARG A 91 10.02 -10.93 1.60
C ARG A 91 9.61 -11.71 0.37
N CYS A 92 8.35 -11.51 -0.05
CA CYS A 92 7.79 -12.18 -1.23
C CYS A 92 7.80 -13.68 -1.03
N ALA A 93 7.77 -14.10 0.23
CA ALA A 93 7.87 -15.50 0.59
C ALA A 93 7.39 -15.70 2.02
N VAL A 94 6.43 -16.60 2.20
CA VAL A 94 5.88 -16.87 3.52
C VAL A 94 6.71 -17.89 4.27
N GLY A 95 7.28 -18.83 3.54
CA GLY A 95 8.00 -19.91 4.17
C GLY A 95 9.43 -20.02 3.68
N LEU A 96 9.96 -18.91 3.18
CA LEU A 96 11.33 -18.88 2.69
C LEU A 96 12.09 -17.77 3.41
N LYS A 97 12.82 -18.14 4.45
CA LYS A 97 13.59 -17.20 5.23
C LYS A 97 14.57 -17.95 6.12
N ASN A 1 -4.63 5.25 22.18
CA ASN A 1 -5.21 4.18 23.02
C ASN A 1 -4.28 2.97 23.07
N SER A 2 -4.27 2.19 22.00
CA SER A 2 -3.41 1.01 21.94
C SER A 2 -2.61 0.97 20.64
N ALA A 3 -2.84 1.95 19.77
CA ALA A 3 -2.18 2.05 18.48
C ALA A 3 -2.49 0.85 17.60
N SER A 4 -3.53 0.98 16.79
CA SER A 4 -3.99 -0.11 15.94
C SER A 4 -2.97 -0.39 14.83
N ASN A 5 -2.16 0.61 14.53
CA ASN A 5 -1.11 0.47 13.53
C ASN A 5 0.16 1.14 14.04
N SER A 6 1.29 0.49 13.83
CA SER A 6 2.57 1.01 14.29
C SER A 6 2.93 2.30 13.56
N SER A 7 3.62 3.19 14.26
CA SER A 7 3.97 4.48 13.70
C SER A 7 5.04 4.36 12.62
N VAL A 8 4.67 4.66 11.39
CA VAL A 8 5.58 4.58 10.27
C VAL A 8 6.03 5.98 9.84
N LEU A 9 6.93 6.53 10.62
CA LEU A 9 7.42 7.91 10.42
C LEU A 9 8.05 8.08 9.04
N LEU A 10 7.27 8.55 8.07
CA LEU A 10 7.77 8.77 6.70
C LEU A 10 8.47 7.52 6.16
N ALA A 11 8.08 6.36 6.69
CA ALA A 11 8.66 5.07 6.32
C ALA A 11 10.14 4.97 6.73
N VAL A 12 10.58 5.73 7.73
CA VAL A 12 11.95 5.60 8.25
C VAL A 12 12.11 4.26 8.96
N GLN A 13 10.97 3.64 9.26
CA GLN A 13 10.94 2.33 9.92
C GLN A 13 11.44 1.21 9.00
N GLN A 14 11.78 1.57 7.78
CA GLN A 14 12.29 0.62 6.81
C GLN A 14 13.39 1.27 5.98
N SER A 15 14.21 0.45 5.34
CA SER A 15 15.31 0.94 4.53
C SER A 15 14.86 1.22 3.10
N GLY A 16 13.93 0.42 2.61
CA GLY A 16 13.45 0.57 1.26
C GLY A 16 12.51 -0.55 0.89
N ALA A 17 11.41 -0.22 0.23
CA ALA A 17 10.40 -1.22 -0.08
C ALA A 17 10.06 -1.24 -1.56
N CYS A 18 10.44 -2.32 -2.23
CA CYS A 18 9.96 -2.59 -3.56
C CYS A 18 8.86 -3.63 -3.45
N ARG A 19 7.84 -3.56 -4.32
CA ARG A 19 6.69 -4.46 -4.25
C ARG A 19 5.99 -4.44 -2.89
N ASN A 20 6.42 -3.58 -1.97
CA ASN A 20 5.89 -3.62 -0.62
C ASN A 20 4.98 -2.44 -0.34
N VAL A 21 3.69 -2.72 -0.30
CA VAL A 21 2.68 -1.73 0.00
C VAL A 21 1.70 -2.30 1.01
N PHE A 22 1.71 -1.78 2.21
CA PHE A 22 0.89 -2.32 3.28
C PHE A 22 -0.23 -1.36 3.63
N LEU A 23 -1.46 -1.84 3.52
CA LEU A 23 -2.64 -1.05 3.83
C LEU A 23 -3.26 -1.47 5.13
N GLY A 24 -3.59 -0.51 5.99
CA GLY A 24 -4.18 -0.83 7.27
C GLY A 24 -5.34 0.07 7.63
N ASN A 25 -6.39 0.04 6.81
CA ASN A 25 -7.62 0.79 7.07
C ASN A 25 -8.60 0.66 5.91
N LEU A 26 -8.89 -0.58 5.54
CA LEU A 26 -9.85 -0.81 4.47
C LEU A 26 -11.19 -1.24 5.06
N PRO A 27 -12.29 -1.02 4.31
CA PRO A 27 -13.63 -1.38 4.76
C PRO A 27 -13.89 -2.88 4.64
N ASN A 28 -14.95 -3.33 5.28
CA ASN A 28 -15.36 -4.72 5.20
C ASN A 28 -16.02 -4.97 3.87
N GLY A 29 -15.45 -5.86 3.08
CA GLY A 29 -16.00 -6.14 1.77
C GLY A 29 -15.13 -5.61 0.64
N ILE A 30 -13.99 -5.03 1.00
CA ILE A 30 -13.03 -4.58 0.00
C ILE A 30 -12.40 -5.78 -0.72
N THR A 31 -12.43 -5.75 -2.04
CA THR A 31 -11.85 -6.82 -2.83
C THR A 31 -10.63 -6.34 -3.60
N GLU A 32 -9.77 -7.29 -3.95
CA GLU A 32 -8.55 -6.99 -4.67
C GLU A 32 -8.88 -6.38 -6.00
N ASP A 33 -9.97 -6.85 -6.60
CA ASP A 33 -10.40 -6.37 -7.90
C ASP A 33 -10.55 -4.85 -7.89
N GLU A 34 -11.00 -4.32 -6.76
CA GLU A 34 -11.16 -2.87 -6.60
C GLU A 34 -9.80 -2.18 -6.54
N ILE A 35 -8.99 -2.60 -5.59
CA ILE A 35 -7.66 -2.04 -5.39
C ILE A 35 -6.78 -2.20 -6.64
N ARG A 36 -6.84 -3.37 -7.25
CA ARG A 36 -6.12 -3.63 -8.50
C ARG A 36 -6.48 -2.65 -9.59
N GLU A 37 -7.74 -2.63 -9.97
CA GLU A 37 -8.21 -1.76 -11.04
C GLU A 37 -7.90 -0.30 -10.73
N ASP A 38 -7.71 -0.02 -9.45
CA ASP A 38 -7.44 1.34 -9.03
C ASP A 38 -5.95 1.64 -9.01
N LEU A 39 -5.11 0.64 -8.76
CA LEU A 39 -3.69 0.89 -8.55
C LEU A 39 -2.85 0.45 -9.73
N GLU A 40 -3.40 -0.41 -10.56
CA GLU A 40 -2.65 -0.97 -11.68
C GLU A 40 -2.30 0.06 -12.75
N PRO A 41 -3.12 1.13 -12.97
CA PRO A 41 -2.85 2.09 -14.03
C PRO A 41 -1.57 2.90 -13.77
N PHE A 42 -1.22 3.07 -12.50
CA PHE A 42 0.05 3.69 -12.15
C PHE A 42 1.01 2.68 -11.52
N GLY A 43 0.57 1.45 -11.38
CA GLY A 43 1.39 0.46 -10.72
C GLY A 43 0.77 -0.91 -10.75
N PRO A 44 1.14 -1.74 -11.72
CA PRO A 44 0.63 -3.10 -11.82
C PRO A 44 1.00 -3.94 -10.61
N ILE A 45 0.02 -4.61 -10.03
CA ILE A 45 0.23 -5.47 -8.89
C ILE A 45 0.06 -6.93 -9.29
N ASP A 46 0.81 -7.80 -8.64
CA ASP A 46 0.73 -9.23 -8.92
C ASP A 46 0.09 -9.97 -7.75
N GLN A 47 0.18 -9.37 -6.58
CA GLN A 47 -0.29 -10.03 -5.37
C GLN A 47 -0.93 -9.02 -4.43
N ILE A 48 -2.19 -9.26 -4.09
CA ILE A 48 -2.94 -8.39 -3.20
C ILE A 48 -3.71 -9.22 -2.19
N LYS A 49 -3.29 -9.15 -0.95
CA LYS A 49 -3.88 -9.95 0.12
C LYS A 49 -4.61 -9.05 1.11
N ILE A 50 -5.93 -9.13 1.13
CA ILE A 50 -6.72 -8.32 2.04
C ILE A 50 -7.19 -9.14 3.23
N VAL A 51 -6.79 -8.71 4.41
CA VAL A 51 -7.26 -9.29 5.64
C VAL A 51 -8.28 -8.35 6.27
N THR A 52 -9.54 -8.52 5.88
CA THR A 52 -10.63 -7.68 6.35
C THR A 52 -10.81 -7.81 7.87
N GLU A 53 -10.38 -8.95 8.42
CA GLU A 53 -10.43 -9.16 9.86
C GLU A 53 -9.68 -8.05 10.59
N ARG A 54 -8.54 -7.65 10.02
CA ARG A 54 -7.72 -6.63 10.63
C ARG A 54 -7.74 -5.35 9.80
N ASN A 55 -8.58 -5.34 8.76
CA ASN A 55 -8.75 -4.17 7.89
C ASN A 55 -7.46 -3.83 7.18
N ILE A 56 -6.63 -4.83 6.93
CA ILE A 56 -5.31 -4.61 6.38
C ILE A 56 -5.14 -5.36 5.07
N ALA A 57 -4.24 -4.86 4.23
CA ALA A 57 -4.00 -5.45 2.93
C ALA A 57 -2.52 -5.36 2.54
N PHE A 58 -2.03 -6.44 1.97
CA PHE A 58 -0.66 -6.49 1.48
C PHE A 58 -0.66 -6.47 -0.04
N VAL A 59 -0.14 -5.41 -0.62
CA VAL A 59 -0.11 -5.26 -2.07
C VAL A 59 1.33 -5.40 -2.55
N HIS A 60 1.56 -6.27 -3.52
CA HIS A 60 2.90 -6.45 -4.04
C HIS A 60 3.05 -5.85 -5.42
N PHE A 61 3.65 -4.67 -5.47
CA PHE A 61 3.90 -3.97 -6.73
C PHE A 61 5.23 -4.40 -7.33
N LEU A 62 5.14 -5.31 -8.31
CA LEU A 62 6.30 -5.90 -8.99
C LEU A 62 7.37 -4.86 -9.31
N ASN A 63 6.95 -3.70 -9.80
CA ASN A 63 7.88 -2.63 -10.10
C ASN A 63 8.02 -1.73 -8.88
N ILE A 64 9.25 -1.38 -8.55
CA ILE A 64 9.51 -0.55 -7.39
C ILE A 64 8.84 0.82 -7.56
N ALA A 65 8.92 1.37 -8.77
CA ALA A 65 8.37 2.69 -9.05
C ALA A 65 6.86 2.67 -9.00
N ALA A 66 6.28 1.53 -9.37
CA ALA A 66 4.85 1.34 -9.36
C ALA A 66 4.30 1.53 -7.95
N ALA A 67 5.02 1.00 -6.98
CA ALA A 67 4.64 1.12 -5.58
C ALA A 67 4.78 2.55 -5.11
N ILE A 68 5.86 3.20 -5.54
CA ILE A 68 6.15 4.56 -5.15
C ILE A 68 4.99 5.49 -5.49
N LYS A 69 4.69 5.58 -6.77
CA LYS A 69 3.64 6.48 -7.24
C LYS A 69 2.28 6.10 -6.66
N ALA A 70 2.01 4.81 -6.56
CA ALA A 70 0.74 4.34 -6.00
C ALA A 70 0.59 4.78 -4.55
N VAL A 71 1.61 4.54 -3.74
CA VAL A 71 1.58 4.93 -2.33
C VAL A 71 1.55 6.45 -2.18
N GLN A 72 2.02 7.15 -3.20
CA GLN A 72 1.99 8.61 -3.20
C GLN A 72 0.64 9.17 -3.70
N GLU A 73 -0.09 8.36 -4.45
CA GLU A 73 -1.37 8.77 -5.05
C GLU A 73 -2.54 8.35 -4.17
N LEU A 74 -2.40 7.18 -3.56
CA LEU A 74 -3.44 6.61 -2.72
C LEU A 74 -3.93 7.60 -1.65
N PRO A 75 -3.01 8.25 -0.91
CA PRO A 75 -3.38 9.19 0.15
C PRO A 75 -4.07 10.45 -0.39
N LEU A 76 -3.90 10.73 -1.68
CA LEU A 76 -4.42 11.95 -2.25
C LEU A 76 -5.77 11.74 -2.91
N ASN A 77 -6.21 10.50 -2.92
CA ASN A 77 -7.46 10.13 -3.59
C ASN A 77 -8.58 9.85 -2.57
N PRO A 78 -9.83 10.14 -2.95
CA PRO A 78 -10.96 10.13 -2.02
C PRO A 78 -11.29 8.74 -1.48
N LYS A 79 -11.08 7.73 -2.32
CA LYS A 79 -11.39 6.36 -1.93
C LYS A 79 -10.22 5.79 -1.16
N TRP A 80 -9.04 6.01 -1.71
CA TRP A 80 -7.82 5.40 -1.21
C TRP A 80 -7.33 6.12 0.05
N SER A 81 -7.69 7.39 0.19
CA SER A 81 -7.30 8.17 1.35
C SER A 81 -8.00 7.63 2.61
N LYS A 82 -9.07 6.87 2.42
CA LYS A 82 -9.76 6.23 3.54
C LYS A 82 -8.92 5.08 4.07
N ARG A 83 -8.01 4.59 3.24
CA ARG A 83 -7.16 3.47 3.60
C ARG A 83 -5.79 4.01 4.00
N ARG A 84 -5.17 3.40 5.01
CA ARG A 84 -3.86 3.85 5.46
C ARG A 84 -2.78 3.02 4.79
N ILE A 85 -2.08 3.62 3.83
CA ILE A 85 -1.07 2.90 3.07
C ILE A 85 0.33 3.42 3.38
N TYR A 86 1.27 2.50 3.44
CA TYR A 86 2.68 2.85 3.56
C TYR A 86 3.55 1.76 2.96
N TYR A 87 4.83 2.05 2.78
CA TYR A 87 5.78 1.04 2.34
C TYR A 87 5.94 -0.05 3.41
N GLY A 88 5.90 -1.29 2.95
CA GLY A 88 6.05 -2.40 3.86
C GLY A 88 7.47 -2.56 4.36
N ARG A 89 7.63 -3.32 5.42
CA ARG A 89 8.94 -3.53 6.02
C ARG A 89 9.65 -4.66 5.33
N ASP A 90 10.86 -4.40 4.87
CA ASP A 90 11.61 -5.37 4.08
C ASP A 90 13.07 -4.95 3.99
N ARG A 91 13.96 -5.91 3.78
CA ARG A 91 15.40 -5.64 3.78
C ARG A 91 15.91 -5.37 2.36
N CYS A 92 14.99 -5.11 1.43
CA CYS A 92 15.32 -4.80 0.05
C CYS A 92 15.93 -6.02 -0.63
N ALA A 93 15.60 -7.19 -0.12
CA ALA A 93 16.17 -8.43 -0.63
C ALA A 93 15.09 -9.31 -1.22
N VAL A 94 15.10 -9.43 -2.53
CA VAL A 94 14.15 -10.26 -3.24
C VAL A 94 14.75 -11.66 -3.44
N GLY A 95 16.07 -11.72 -3.44
CA GLY A 95 16.75 -12.99 -3.56
C GLY A 95 18.06 -12.99 -2.80
N LEU A 96 19.14 -12.62 -3.49
CA LEU A 96 20.45 -12.54 -2.88
C LEU A 96 20.82 -11.09 -2.62
N LYS A 97 21.75 -10.86 -1.72
CA LYS A 97 22.18 -9.51 -1.37
C LYS A 97 23.61 -9.55 -0.85
N ASN A 1 4.73 20.09 18.33
CA ASN A 1 5.99 19.34 18.19
C ASN A 1 5.72 17.98 17.56
N SER A 2 6.45 17.69 16.49
CA SER A 2 6.32 16.44 15.75
C SER A 2 4.92 16.31 15.14
N ALA A 3 4.72 17.02 14.04
CA ALA A 3 3.46 16.99 13.32
C ALA A 3 3.33 15.69 12.52
N SER A 4 2.17 15.08 12.59
CA SER A 4 1.94 13.81 11.92
C SER A 4 1.65 14.03 10.45
N ASN A 5 2.59 13.65 9.60
CA ASN A 5 2.46 13.83 8.16
C ASN A 5 2.46 12.46 7.48
N SER A 6 1.97 12.41 6.24
CA SER A 6 1.99 11.19 5.45
C SER A 6 3.40 10.59 5.43
N SER A 7 3.59 9.55 6.22
CA SER A 7 4.92 9.03 6.46
C SER A 7 5.30 7.95 5.44
N VAL A 8 6.31 8.26 4.65
CA VAL A 8 6.87 7.31 3.70
C VAL A 8 8.38 7.37 3.71
N LEU A 9 8.91 7.94 4.77
CA LEU A 9 10.34 8.18 4.89
C LEU A 9 10.79 9.16 3.82
N LEU A 10 9.91 10.11 3.51
CA LEU A 10 10.10 11.08 2.44
C LEU A 10 10.17 10.39 1.08
N ALA A 11 9.72 9.13 1.03
CA ALA A 11 9.70 8.33 -0.18
C ALA A 11 11.10 8.10 -0.73
N VAL A 12 12.10 8.22 0.14
CA VAL A 12 13.49 7.99 -0.27
C VAL A 12 13.76 6.49 -0.45
N GLN A 13 12.74 5.69 -0.16
CA GLN A 13 12.80 4.25 -0.33
C GLN A 13 12.62 3.86 -1.80
N GLN A 14 13.21 4.67 -2.68
CA GLN A 14 13.08 4.50 -4.13
C GLN A 14 13.67 3.18 -4.60
N SER A 15 14.54 2.60 -3.80
CA SER A 15 15.04 1.26 -4.03
C SER A 15 15.04 0.49 -2.71
N GLY A 16 14.31 1.04 -1.75
CA GLY A 16 14.31 0.50 -0.41
C GLY A 16 13.22 -0.52 -0.19
N ALA A 17 11.99 -0.16 -0.55
CA ALA A 17 10.87 -1.07 -0.38
C ALA A 17 10.17 -1.31 -1.71
N CYS A 18 10.58 -2.38 -2.38
CA CYS A 18 9.99 -2.73 -3.66
C CYS A 18 8.79 -3.63 -3.41
N ARG A 19 7.78 -3.52 -4.25
CA ARG A 19 6.58 -4.35 -4.14
C ARG A 19 5.91 -4.26 -2.77
N ASN A 20 6.37 -3.38 -1.89
CA ASN A 20 5.87 -3.40 -0.53
C ASN A 20 4.91 -2.26 -0.27
N VAL A 21 3.64 -2.61 -0.20
CA VAL A 21 2.58 -1.66 0.09
C VAL A 21 1.62 -2.26 1.09
N PHE A 22 1.54 -1.66 2.27
CA PHE A 22 0.70 -2.19 3.33
C PHE A 22 -0.45 -1.23 3.62
N LEU A 23 -1.67 -1.77 3.59
CA LEU A 23 -2.86 -0.98 3.89
C LEU A 23 -3.47 -1.41 5.20
N GLY A 24 -3.78 -0.44 6.06
CA GLY A 24 -4.37 -0.76 7.34
C GLY A 24 -5.48 0.20 7.74
N ASN A 25 -6.58 0.17 7.00
CA ASN A 25 -7.77 0.99 7.32
C ASN A 25 -8.83 0.79 6.25
N LEU A 26 -8.94 -0.42 5.75
CA LEU A 26 -9.90 -0.72 4.69
C LEU A 26 -11.24 -1.12 5.29
N PRO A 27 -12.32 -0.99 4.51
CA PRO A 27 -13.65 -1.42 4.94
C PRO A 27 -13.84 -2.91 4.74
N ASN A 28 -14.85 -3.46 5.38
CA ASN A 28 -15.15 -4.87 5.24
C ASN A 28 -15.89 -5.12 3.94
N GLY A 29 -15.39 -6.06 3.16
CA GLY A 29 -15.98 -6.34 1.87
C GLY A 29 -15.11 -5.88 0.72
N ILE A 30 -14.05 -5.15 1.04
CA ILE A 30 -13.10 -4.68 0.03
C ILE A 30 -12.45 -5.87 -0.67
N THR A 31 -12.52 -5.88 -2.00
CA THR A 31 -11.94 -6.97 -2.74
C THR A 31 -10.76 -6.50 -3.59
N GLU A 32 -9.95 -7.47 -4.00
CA GLU A 32 -8.72 -7.18 -4.72
C GLU A 32 -9.05 -6.51 -6.03
N ASP A 33 -10.08 -7.00 -6.70
CA ASP A 33 -10.50 -6.47 -7.99
C ASP A 33 -10.64 -4.95 -7.94
N GLU A 34 -11.14 -4.46 -6.81
CA GLU A 34 -11.33 -3.02 -6.60
C GLU A 34 -9.99 -2.31 -6.53
N ILE A 35 -9.15 -2.74 -5.60
CA ILE A 35 -7.84 -2.15 -5.41
C ILE A 35 -6.97 -2.31 -6.67
N ARG A 36 -7.04 -3.48 -7.29
CA ARG A 36 -6.35 -3.72 -8.55
C ARG A 36 -6.69 -2.70 -9.60
N GLU A 37 -7.95 -2.65 -9.98
CA GLU A 37 -8.39 -1.73 -11.04
C GLU A 37 -8.07 -0.29 -10.67
N ASP A 38 -7.89 -0.06 -9.38
CA ASP A 38 -7.62 1.27 -8.90
C ASP A 38 -6.12 1.59 -8.94
N LEU A 39 -5.27 0.58 -8.73
CA LEU A 39 -3.83 0.83 -8.57
C LEU A 39 -3.04 0.38 -9.79
N GLU A 40 -3.67 -0.41 -10.65
CA GLU A 40 -3.02 -0.94 -11.84
C GLU A 40 -2.54 0.17 -12.78
N PRO A 41 -3.31 1.28 -12.94
CA PRO A 41 -3.00 2.29 -13.97
C PRO A 41 -1.70 3.01 -13.67
N PHE A 42 -1.32 3.10 -12.40
CA PHE A 42 -0.05 3.70 -12.04
C PHE A 42 0.93 2.68 -11.50
N GLY A 43 0.48 1.46 -11.31
CA GLY A 43 1.32 0.46 -10.70
C GLY A 43 0.71 -0.92 -10.74
N PRO A 44 1.09 -1.74 -11.71
CA PRO A 44 0.59 -3.11 -11.80
C PRO A 44 1.03 -3.93 -10.58
N ILE A 45 0.09 -4.65 -10.02
CA ILE A 45 0.35 -5.51 -8.87
C ILE A 45 0.27 -6.98 -9.27
N ASP A 46 1.06 -7.82 -8.62
CA ASP A 46 1.07 -9.26 -8.87
C ASP A 46 0.46 -10.01 -7.70
N GLN A 47 0.50 -9.40 -6.52
CA GLN A 47 0.07 -10.06 -5.31
C GLN A 47 -0.69 -9.09 -4.42
N ILE A 48 -1.93 -9.44 -4.11
CA ILE A 48 -2.79 -8.60 -3.29
C ILE A 48 -3.54 -9.43 -2.26
N LYS A 49 -3.18 -9.25 -1.00
CA LYS A 49 -3.79 -9.98 0.09
C LYS A 49 -4.55 -9.05 1.00
N ILE A 50 -5.86 -9.12 0.97
CA ILE A 50 -6.68 -8.31 1.84
C ILE A 50 -7.14 -9.13 3.03
N VAL A 51 -6.75 -8.71 4.21
CA VAL A 51 -7.26 -9.31 5.42
C VAL A 51 -8.30 -8.38 6.01
N THR A 52 -9.53 -8.54 5.53
CA THR A 52 -10.62 -7.67 5.92
C THR A 52 -11.01 -7.93 7.37
N GLU A 53 -10.61 -9.09 7.88
CA GLU A 53 -10.79 -9.43 9.27
C GLU A 53 -10.07 -8.45 10.16
N ARG A 54 -8.93 -7.95 9.67
CA ARG A 54 -8.13 -7.00 10.42
C ARG A 54 -8.09 -5.64 9.70
N ASN A 55 -8.84 -5.54 8.61
CA ASN A 55 -8.99 -4.30 7.84
C ASN A 55 -7.67 -3.88 7.20
N ILE A 56 -6.83 -4.86 6.91
CA ILE A 56 -5.50 -4.61 6.38
C ILE A 56 -5.29 -5.32 5.06
N ALA A 57 -4.38 -4.80 4.23
CA ALA A 57 -4.08 -5.42 2.94
C ALA A 57 -2.61 -5.29 2.59
N PHE A 58 -2.08 -6.34 2.00
CA PHE A 58 -0.70 -6.36 1.53
C PHE A 58 -0.69 -6.42 0.01
N VAL A 59 -0.17 -5.38 -0.61
CA VAL A 59 -0.11 -5.29 -2.07
C VAL A 59 1.34 -5.37 -2.51
N HIS A 60 1.64 -6.25 -3.47
CA HIS A 60 3.00 -6.36 -3.95
C HIS A 60 3.13 -5.78 -5.35
N PHE A 61 3.68 -4.58 -5.42
CA PHE A 61 3.91 -3.91 -6.70
C PHE A 61 5.24 -4.36 -7.30
N LEU A 62 5.14 -5.23 -8.30
CA LEU A 62 6.30 -5.87 -8.95
C LEU A 62 7.45 -4.90 -9.21
N ASN A 63 7.12 -3.69 -9.63
CA ASN A 63 8.14 -2.68 -9.84
C ASN A 63 8.19 -1.74 -8.65
N ILE A 64 9.39 -1.40 -8.24
CA ILE A 64 9.59 -0.50 -7.10
C ILE A 64 8.89 0.85 -7.35
N ALA A 65 9.01 1.35 -8.57
CA ALA A 65 8.44 2.65 -8.92
C ALA A 65 6.92 2.60 -8.92
N ALA A 66 6.38 1.43 -9.26
CA ALA A 66 4.93 1.25 -9.27
C ALA A 66 4.36 1.43 -7.88
N ALA A 67 5.10 0.94 -6.89
CA ALA A 67 4.69 1.06 -5.50
C ALA A 67 4.79 2.51 -5.04
N ILE A 68 5.87 3.17 -5.44
CA ILE A 68 6.11 4.55 -5.04
C ILE A 68 4.95 5.46 -5.43
N LYS A 69 4.67 5.52 -6.72
CA LYS A 69 3.60 6.37 -7.22
C LYS A 69 2.25 5.97 -6.65
N ALA A 70 1.99 4.67 -6.53
CA ALA A 70 0.74 4.19 -5.98
C ALA A 70 0.56 4.63 -4.53
N VAL A 71 1.60 4.44 -3.72
CA VAL A 71 1.56 4.82 -2.31
C VAL A 71 1.46 6.33 -2.14
N GLN A 72 1.96 7.07 -3.12
CA GLN A 72 1.88 8.53 -3.10
C GLN A 72 0.54 9.04 -3.63
N GLU A 73 -0.07 8.29 -4.54
CA GLU A 73 -1.31 8.74 -5.19
C GLU A 73 -2.54 8.24 -4.45
N LEU A 74 -2.40 7.13 -3.74
CA LEU A 74 -3.49 6.60 -2.92
C LEU A 74 -4.02 7.65 -1.95
N PRO A 75 -3.14 8.29 -1.16
CA PRO A 75 -3.55 9.29 -0.17
C PRO A 75 -4.11 10.57 -0.82
N LEU A 76 -3.85 10.74 -2.11
CA LEU A 76 -4.34 11.93 -2.80
C LEU A 76 -5.77 11.72 -3.30
N ASN A 77 -6.24 10.50 -3.18
CA ASN A 77 -7.55 10.10 -3.68
C ASN A 77 -8.56 9.93 -2.57
N PRO A 78 -9.83 10.22 -2.86
CA PRO A 78 -10.90 10.29 -1.86
C PRO A 78 -11.20 8.95 -1.22
N LYS A 79 -11.08 7.88 -2.00
CA LYS A 79 -11.40 6.55 -1.51
C LYS A 79 -10.19 5.95 -0.84
N TRP A 80 -9.05 6.11 -1.49
CA TRP A 80 -7.83 5.48 -1.04
C TRP A 80 -7.25 6.22 0.15
N SER A 81 -7.49 7.53 0.22
CA SER A 81 -7.00 8.33 1.33
C SER A 81 -7.68 7.92 2.64
N LYS A 82 -8.82 7.23 2.51
CA LYS A 82 -9.52 6.72 3.68
C LYS A 82 -8.83 5.47 4.19
N ARG A 83 -7.87 4.98 3.43
CA ARG A 83 -7.10 3.82 3.82
C ARG A 83 -5.68 4.23 4.15
N ARG A 84 -5.10 3.63 5.16
CA ARG A 84 -3.76 4.00 5.59
C ARG A 84 -2.73 3.13 4.92
N ILE A 85 -1.96 3.71 4.01
CA ILE A 85 -0.97 2.95 3.27
C ILE A 85 0.44 3.51 3.48
N TYR A 86 1.40 2.60 3.56
CA TYR A 86 2.80 2.97 3.61
C TYR A 86 3.64 1.84 3.02
N TYR A 87 4.91 2.11 2.80
CA TYR A 87 5.83 1.08 2.32
C TYR A 87 5.94 -0.03 3.35
N GLY A 88 5.74 -1.26 2.90
CA GLY A 88 5.90 -2.41 3.77
C GLY A 88 7.29 -2.50 4.34
N ARG A 89 7.43 -3.11 5.51
CA ARG A 89 8.70 -3.18 6.18
C ARG A 89 9.50 -4.37 5.68
N ASP A 90 10.75 -4.11 5.33
CA ASP A 90 11.58 -5.08 4.65
C ASP A 90 13.04 -4.72 4.81
N ARG A 91 13.91 -5.72 4.78
CA ARG A 91 15.32 -5.54 5.07
C ARG A 91 16.08 -4.93 3.89
N CYS A 92 15.37 -4.67 2.80
CA CYS A 92 15.98 -4.17 1.56
C CYS A 92 16.90 -5.24 1.00
N ALA A 93 16.58 -6.48 1.34
CA ALA A 93 17.37 -7.63 0.96
C ALA A 93 16.58 -8.91 1.24
N VAL A 94 16.38 -9.72 0.23
CA VAL A 94 15.62 -10.95 0.39
C VAL A 94 16.49 -12.06 0.95
N GLY A 95 16.68 -12.02 2.25
CA GLY A 95 17.45 -13.04 2.94
C GLY A 95 17.07 -13.14 4.40
N LEU A 96 17.83 -12.47 5.26
CA LEU A 96 17.55 -12.45 6.68
C LEU A 96 16.44 -11.46 6.99
N LYS A 97 15.21 -11.96 7.05
CA LYS A 97 14.07 -11.14 7.37
C LYS A 97 13.72 -11.27 8.84
N ASN A 1 -12.95 22.81 4.55
CA ASN A 1 -13.15 21.94 3.36
C ASN A 1 -12.64 20.54 3.65
N SER A 2 -13.39 19.54 3.20
CA SER A 2 -12.99 18.15 3.37
C SER A 2 -11.92 17.78 2.35
N ALA A 3 -10.68 17.69 2.81
CA ALA A 3 -9.57 17.31 1.95
C ALA A 3 -9.08 15.91 2.31
N SER A 4 -8.55 15.21 1.33
CA SER A 4 -8.05 13.86 1.53
C SER A 4 -6.69 13.90 2.25
N ASN A 5 -6.66 13.41 3.48
CA ASN A 5 -5.42 13.39 4.25
C ASN A 5 -4.36 12.56 3.53
N SER A 6 -3.31 13.24 3.09
CA SER A 6 -2.28 12.60 2.30
C SER A 6 -1.02 12.40 3.14
N SER A 7 -1.16 12.54 4.45
CA SER A 7 -0.02 12.42 5.35
C SER A 7 0.03 11.04 5.99
N VAL A 8 0.97 10.23 5.54
CA VAL A 8 1.21 8.91 6.09
C VAL A 8 2.66 8.76 6.53
N LEU A 9 3.02 9.50 7.56
CA LEU A 9 4.41 9.57 8.03
C LEU A 9 5.29 10.13 6.92
N LEU A 10 4.63 10.72 5.92
CA LEU A 10 5.29 11.21 4.71
C LEU A 10 6.01 10.08 3.98
N ALA A 11 5.58 8.85 4.27
CA ALA A 11 6.12 7.65 3.62
C ALA A 11 7.64 7.54 3.81
N VAL A 12 8.15 8.11 4.89
CA VAL A 12 9.60 8.10 5.14
C VAL A 12 10.07 6.76 5.70
N GLN A 13 9.12 5.88 6.00
CA GLN A 13 9.44 4.55 6.46
C GLN A 13 9.79 3.64 5.29
N GLN A 14 10.94 3.92 4.69
CA GLN A 14 11.37 3.20 3.50
C GLN A 14 12.88 3.01 3.51
N SER A 15 13.31 1.79 3.26
CA SER A 15 14.72 1.47 3.16
C SER A 15 15.00 0.92 1.76
N GLY A 16 14.15 1.32 0.82
CA GLY A 16 14.20 0.76 -0.52
C GLY A 16 13.21 -0.36 -0.65
N ALA A 17 11.92 -0.02 -0.57
CA ALA A 17 10.87 -1.02 -0.53
C ALA A 17 10.22 -1.19 -1.89
N CYS A 18 10.59 -2.25 -2.57
CA CYS A 18 9.95 -2.61 -3.81
C CYS A 18 8.83 -3.58 -3.51
N ARG A 19 7.75 -3.49 -4.29
CA ARG A 19 6.59 -4.36 -4.12
C ARG A 19 5.96 -4.26 -2.72
N ASN A 20 6.48 -3.41 -1.85
CA ASN A 20 6.01 -3.41 -0.47
C ASN A 20 5.03 -2.30 -0.23
N VAL A 21 3.77 -2.67 -0.16
CA VAL A 21 2.69 -1.73 0.15
C VAL A 21 1.73 -2.38 1.13
N PHE A 22 1.51 -1.71 2.25
CA PHE A 22 0.66 -2.25 3.29
C PHE A 22 -0.49 -1.29 3.57
N LEU A 23 -1.71 -1.80 3.48
CA LEU A 23 -2.89 -1.00 3.78
C LEU A 23 -3.51 -1.46 5.09
N GLY A 24 -3.71 -0.52 6.00
CA GLY A 24 -4.27 -0.88 7.29
C GLY A 24 -5.44 0.00 7.69
N ASN A 25 -6.48 0.03 6.86
CA ASN A 25 -7.69 0.81 7.16
C ASN A 25 -8.70 0.72 6.03
N LEU A 26 -8.90 -0.49 5.53
CA LEU A 26 -9.90 -0.70 4.48
C LEU A 26 -11.23 -1.08 5.12
N PRO A 27 -12.34 -0.94 4.38
CA PRO A 27 -13.65 -1.35 4.85
C PRO A 27 -13.84 -2.85 4.69
N ASN A 28 -14.85 -3.38 5.35
CA ASN A 28 -15.14 -4.81 5.25
C ASN A 28 -15.87 -5.07 3.94
N GLY A 29 -15.36 -6.02 3.18
CA GLY A 29 -15.95 -6.34 1.90
C GLY A 29 -15.11 -5.84 0.74
N ILE A 30 -14.02 -5.16 1.05
CA ILE A 30 -13.11 -4.69 0.02
C ILE A 30 -12.46 -5.86 -0.71
N THR A 31 -12.54 -5.84 -2.04
CA THR A 31 -11.99 -6.92 -2.84
C THR A 31 -10.82 -6.43 -3.68
N GLU A 32 -9.95 -7.36 -4.04
CA GLU A 32 -8.75 -7.07 -4.79
C GLU A 32 -9.10 -6.45 -6.14
N ASP A 33 -10.17 -6.95 -6.74
CA ASP A 33 -10.64 -6.46 -8.03
C ASP A 33 -10.79 -4.95 -8.03
N GLU A 34 -11.20 -4.41 -6.90
CA GLU A 34 -11.39 -2.97 -6.76
C GLU A 34 -10.03 -2.27 -6.66
N ILE A 35 -9.22 -2.71 -5.70
CA ILE A 35 -7.91 -2.13 -5.48
C ILE A 35 -7.01 -2.28 -6.71
N ARG A 36 -7.03 -3.45 -7.33
CA ARG A 36 -6.31 -3.70 -8.57
C ARG A 36 -6.62 -2.68 -9.63
N GLU A 37 -7.86 -2.63 -10.05
CA GLU A 37 -8.26 -1.72 -11.12
C GLU A 37 -8.00 -0.27 -10.72
N ASP A 38 -7.85 -0.04 -9.44
CA ASP A 38 -7.60 1.30 -8.94
C ASP A 38 -6.11 1.62 -8.94
N LEU A 39 -5.27 0.62 -8.69
CA LEU A 39 -3.84 0.87 -8.46
C LEU A 39 -2.99 0.44 -9.64
N GLU A 40 -3.53 -0.40 -10.50
CA GLU A 40 -2.76 -0.96 -11.60
C GLU A 40 -2.46 0.09 -12.70
N PRO A 41 -3.25 1.18 -12.86
CA PRO A 41 -2.97 2.17 -13.90
C PRO A 41 -1.68 2.95 -13.61
N PHE A 42 -1.32 3.06 -12.34
CA PHE A 42 -0.05 3.67 -11.98
C PHE A 42 0.94 2.65 -11.43
N GLY A 43 0.45 1.46 -11.11
CA GLY A 43 1.30 0.48 -10.49
C GLY A 43 0.67 -0.90 -10.53
N PRO A 44 1.05 -1.71 -11.51
CA PRO A 44 0.54 -3.06 -11.63
C PRO A 44 0.96 -3.93 -10.44
N ILE A 45 -0.01 -4.62 -9.85
CA ILE A 45 0.26 -5.49 -8.72
C ILE A 45 0.09 -6.94 -9.13
N ASP A 46 0.90 -7.82 -8.55
CA ASP A 46 0.81 -9.25 -8.81
C ASP A 46 0.25 -9.98 -7.60
N GLN A 47 0.40 -9.38 -6.44
CA GLN A 47 -0.02 -10.00 -5.19
C GLN A 47 -0.78 -9.01 -4.33
N ILE A 48 -2.03 -9.34 -4.04
CA ILE A 48 -2.88 -8.48 -3.23
C ILE A 48 -3.66 -9.33 -2.23
N LYS A 49 -3.26 -9.25 -0.97
CA LYS A 49 -3.91 -10.03 0.07
C LYS A 49 -4.65 -9.10 1.02
N ILE A 50 -5.97 -9.14 0.95
CA ILE A 50 -6.80 -8.32 1.80
C ILE A 50 -7.33 -9.14 2.96
N VAL A 51 -6.98 -8.74 4.16
CA VAL A 51 -7.54 -9.33 5.35
C VAL A 51 -8.61 -8.41 5.88
N THR A 52 -9.83 -8.59 5.36
CA THR A 52 -10.97 -7.75 5.69
C THR A 52 -11.32 -7.88 7.17
N GLU A 53 -10.89 -8.98 7.76
CA GLU A 53 -11.12 -9.25 9.18
C GLU A 53 -10.33 -8.28 10.05
N ARG A 54 -9.21 -7.80 9.53
CA ARG A 54 -8.33 -6.92 10.29
C ARG A 54 -8.19 -5.57 9.57
N ASN A 55 -8.94 -5.41 8.49
CA ASN A 55 -8.99 -4.15 7.74
C ASN A 55 -7.65 -3.84 7.08
N ILE A 56 -6.88 -4.87 6.83
CA ILE A 56 -5.52 -4.71 6.32
C ILE A 56 -5.34 -5.43 5.00
N ALA A 57 -4.45 -4.89 4.17
CA ALA A 57 -4.16 -5.47 2.87
C ALA A 57 -2.69 -5.37 2.54
N PHE A 58 -2.13 -6.46 2.03
CA PHE A 58 -0.75 -6.53 1.61
C PHE A 58 -0.68 -6.56 0.09
N VAL A 59 -0.15 -5.50 -0.49
CA VAL A 59 -0.08 -5.37 -1.93
C VAL A 59 1.37 -5.43 -2.39
N HIS A 60 1.67 -6.28 -3.36
CA HIS A 60 3.04 -6.36 -3.86
C HIS A 60 3.13 -5.80 -5.27
N PHE A 61 3.68 -4.61 -5.36
CA PHE A 61 3.89 -3.93 -6.64
C PHE A 61 5.20 -4.34 -7.25
N LEU A 62 5.13 -5.28 -8.21
CA LEU A 62 6.28 -5.87 -8.88
C LEU A 62 7.42 -4.87 -9.12
N ASN A 63 7.10 -3.72 -9.70
CA ASN A 63 8.11 -2.70 -9.93
C ASN A 63 8.19 -1.76 -8.73
N ILE A 64 9.40 -1.39 -8.36
CA ILE A 64 9.63 -0.55 -7.19
C ILE A 64 8.89 0.79 -7.35
N ALA A 65 8.95 1.35 -8.56
CA ALA A 65 8.37 2.66 -8.82
C ALA A 65 6.85 2.60 -8.82
N ALA A 66 6.32 1.45 -9.22
CA ALA A 66 4.88 1.24 -9.23
C ALA A 66 4.30 1.40 -7.83
N ALA A 67 5.04 0.90 -6.84
CA ALA A 67 4.64 1.02 -5.45
C ALA A 67 4.73 2.46 -4.99
N ILE A 68 5.80 3.14 -5.40
CA ILE A 68 6.05 4.51 -4.99
C ILE A 68 4.89 5.41 -5.38
N LYS A 69 4.63 5.49 -6.68
CA LYS A 69 3.57 6.35 -7.18
C LYS A 69 2.21 5.97 -6.62
N ALA A 70 1.96 4.67 -6.49
CA ALA A 70 0.70 4.20 -5.94
C ALA A 70 0.51 4.68 -4.50
N VAL A 71 1.54 4.50 -3.67
CA VAL A 71 1.47 4.92 -2.27
C VAL A 71 1.43 6.44 -2.15
N GLN A 72 1.94 7.13 -3.17
CA GLN A 72 1.90 8.59 -3.18
C GLN A 72 0.57 9.13 -3.72
N GLU A 73 -0.13 8.32 -4.52
CA GLU A 73 -1.38 8.75 -5.15
C GLU A 73 -2.58 8.30 -4.33
N LEU A 74 -2.44 7.16 -3.65
CA LEU A 74 -3.50 6.60 -2.83
C LEU A 74 -4.03 7.64 -1.82
N PRO A 75 -3.15 8.32 -1.07
CA PRO A 75 -3.56 9.30 -0.06
C PRO A 75 -4.21 10.54 -0.68
N LEU A 76 -4.03 10.73 -1.97
CA LEU A 76 -4.57 11.91 -2.65
C LEU A 76 -6.01 11.66 -3.13
N ASN A 77 -6.43 10.42 -3.01
CA ASN A 77 -7.69 9.98 -3.57
C ASN A 77 -8.75 9.75 -2.50
N PRO A 78 -10.02 9.96 -2.85
CA PRO A 78 -11.12 10.01 -1.87
C PRO A 78 -11.36 8.68 -1.17
N LYS A 79 -11.25 7.59 -1.92
CA LYS A 79 -11.52 6.27 -1.37
C LYS A 79 -10.27 5.73 -0.72
N TRP A 80 -9.16 5.88 -1.42
CA TRP A 80 -7.89 5.33 -0.99
C TRP A 80 -7.36 6.08 0.23
N SER A 81 -7.65 7.37 0.31
CA SER A 81 -7.21 8.18 1.44
C SER A 81 -7.85 7.70 2.74
N LYS A 82 -9.00 7.06 2.62
CA LYS A 82 -9.70 6.50 3.78
C LYS A 82 -8.93 5.30 4.33
N ARG A 83 -8.03 4.78 3.50
CA ARG A 83 -7.14 3.72 3.92
C ARG A 83 -5.84 4.32 4.41
N ARG A 84 -5.13 3.59 5.25
CA ARG A 84 -3.81 4.00 5.68
C ARG A 84 -2.78 3.17 4.94
N ILE A 85 -2.11 3.78 3.98
CA ILE A 85 -1.15 3.06 3.16
C ILE A 85 0.26 3.57 3.41
N TYR A 86 1.18 2.65 3.49
CA TYR A 86 2.58 3.00 3.63
C TYR A 86 3.46 1.90 3.06
N TYR A 87 4.74 2.19 2.90
CA TYR A 87 5.70 1.19 2.49
C TYR A 87 5.85 0.14 3.56
N GLY A 88 5.61 -1.10 3.17
CA GLY A 88 5.80 -2.20 4.08
C GLY A 88 7.22 -2.28 4.57
N ARG A 89 7.38 -2.40 5.88
CA ARG A 89 8.69 -2.52 6.47
C ARG A 89 9.02 -3.99 6.66
N ASP A 90 10.29 -4.33 6.52
CA ASP A 90 10.74 -5.71 6.60
C ASP A 90 10.06 -6.53 5.50
N ARG A 91 10.17 -7.85 5.55
CA ARG A 91 9.54 -8.70 4.54
C ARG A 91 8.11 -9.04 4.95
N CYS A 92 7.65 -8.34 5.98
CA CYS A 92 6.29 -8.50 6.50
C CYS A 92 6.05 -9.95 6.92
N ALA A 93 6.72 -10.35 7.98
CA ALA A 93 6.66 -11.71 8.45
C ALA A 93 6.94 -11.76 9.96
N VAL A 94 6.05 -12.39 10.69
CA VAL A 94 6.21 -12.55 12.12
C VAL A 94 6.42 -14.03 12.43
N GLY A 95 7.67 -14.45 12.41
CA GLY A 95 8.00 -15.84 12.62
C GLY A 95 8.50 -16.47 11.34
N LEU A 96 7.60 -16.62 10.37
CA LEU A 96 7.90 -17.17 9.05
C LEU A 96 8.82 -18.38 9.14
N LYS A 97 8.23 -19.52 9.47
CA LYS A 97 8.97 -20.77 9.59
C LYS A 97 8.01 -21.95 9.67
N ASN A 1 -5.91 5.94 12.43
CA ASN A 1 -5.90 7.42 12.55
C ASN A 1 -5.97 8.04 11.16
N SER A 2 -7.06 8.75 10.90
CA SER A 2 -7.28 9.37 9.59
C SER A 2 -6.97 10.86 9.64
N ALA A 3 -6.81 11.39 10.85
CA ALA A 3 -6.51 12.80 11.03
C ALA A 3 -5.05 13.08 10.72
N SER A 4 -4.18 12.18 11.15
CA SER A 4 -2.77 12.29 10.86
C SER A 4 -2.47 11.78 9.47
N ASN A 5 -1.32 12.18 8.93
CA ASN A 5 -0.91 11.76 7.61
C ASN A 5 -0.18 10.43 7.68
N SER A 6 -0.72 9.43 7.00
CA SER A 6 -0.13 8.11 6.99
C SER A 6 0.38 7.78 5.59
N SER A 7 1.64 8.13 5.34
CA SER A 7 2.26 7.95 4.04
C SER A 7 3.73 8.37 4.15
N VAL A 8 4.31 8.83 3.06
CA VAL A 8 5.68 9.31 3.08
C VAL A 8 5.79 10.72 3.65
N LEU A 9 5.78 10.80 4.98
CA LEU A 9 5.89 12.09 5.68
C LEU A 9 7.18 12.80 5.33
N LEU A 10 7.12 13.74 4.40
CA LEU A 10 8.32 14.44 3.93
C LEU A 10 9.38 13.43 3.48
N ALA A 11 8.89 12.27 3.05
CA ALA A 11 9.75 11.16 2.62
C ALA A 11 10.64 10.62 3.75
N VAL A 12 10.18 10.73 5.00
CA VAL A 12 10.92 10.14 6.11
C VAL A 12 10.57 8.66 6.27
N GLN A 13 9.40 8.27 5.79
CA GLN A 13 8.94 6.89 5.87
C GLN A 13 9.08 6.20 4.52
N GLN A 14 10.30 5.80 4.21
CA GLN A 14 10.59 5.08 2.97
C GLN A 14 12.04 4.60 2.99
N SER A 15 12.33 3.57 2.21
CA SER A 15 13.69 3.02 2.15
C SER A 15 13.98 2.39 0.80
N GLY A 16 13.20 2.77 -0.20
CA GLY A 16 13.34 2.19 -1.52
C GLY A 16 12.69 0.83 -1.60
N ALA A 17 11.61 0.67 -0.86
CA ALA A 17 10.91 -0.61 -0.79
C ALA A 17 10.20 -0.92 -2.08
N CYS A 18 10.64 -1.97 -2.76
CA CYS A 18 9.99 -2.41 -3.98
C CYS A 18 8.90 -3.40 -3.62
N ARG A 19 7.81 -3.39 -4.39
CA ARG A 19 6.70 -4.32 -4.21
C ARG A 19 6.02 -4.23 -2.85
N ASN A 20 6.59 -3.51 -1.89
CA ASN A 20 6.09 -3.58 -0.53
C ASN A 20 5.14 -2.43 -0.21
N VAL A 21 3.86 -2.76 -0.13
CA VAL A 21 2.82 -1.81 0.17
C VAL A 21 1.82 -2.42 1.16
N PHE A 22 1.66 -1.77 2.31
CA PHE A 22 0.77 -2.27 3.34
C PHE A 22 -0.41 -1.33 3.55
N LEU A 23 -1.61 -1.86 3.48
CA LEU A 23 -2.82 -1.09 3.74
C LEU A 23 -3.46 -1.54 5.05
N GLY A 24 -3.73 -0.60 5.93
CA GLY A 24 -4.34 -0.94 7.20
C GLY A 24 -5.43 0.03 7.62
N ASN A 25 -6.53 0.06 6.85
CA ASN A 25 -7.69 0.89 7.17
C ASN A 25 -8.74 0.75 6.09
N LEU A 26 -8.97 -0.47 5.67
CA LEU A 26 -9.95 -0.75 4.63
C LEU A 26 -11.29 -1.13 5.26
N PRO A 27 -12.39 -1.02 4.51
CA PRO A 27 -13.71 -1.43 4.98
C PRO A 27 -13.92 -2.93 4.83
N ASN A 28 -14.96 -3.44 5.45
CA ASN A 28 -15.29 -4.85 5.34
C ASN A 28 -15.97 -5.11 4.01
N GLY A 29 -15.41 -6.04 3.26
CA GLY A 29 -15.93 -6.33 1.95
C GLY A 29 -15.05 -5.84 0.82
N ILE A 30 -13.99 -5.13 1.18
CA ILE A 30 -13.04 -4.63 0.19
C ILE A 30 -12.41 -5.80 -0.56
N THR A 31 -12.47 -5.74 -1.89
CA THR A 31 -11.94 -6.82 -2.71
C THR A 31 -10.75 -6.34 -3.53
N GLU A 32 -9.93 -7.29 -3.96
CA GLU A 32 -8.76 -7.00 -4.76
C GLU A 32 -9.18 -6.28 -6.01
N ASP A 33 -10.24 -6.77 -6.63
CA ASP A 33 -10.79 -6.19 -7.84
C ASP A 33 -10.86 -4.68 -7.75
N GLU A 34 -11.22 -4.18 -6.58
CA GLU A 34 -11.31 -2.73 -6.35
C GLU A 34 -9.92 -2.10 -6.33
N ILE A 35 -9.09 -2.54 -5.40
CA ILE A 35 -7.77 -1.96 -5.22
C ILE A 35 -6.89 -2.17 -6.45
N ARG A 36 -6.97 -3.35 -7.04
CA ARG A 36 -6.26 -3.67 -8.27
C ARG A 36 -6.57 -2.70 -9.37
N GLU A 37 -7.83 -2.64 -9.77
CA GLU A 37 -8.26 -1.76 -10.85
C GLU A 37 -7.88 -0.32 -10.54
N ASP A 38 -7.74 -0.02 -9.26
CA ASP A 38 -7.45 1.31 -8.82
C ASP A 38 -5.96 1.61 -8.89
N LEU A 39 -5.12 0.60 -8.64
CA LEU A 39 -3.69 0.82 -8.51
C LEU A 39 -2.91 0.33 -9.72
N GLU A 40 -3.59 -0.43 -10.58
CA GLU A 40 -2.98 -1.00 -11.78
C GLU A 40 -2.49 0.10 -12.74
N PRO A 41 -3.24 1.22 -12.88
CA PRO A 41 -2.92 2.22 -13.90
C PRO A 41 -1.57 2.89 -13.64
N PHE A 42 -1.19 3.00 -12.37
CA PHE A 42 0.10 3.59 -12.03
C PHE A 42 1.07 2.55 -11.48
N GLY A 43 0.59 1.34 -11.26
CA GLY A 43 1.43 0.33 -10.65
C GLY A 43 0.80 -1.04 -10.69
N PRO A 44 1.15 -1.85 -11.69
CA PRO A 44 0.62 -3.21 -11.79
C PRO A 44 1.05 -4.06 -10.60
N ILE A 45 0.08 -4.71 -9.99
CA ILE A 45 0.33 -5.57 -8.84
C ILE A 45 0.20 -7.04 -9.24
N ASP A 46 0.92 -7.91 -8.53
CA ASP A 46 0.85 -9.34 -8.78
C ASP A 46 0.27 -10.06 -7.57
N GLN A 47 0.35 -9.41 -6.42
CA GLN A 47 -0.14 -10.01 -5.20
C GLN A 47 -0.82 -8.98 -4.33
N ILE A 48 -2.09 -9.22 -4.05
CA ILE A 48 -2.86 -8.36 -3.19
C ILE A 48 -3.65 -9.21 -2.20
N LYS A 49 -3.19 -9.20 -0.96
CA LYS A 49 -3.79 -10.00 0.08
C LYS A 49 -4.58 -9.12 1.01
N ILE A 50 -5.89 -9.20 0.93
CA ILE A 50 -6.75 -8.40 1.76
C ILE A 50 -7.28 -9.22 2.92
N VAL A 51 -6.87 -8.84 4.11
CA VAL A 51 -7.40 -9.45 5.30
C VAL A 51 -8.45 -8.50 5.88
N THR A 52 -9.67 -8.64 5.38
CA THR A 52 -10.76 -7.76 5.76
C THR A 52 -11.20 -8.07 7.19
N GLU A 53 -10.74 -9.20 7.70
CA GLU A 53 -10.89 -9.56 9.09
C GLU A 53 -10.27 -8.47 9.97
N ARG A 54 -9.12 -7.97 9.57
CA ARG A 54 -8.39 -6.98 10.35
C ARG A 54 -8.28 -5.66 9.60
N ASN A 55 -8.99 -5.57 8.46
CA ASN A 55 -9.09 -4.33 7.68
C ASN A 55 -7.77 -3.97 7.03
N ILE A 56 -6.95 -4.97 6.80
CA ILE A 56 -5.59 -4.77 6.31
C ILE A 56 -5.37 -5.50 4.99
N ALA A 57 -4.47 -4.95 4.17
CA ALA A 57 -4.16 -5.53 2.88
C ALA A 57 -2.67 -5.41 2.58
N PHE A 58 -2.11 -6.50 2.08
CA PHE A 58 -0.71 -6.55 1.68
C PHE A 58 -0.61 -6.61 0.17
N VAL A 59 -0.05 -5.57 -0.41
CA VAL A 59 0.05 -5.46 -1.85
C VAL A 59 1.50 -5.64 -2.27
N HIS A 60 1.73 -6.33 -3.39
CA HIS A 60 3.07 -6.45 -3.91
C HIS A 60 3.18 -5.92 -5.34
N PHE A 61 3.71 -4.70 -5.45
CA PHE A 61 3.91 -4.03 -6.73
C PHE A 61 5.23 -4.45 -7.35
N LEU A 62 5.15 -5.35 -8.34
CA LEU A 62 6.32 -5.93 -9.00
C LEU A 62 7.40 -4.90 -9.32
N ASN A 63 6.98 -3.71 -9.75
CA ASN A 63 7.94 -2.65 -10.06
C ASN A 63 8.13 -1.76 -8.85
N ILE A 64 9.37 -1.35 -8.61
CA ILE A 64 9.69 -0.51 -7.47
C ILE A 64 8.97 0.83 -7.59
N ALA A 65 8.99 1.41 -8.79
CA ALA A 65 8.39 2.73 -9.03
C ALA A 65 6.87 2.64 -8.96
N ALA A 66 6.34 1.47 -9.34
CA ALA A 66 4.91 1.23 -9.29
C ALA A 66 4.38 1.41 -7.88
N ALA A 67 5.12 0.88 -6.92
CA ALA A 67 4.76 1.00 -5.51
C ALA A 67 4.92 2.44 -5.05
N ILE A 68 5.98 3.09 -5.52
CA ILE A 68 6.26 4.46 -5.15
C ILE A 68 5.12 5.38 -5.49
N LYS A 69 4.78 5.46 -6.76
CA LYS A 69 3.75 6.36 -7.23
C LYS A 69 2.40 5.99 -6.63
N ALA A 70 2.12 4.70 -6.52
CA ALA A 70 0.86 4.23 -5.94
C ALA A 70 0.70 4.69 -4.50
N VAL A 71 1.72 4.46 -3.68
CA VAL A 71 1.67 4.86 -2.28
C VAL A 71 1.59 6.39 -2.14
N GLN A 72 2.11 7.08 -3.13
CA GLN A 72 2.08 8.55 -3.13
C GLN A 72 0.76 9.10 -3.69
N GLU A 73 0.05 8.28 -4.47
CA GLU A 73 -1.21 8.69 -5.11
C GLU A 73 -2.40 8.29 -4.27
N LEU A 74 -2.26 7.16 -3.59
CA LEU A 74 -3.33 6.62 -2.74
C LEU A 74 -3.87 7.67 -1.76
N PRO A 75 -2.98 8.35 -1.00
CA PRO A 75 -3.39 9.36 -0.02
C PRO A 75 -4.03 10.60 -0.67
N LEU A 76 -3.81 10.77 -1.97
CA LEU A 76 -4.32 11.94 -2.66
C LEU A 76 -5.71 11.69 -3.24
N ASN A 77 -6.16 10.46 -3.13
CA ASN A 77 -7.42 10.04 -3.71
C ASN A 77 -8.52 9.83 -2.67
N PRO A 78 -9.77 10.05 -3.05
CA PRO A 78 -10.91 10.08 -2.13
C PRO A 78 -11.18 8.73 -1.49
N LYS A 79 -11.01 7.65 -2.26
CA LYS A 79 -11.31 6.32 -1.75
C LYS A 79 -10.12 5.81 -0.97
N TRP A 80 -8.96 6.01 -1.55
CA TRP A 80 -7.73 5.46 -1.01
C TRP A 80 -7.25 6.25 0.19
N SER A 81 -7.55 7.55 0.23
CA SER A 81 -7.17 8.38 1.36
C SER A 81 -7.92 7.95 2.62
N LYS A 82 -8.99 7.19 2.43
CA LYS A 82 -9.75 6.65 3.55
C LYS A 82 -9.03 5.43 4.13
N ARG A 83 -7.99 5.00 3.44
CA ARG A 83 -7.18 3.89 3.89
C ARG A 83 -5.82 4.39 4.36
N ARG A 84 -5.08 3.56 5.08
CA ARG A 84 -3.75 3.92 5.53
C ARG A 84 -2.73 3.05 4.81
N ILE A 85 -1.83 3.67 4.05
CA ILE A 85 -0.83 2.90 3.32
C ILE A 85 0.58 3.43 3.57
N TYR A 86 1.53 2.50 3.64
CA TYR A 86 2.93 2.86 3.67
C TYR A 86 3.76 1.74 3.06
N TYR A 87 5.04 2.01 2.83
CA TYR A 87 5.97 0.97 2.41
C TYR A 87 6.17 -0.02 3.54
N GLY A 88 5.78 -1.26 3.31
CA GLY A 88 5.81 -2.23 4.38
C GLY A 88 5.67 -3.65 3.88
N ARG A 89 6.09 -4.58 4.72
CA ARG A 89 6.04 -5.99 4.42
C ARG A 89 5.58 -6.70 5.68
N ASP A 90 5.99 -7.96 5.84
CA ASP A 90 5.74 -8.69 7.08
C ASP A 90 6.21 -7.86 8.28
N ARG A 91 5.46 -7.96 9.38
CA ARG A 91 5.74 -7.19 10.60
C ARG A 91 6.95 -7.73 11.36
N CYS A 92 7.85 -8.35 10.63
CA CYS A 92 9.04 -8.98 11.22
C CYS A 92 8.59 -10.03 12.23
N ALA A 93 7.64 -10.85 11.81
CA ALA A 93 7.02 -11.82 12.67
C ALA A 93 7.96 -13.00 12.92
N VAL A 94 8.71 -12.88 14.00
CA VAL A 94 9.65 -13.92 14.41
C VAL A 94 9.79 -13.91 15.94
N GLY A 95 8.96 -13.12 16.60
CA GLY A 95 9.06 -12.99 18.04
C GLY A 95 8.36 -14.10 18.77
N LEU A 96 9.10 -15.16 19.02
CA LEU A 96 8.61 -16.27 19.80
C LEU A 96 8.35 -15.82 21.22
N LYS A 97 7.12 -15.99 21.68
CA LYS A 97 6.73 -15.59 23.02
C LYS A 97 5.72 -16.60 23.56
N ASN A 1 -8.42 8.09 18.55
CA ASN A 1 -7.20 8.41 17.79
C ASN A 1 -6.26 9.26 18.64
N SER A 2 -4.97 9.01 18.52
CA SER A 2 -3.97 9.77 19.24
C SER A 2 -3.11 10.56 18.27
N ALA A 3 -2.57 11.68 18.72
CA ALA A 3 -1.70 12.50 17.88
C ALA A 3 -0.42 11.73 17.54
N SER A 4 -0.30 11.33 16.30
CA SER A 4 0.81 10.51 15.86
C SER A 4 1.19 10.88 14.43
N ASN A 5 2.38 10.46 14.00
CA ASN A 5 2.83 10.71 12.64
C ASN A 5 2.85 9.42 11.85
N SER A 6 1.77 9.17 11.12
CA SER A 6 1.67 7.99 10.29
C SER A 6 2.13 8.30 8.86
N SER A 7 2.99 9.29 8.74
CA SER A 7 3.60 9.64 7.46
C SER A 7 4.61 8.57 7.07
N VAL A 8 5.00 8.53 5.81
CA VAL A 8 5.97 7.53 5.38
C VAL A 8 7.40 7.96 5.70
N LEU A 9 7.82 7.70 6.93
CA LEU A 9 9.18 7.99 7.32
C LEU A 9 10.13 6.99 6.71
N LEU A 10 9.57 5.85 6.33
CA LEU A 10 10.34 4.80 5.69
C LEU A 10 10.84 5.31 4.33
N ALA A 11 10.15 6.31 3.79
CA ALA A 11 10.56 6.93 2.55
C ALA A 11 11.73 7.88 2.80
N VAL A 12 11.81 8.41 4.01
CA VAL A 12 12.89 9.32 4.38
C VAL A 12 14.12 8.50 4.70
N GLN A 13 13.89 7.24 5.02
CA GLN A 13 14.96 6.38 5.46
C GLN A 13 15.74 5.82 4.28
N GLN A 14 15.39 6.31 3.09
CA GLN A 14 16.00 5.88 1.85
C GLN A 14 15.82 4.39 1.63
N SER A 15 14.80 3.81 2.27
CA SER A 15 14.50 2.41 2.10
C SER A 15 13.67 2.19 0.84
N GLY A 16 14.28 1.58 -0.16
CA GLY A 16 13.60 1.34 -1.41
C GLY A 16 12.74 0.10 -1.34
N ALA A 17 11.63 0.19 -0.62
CA ALA A 17 10.73 -0.92 -0.46
C ALA A 17 10.04 -1.25 -1.77
N CYS A 18 10.53 -2.29 -2.44
CA CYS A 18 9.97 -2.69 -3.70
C CYS A 18 8.81 -3.62 -3.45
N ARG A 19 7.78 -3.56 -4.29
CA ARG A 19 6.61 -4.42 -4.18
C ARG A 19 5.91 -4.33 -2.82
N ASN A 20 6.36 -3.47 -1.92
CA ASN A 20 5.82 -3.47 -0.57
C ASN A 20 4.90 -2.31 -0.34
N VAL A 21 3.62 -2.61 -0.31
CA VAL A 21 2.60 -1.62 -0.02
C VAL A 21 1.61 -2.21 0.97
N PHE A 22 1.65 -1.71 2.18
CA PHE A 22 0.83 -2.23 3.25
C PHE A 22 -0.31 -1.27 3.56
N LEU A 23 -1.53 -1.79 3.50
CA LEU A 23 -2.71 -1.00 3.79
C LEU A 23 -3.32 -1.45 5.11
N GLY A 24 -3.65 -0.50 5.96
CA GLY A 24 -4.23 -0.84 7.25
C GLY A 24 -5.37 0.07 7.65
N ASN A 25 -6.42 0.10 6.83
CA ASN A 25 -7.61 0.88 7.14
C ASN A 25 -8.66 0.74 6.04
N LEU A 26 -8.82 -0.48 5.55
CA LEU A 26 -9.80 -0.74 4.50
C LEU A 26 -11.14 -1.18 5.10
N PRO A 27 -12.23 -1.01 4.36
CA PRO A 27 -13.57 -1.41 4.81
C PRO A 27 -13.80 -2.90 4.70
N ASN A 28 -14.89 -3.37 5.27
CA ASN A 28 -15.26 -4.77 5.17
C ASN A 28 -15.91 -5.03 3.82
N GLY A 29 -15.36 -5.98 3.08
CA GLY A 29 -15.91 -6.31 1.79
C GLY A 29 -15.02 -5.86 0.64
N ILE A 30 -13.99 -5.09 0.95
CA ILE A 30 -13.05 -4.63 -0.07
C ILE A 30 -12.40 -5.83 -0.77
N THR A 31 -12.45 -5.83 -2.10
CA THR A 31 -11.87 -6.92 -2.84
C THR A 31 -10.67 -6.46 -3.65
N GLU A 32 -9.86 -7.44 -4.06
CA GLU A 32 -8.63 -7.18 -4.76
C GLU A 32 -8.91 -6.53 -6.09
N ASP A 33 -9.94 -7.01 -6.75
CA ASP A 33 -10.37 -6.46 -8.03
C ASP A 33 -10.47 -4.95 -7.97
N GLU A 34 -11.00 -4.45 -6.87
CA GLU A 34 -11.17 -3.02 -6.68
C GLU A 34 -9.81 -2.34 -6.61
N ILE A 35 -8.99 -2.78 -5.68
CA ILE A 35 -7.66 -2.21 -5.48
C ILE A 35 -6.78 -2.36 -6.72
N ARG A 36 -6.88 -3.51 -7.37
CA ARG A 36 -6.18 -3.77 -8.62
C ARG A 36 -6.49 -2.74 -9.68
N GLU A 37 -7.75 -2.68 -10.06
CA GLU A 37 -8.19 -1.76 -11.11
C GLU A 37 -7.93 -0.32 -10.71
N ASP A 38 -7.74 -0.11 -9.42
CA ASP A 38 -7.51 1.22 -8.91
C ASP A 38 -6.02 1.56 -8.94
N LEU A 39 -5.16 0.59 -8.71
CA LEU A 39 -3.73 0.86 -8.50
C LEU A 39 -2.87 0.45 -9.68
N GLU A 40 -3.42 -0.40 -10.54
CA GLU A 40 -2.66 -0.93 -11.67
C GLU A 40 -2.35 0.14 -12.74
N PRO A 41 -3.17 1.21 -12.89
CA PRO A 41 -2.91 2.21 -13.92
C PRO A 41 -1.64 3.00 -13.65
N PHE A 42 -1.26 3.11 -12.38
CA PHE A 42 0.01 3.74 -12.03
C PHE A 42 1.00 2.73 -11.47
N GLY A 43 0.55 1.52 -11.24
CA GLY A 43 1.40 0.53 -10.63
C GLY A 43 0.79 -0.85 -10.68
N PRO A 44 1.14 -1.65 -11.67
CA PRO A 44 0.64 -3.01 -11.79
C PRO A 44 1.02 -3.86 -10.58
N ILE A 45 0.05 -4.57 -10.04
CA ILE A 45 0.28 -5.45 -8.91
C ILE A 45 0.17 -6.92 -9.31
N ASP A 46 0.92 -7.79 -8.63
CA ASP A 46 0.89 -9.22 -8.90
C ASP A 46 0.35 -10.00 -7.72
N GLN A 47 0.28 -9.36 -6.57
CA GLN A 47 -0.20 -10.00 -5.36
C GLN A 47 -0.90 -8.99 -4.46
N ILE A 48 -2.17 -9.25 -4.18
CA ILE A 48 -2.95 -8.38 -3.31
C ILE A 48 -3.73 -9.21 -2.31
N LYS A 49 -3.30 -9.15 -1.07
CA LYS A 49 -3.91 -9.93 -0.01
C LYS A 49 -4.61 -9.03 0.98
N ILE A 50 -5.93 -9.16 1.06
CA ILE A 50 -6.73 -8.33 1.95
C ILE A 50 -7.17 -9.13 3.17
N VAL A 51 -6.80 -8.63 4.34
CA VAL A 51 -7.31 -9.19 5.57
C VAL A 51 -8.24 -8.17 6.21
N THR A 52 -9.51 -8.21 5.81
CA THR A 52 -10.48 -7.23 6.28
C THR A 52 -10.76 -7.43 7.77
N GLU A 53 -10.43 -8.62 8.27
CA GLU A 53 -10.52 -8.92 9.70
C GLU A 53 -9.70 -7.92 10.51
N ARG A 54 -8.55 -7.54 9.96
CA ARG A 54 -7.67 -6.58 10.60
C ARG A 54 -7.73 -5.25 9.87
N ASN A 55 -8.55 -5.21 8.81
CA ASN A 55 -8.73 -4.03 7.97
C ASN A 55 -7.45 -3.71 7.23
N ILE A 56 -6.65 -4.73 6.96
CA ILE A 56 -5.35 -4.53 6.36
C ILE A 56 -5.21 -5.28 5.05
N ALA A 57 -4.28 -4.83 4.22
CA ALA A 57 -4.05 -5.45 2.92
C ALA A 57 -2.59 -5.31 2.51
N PHE A 58 -2.07 -6.36 1.90
CA PHE A 58 -0.71 -6.37 1.39
C PHE A 58 -0.72 -6.37 -0.12
N VAL A 59 -0.24 -5.30 -0.70
CA VAL A 59 -0.19 -5.17 -2.15
C VAL A 59 1.26 -5.30 -2.61
N HIS A 60 1.52 -6.20 -3.54
CA HIS A 60 2.88 -6.37 -4.03
C HIS A 60 3.04 -5.78 -5.43
N PHE A 61 3.64 -4.61 -5.47
CA PHE A 61 3.91 -3.91 -6.73
C PHE A 61 5.23 -4.35 -7.34
N LEU A 62 5.14 -5.20 -8.35
CA LEU A 62 6.31 -5.83 -9.00
C LEU A 62 7.47 -4.87 -9.20
N ASN A 63 7.20 -3.68 -9.72
CA ASN A 63 8.26 -2.69 -9.89
C ASN A 63 8.31 -1.76 -8.69
N ILE A 64 9.51 -1.34 -8.32
CA ILE A 64 9.71 -0.51 -7.15
C ILE A 64 8.96 0.83 -7.32
N ALA A 65 9.02 1.41 -8.51
CA ALA A 65 8.43 2.71 -8.76
C ALA A 65 6.91 2.62 -8.76
N ALA A 66 6.38 1.48 -9.17
CA ALA A 66 4.95 1.23 -9.18
C ALA A 66 4.38 1.43 -7.79
N ALA A 67 5.10 0.93 -6.79
CA ALA A 67 4.69 1.06 -5.41
C ALA A 67 4.81 2.50 -4.95
N ILE A 68 5.88 3.17 -5.37
CA ILE A 68 6.14 4.54 -4.99
C ILE A 68 4.98 5.45 -5.38
N LYS A 69 4.72 5.52 -6.67
CA LYS A 69 3.69 6.41 -7.19
C LYS A 69 2.31 6.05 -6.64
N ALA A 70 2.03 4.76 -6.49
CA ALA A 70 0.77 4.30 -5.94
C ALA A 70 0.58 4.76 -4.50
N VAL A 71 1.60 4.55 -3.67
CA VAL A 71 1.55 4.95 -2.27
C VAL A 71 1.48 6.48 -2.15
N GLN A 72 1.96 7.17 -3.17
CA GLN A 72 1.91 8.62 -3.21
C GLN A 72 0.55 9.14 -3.70
N GLU A 73 -0.14 8.34 -4.50
CA GLU A 73 -1.39 8.74 -5.12
C GLU A 73 -2.59 8.31 -4.28
N LEU A 74 -2.44 7.17 -3.62
CA LEU A 74 -3.50 6.62 -2.78
C LEU A 74 -4.02 7.65 -1.77
N PRO A 75 -3.12 8.33 -1.02
CA PRO A 75 -3.52 9.32 -0.01
C PRO A 75 -4.13 10.58 -0.63
N LEU A 76 -3.97 10.75 -1.93
CA LEU A 76 -4.51 11.93 -2.60
C LEU A 76 -5.92 11.67 -3.14
N ASN A 77 -6.34 10.43 -3.01
CA ASN A 77 -7.61 9.98 -3.57
C ASN A 77 -8.67 9.77 -2.50
N PRO A 78 -9.94 9.98 -2.85
CA PRO A 78 -11.05 10.00 -1.89
C PRO A 78 -11.31 8.63 -1.27
N LYS A 79 -11.16 7.57 -2.04
CA LYS A 79 -11.41 6.22 -1.55
C LYS A 79 -10.18 5.68 -0.87
N TRP A 80 -9.05 5.89 -1.52
CA TRP A 80 -7.79 5.33 -1.06
C TRP A 80 -7.27 6.08 0.16
N SER A 81 -7.63 7.36 0.26
CA SER A 81 -7.25 8.14 1.44
C SER A 81 -7.98 7.63 2.69
N LYS A 82 -9.06 6.87 2.47
CA LYS A 82 -9.78 6.26 3.58
C LYS A 82 -8.94 5.12 4.16
N ARG A 83 -7.98 4.66 3.37
CA ARG A 83 -7.07 3.62 3.80
C ARG A 83 -5.79 4.25 4.33
N ARG A 84 -5.08 3.53 5.17
CA ARG A 84 -3.77 3.96 5.63
C ARG A 84 -2.73 3.12 4.92
N ILE A 85 -2.03 3.70 3.96
CA ILE A 85 -1.07 2.94 3.17
C ILE A 85 0.34 3.45 3.39
N TYR A 86 1.27 2.52 3.51
CA TYR A 86 2.68 2.85 3.60
C TYR A 86 3.51 1.71 3.03
N TYR A 87 4.79 1.95 2.85
CA TYR A 87 5.70 0.92 2.40
C TYR A 87 5.83 -0.17 3.45
N GLY A 88 5.60 -1.41 3.04
CA GLY A 88 5.76 -2.53 3.94
C GLY A 88 7.21 -2.80 4.23
N ARG A 89 7.50 -3.29 5.43
CA ARG A 89 8.87 -3.54 5.81
C ARG A 89 9.43 -4.76 5.08
N ASP A 90 10.36 -4.47 4.20
CA ASP A 90 11.02 -5.45 3.35
C ASP A 90 11.95 -4.72 2.40
N ARG A 91 13.07 -5.36 2.05
CA ARG A 91 14.16 -4.70 1.37
C ARG A 91 14.80 -3.66 2.29
N CYS A 92 14.31 -3.64 3.51
CA CYS A 92 14.86 -2.78 4.56
C CYS A 92 16.04 -3.48 5.21
N ALA A 93 16.17 -4.75 4.89
CA ALA A 93 17.26 -5.58 5.35
C ALA A 93 17.98 -6.15 4.15
N VAL A 94 19.27 -5.97 4.13
CA VAL A 94 20.11 -6.44 3.04
C VAL A 94 20.18 -7.95 3.01
N GLY A 95 19.92 -8.56 4.15
CA GLY A 95 20.01 -9.99 4.25
C GLY A 95 19.76 -10.49 5.64
N LEU A 96 18.48 -10.55 6.03
CA LEU A 96 18.12 -11.04 7.35
C LEU A 96 16.94 -11.99 7.27
N LYS A 97 17.22 -13.27 7.35
CA LYS A 97 16.19 -14.30 7.31
C LYS A 97 16.62 -15.50 8.14
N ASN A 1 4.61 14.62 18.95
CA ASN A 1 4.82 15.27 17.64
C ASN A 1 3.57 15.11 16.78
N SER A 2 2.92 16.21 16.46
CA SER A 2 1.69 16.16 15.67
C SER A 2 2.02 15.87 14.21
N ALA A 3 3.06 16.49 13.68
CA ALA A 3 3.47 16.27 12.32
C ALA A 3 4.62 15.28 12.27
N SER A 4 4.29 14.00 12.30
CA SER A 4 5.30 12.94 12.28
C SER A 4 5.84 12.79 10.86
N ASN A 5 4.93 12.59 9.92
CA ASN A 5 5.30 12.46 8.52
C ASN A 5 4.13 12.83 7.62
N SER A 6 4.38 13.71 6.68
CA SER A 6 3.38 14.09 5.69
C SER A 6 3.69 13.42 4.37
N SER A 7 2.79 12.55 3.90
CA SER A 7 3.02 11.73 2.71
C SER A 7 4.12 10.71 3.00
N VAL A 8 5.34 11.17 2.89
CA VAL A 8 6.52 10.37 3.21
C VAL A 8 7.48 11.17 4.05
N LEU A 9 8.01 10.56 5.09
CA LEU A 9 8.98 11.22 5.96
C LEU A 9 10.22 11.59 5.13
N LEU A 10 10.26 12.83 4.66
CA LEU A 10 11.37 13.36 3.87
C LEU A 10 11.67 12.50 2.64
N ALA A 11 10.69 11.69 2.24
CA ALA A 11 10.84 10.79 1.09
C ALA A 11 12.07 9.90 1.20
N VAL A 12 12.46 9.55 2.42
CA VAL A 12 13.64 8.71 2.64
C VAL A 12 13.32 7.24 2.43
N GLN A 13 12.05 6.94 2.25
CA GLN A 13 11.60 5.58 2.02
C GLN A 13 10.97 5.47 0.65
N GLN A 14 11.77 5.10 -0.32
CA GLN A 14 11.30 4.91 -1.68
C GLN A 14 11.75 3.56 -2.22
N SER A 15 13.03 3.48 -2.59
CA SER A 15 13.58 2.25 -3.15
C SER A 15 13.87 1.24 -2.04
N GLY A 16 13.75 1.69 -0.79
CA GLY A 16 13.95 0.82 0.35
C GLY A 16 12.86 -0.24 0.47
N ALA A 17 11.78 -0.05 -0.27
CA ALA A 17 10.69 -1.00 -0.28
C ALA A 17 10.09 -1.13 -1.67
N CYS A 18 10.50 -2.16 -2.39
CA CYS A 18 9.92 -2.44 -3.69
C CYS A 18 8.85 -3.50 -3.53
N ARG A 19 7.81 -3.43 -4.37
CA ARG A 19 6.68 -4.36 -4.27
C ARG A 19 6.00 -4.34 -2.91
N ASN A 20 6.45 -3.49 -2.00
CA ASN A 20 5.96 -3.55 -0.64
C ASN A 20 5.01 -2.41 -0.35
N VAL A 21 3.74 -2.75 -0.29
CA VAL A 21 2.69 -1.78 0.02
C VAL A 21 1.73 -2.40 1.03
N PHE A 22 1.66 -1.79 2.21
CA PHE A 22 0.82 -2.32 3.27
C PHE A 22 -0.32 -1.37 3.58
N LEU A 23 -1.53 -1.89 3.49
CA LEU A 23 -2.72 -1.11 3.83
C LEU A 23 -3.32 -1.60 5.14
N GLY A 24 -3.69 -0.67 6.00
CA GLY A 24 -4.27 -1.05 7.27
C GLY A 24 -5.37 -0.11 7.72
N ASN A 25 -6.43 -0.03 6.93
CA ASN A 25 -7.59 0.80 7.26
C ASN A 25 -8.64 0.72 6.17
N LEU A 26 -8.86 -0.48 5.66
CA LEU A 26 -9.84 -0.68 4.59
C LEU A 26 -11.21 -1.02 5.17
N PRO A 27 -12.28 -0.83 4.40
CA PRO A 27 -13.62 -1.19 4.82
C PRO A 27 -13.89 -2.68 4.66
N ASN A 28 -14.91 -3.16 5.32
CA ASN A 28 -15.28 -4.56 5.25
C ASN A 28 -16.00 -4.84 3.94
N GLY A 29 -15.45 -5.72 3.13
CA GLY A 29 -16.03 -6.00 1.84
C GLY A 29 -15.20 -5.47 0.69
N ILE A 30 -14.07 -4.85 1.01
CA ILE A 30 -13.15 -4.39 -0.02
C ILE A 30 -12.57 -5.59 -0.77
N THR A 31 -12.64 -5.54 -2.09
CA THR A 31 -12.11 -6.62 -2.90
C THR A 31 -10.91 -6.16 -3.71
N GLU A 32 -10.05 -7.13 -4.04
CA GLU A 32 -8.85 -6.86 -4.78
C GLU A 32 -9.18 -6.30 -6.14
N ASP A 33 -10.29 -6.76 -6.70
CA ASP A 33 -10.78 -6.27 -7.98
C ASP A 33 -10.82 -4.74 -8.00
N GLU A 34 -11.21 -4.16 -6.88
CA GLU A 34 -11.29 -2.72 -6.74
C GLU A 34 -9.89 -2.12 -6.71
N ILE A 35 -9.11 -2.56 -5.74
CA ILE A 35 -7.75 -2.06 -5.55
C ILE A 35 -6.88 -2.26 -6.81
N ARG A 36 -7.02 -3.42 -7.42
CA ARG A 36 -6.29 -3.75 -8.66
C ARG A 36 -6.59 -2.76 -9.76
N GLU A 37 -7.84 -2.70 -10.16
CA GLU A 37 -8.24 -1.79 -11.25
C GLU A 37 -7.87 -0.36 -10.92
N ASP A 38 -7.75 -0.07 -9.64
CA ASP A 38 -7.47 1.27 -9.20
C ASP A 38 -5.99 1.57 -9.17
N LEU A 39 -5.16 0.55 -8.90
CA LEU A 39 -3.74 0.79 -8.67
C LEU A 39 -2.88 0.36 -9.85
N GLU A 40 -3.44 -0.51 -10.69
CA GLU A 40 -2.69 -1.07 -11.82
C GLU A 40 -2.39 -0.02 -12.91
N PRO A 41 -3.22 1.05 -13.09
CA PRO A 41 -2.96 2.03 -14.13
C PRO A 41 -1.68 2.83 -13.87
N PHE A 42 -1.33 3.00 -12.59
CA PHE A 42 -0.06 3.62 -12.25
C PHE A 42 0.90 2.62 -11.62
N GLY A 43 0.52 1.36 -11.58
CA GLY A 43 1.36 0.37 -10.96
C GLY A 43 0.75 -1.01 -10.94
N PRO A 44 1.10 -1.87 -11.88
CA PRO A 44 0.60 -3.23 -11.90
C PRO A 44 1.05 -4.01 -10.67
N ILE A 45 0.12 -4.72 -10.07
CA ILE A 45 0.40 -5.55 -8.90
C ILE A 45 0.38 -7.03 -9.28
N ASP A 46 1.15 -7.84 -8.55
CA ASP A 46 1.19 -9.29 -8.79
C ASP A 46 0.48 -10.02 -7.68
N GLN A 47 0.42 -9.39 -6.51
CA GLN A 47 -0.15 -10.04 -5.35
C GLN A 47 -0.88 -9.03 -4.48
N ILE A 48 -2.15 -9.30 -4.23
CA ILE A 48 -2.98 -8.42 -3.42
C ILE A 48 -3.82 -9.26 -2.46
N LYS A 49 -3.48 -9.18 -1.19
CA LYS A 49 -4.17 -9.95 -0.17
C LYS A 49 -4.81 -9.03 0.85
N ILE A 50 -6.12 -9.12 0.98
CA ILE A 50 -6.85 -8.30 1.92
C ILE A 50 -7.30 -9.13 3.11
N VAL A 51 -6.81 -8.76 4.28
CA VAL A 51 -7.27 -9.38 5.50
C VAL A 51 -8.32 -8.48 6.14
N THR A 52 -9.55 -8.67 5.71
CA THR A 52 -10.68 -7.85 6.16
C THR A 52 -10.93 -8.04 7.65
N GLU A 53 -10.49 -9.17 8.19
CA GLU A 53 -10.61 -9.44 9.62
C GLU A 53 -9.86 -8.36 10.42
N ARG A 54 -8.74 -7.91 9.87
CA ARG A 54 -7.89 -6.95 10.57
C ARG A 54 -7.87 -5.62 9.83
N ASN A 55 -8.65 -5.55 8.74
CA ASN A 55 -8.82 -4.31 7.95
C ASN A 55 -7.52 -3.94 7.26
N ILE A 56 -6.70 -4.94 6.97
CA ILE A 56 -5.38 -4.71 6.42
C ILE A 56 -5.22 -5.44 5.08
N ALA A 57 -4.35 -4.92 4.23
CA ALA A 57 -4.12 -5.51 2.93
C ALA A 57 -2.66 -5.40 2.52
N PHE A 58 -2.15 -6.45 1.90
CA PHE A 58 -0.79 -6.49 1.43
C PHE A 58 -0.78 -6.48 -0.10
N VAL A 59 -0.18 -5.44 -0.66
CA VAL A 59 -0.10 -5.31 -2.10
C VAL A 59 1.34 -5.43 -2.56
N HIS A 60 1.60 -6.28 -3.53
CA HIS A 60 2.95 -6.43 -4.04
C HIS A 60 3.10 -5.84 -5.44
N PHE A 61 3.67 -4.64 -5.49
CA PHE A 61 3.91 -3.95 -6.75
C PHE A 61 5.24 -4.35 -7.36
N LEU A 62 5.16 -5.25 -8.35
CA LEU A 62 6.34 -5.83 -9.01
C LEU A 62 7.40 -4.79 -9.33
N ASN A 63 7.00 -3.66 -9.88
CA ASN A 63 7.93 -2.59 -10.16
C ASN A 63 8.11 -1.71 -8.93
N ILE A 64 9.35 -1.34 -8.64
CA ILE A 64 9.63 -0.49 -7.49
C ILE A 64 8.90 0.85 -7.66
N ALA A 65 8.95 1.41 -8.87
CA ALA A 65 8.36 2.70 -9.15
C ALA A 65 6.84 2.63 -9.10
N ALA A 66 6.30 1.47 -9.45
CA ALA A 66 4.85 1.26 -9.44
C ALA A 66 4.30 1.45 -8.05
N ALA A 67 5.04 0.94 -7.06
CA ALA A 67 4.64 1.07 -5.68
C ALA A 67 4.74 2.51 -5.22
N ILE A 68 5.81 3.17 -5.63
CA ILE A 68 6.06 4.55 -5.23
C ILE A 68 4.90 5.44 -5.60
N LYS A 69 4.61 5.53 -6.89
CA LYS A 69 3.56 6.40 -7.39
C LYS A 69 2.19 6.02 -6.82
N ALA A 70 1.94 4.73 -6.69
CA ALA A 70 0.67 4.25 -6.14
C ALA A 70 0.51 4.67 -4.68
N VAL A 71 1.54 4.43 -3.88
CA VAL A 71 1.52 4.78 -2.47
C VAL A 71 1.46 6.31 -2.29
N GLN A 72 1.91 7.03 -3.30
CA GLN A 72 1.85 8.49 -3.27
C GLN A 72 0.48 9.01 -3.75
N GLU A 73 -0.19 8.23 -4.58
CA GLU A 73 -1.47 8.63 -5.17
C GLU A 73 -2.63 8.21 -4.28
N LEU A 74 -2.48 7.05 -3.65
CA LEU A 74 -3.51 6.50 -2.78
C LEU A 74 -3.97 7.51 -1.71
N PRO A 75 -3.03 8.17 -1.01
CA PRO A 75 -3.36 9.14 0.03
C PRO A 75 -3.99 10.42 -0.53
N LEU A 76 -3.83 10.66 -1.83
CA LEU A 76 -4.35 11.88 -2.44
C LEU A 76 -5.76 11.68 -2.99
N ASN A 77 -6.22 10.44 -2.90
CA ASN A 77 -7.52 10.06 -3.44
C ASN A 77 -8.54 9.86 -2.32
N PRO A 78 -9.82 10.11 -2.61
CA PRO A 78 -10.87 10.20 -1.60
C PRO A 78 -11.13 8.87 -0.89
N LYS A 79 -11.13 7.79 -1.65
CA LYS A 79 -11.44 6.48 -1.12
C LYS A 79 -10.19 5.84 -0.57
N TRP A 80 -9.12 5.94 -1.35
CA TRP A 80 -7.86 5.32 -0.99
C TRP A 80 -7.25 5.98 0.23
N SER A 81 -7.46 7.29 0.37
CA SER A 81 -6.92 8.03 1.52
C SER A 81 -7.53 7.53 2.82
N LYS A 82 -8.72 6.95 2.74
CA LYS A 82 -9.38 6.39 3.91
C LYS A 82 -8.68 5.12 4.35
N ARG A 83 -7.86 4.57 3.47
CA ARG A 83 -7.02 3.43 3.78
C ARG A 83 -5.65 3.95 4.21
N ARG A 84 -5.02 3.28 5.16
CA ARG A 84 -3.69 3.66 5.58
C ARG A 84 -2.65 2.86 4.81
N ILE A 85 -2.00 3.51 3.86
CA ILE A 85 -1.02 2.81 3.04
C ILE A 85 0.38 3.39 3.23
N TYR A 86 1.34 2.50 3.35
CA TYR A 86 2.74 2.88 3.40
C TYR A 86 3.59 1.76 2.84
N TYR A 87 4.86 2.06 2.60
CA TYR A 87 5.82 1.05 2.21
C TYR A 87 5.99 0.05 3.34
N GLY A 88 5.99 -1.22 2.99
CA GLY A 88 6.21 -2.26 3.98
C GLY A 88 7.67 -2.39 4.35
N ARG A 89 8.02 -1.83 5.48
CA ARG A 89 9.40 -1.85 5.94
C ARG A 89 9.63 -3.06 6.84
N ASP A 90 10.42 -3.98 6.31
CA ASP A 90 10.73 -5.22 7.01
C ASP A 90 12.15 -5.64 6.73
N ARG A 91 12.90 -5.85 7.81
CA ARG A 91 14.32 -6.12 7.78
C ARG A 91 15.13 -5.03 7.05
N CYS A 92 14.42 -4.10 6.42
CA CYS A 92 15.07 -2.97 5.76
C CYS A 92 15.09 -1.76 6.67
N ALA A 93 14.39 -1.89 7.78
CA ALA A 93 14.32 -0.81 8.76
C ALA A 93 15.39 -0.99 9.82
N VAL A 94 16.52 -0.34 9.60
CA VAL A 94 17.64 -0.44 10.52
C VAL A 94 17.54 0.64 11.60
N GLY A 95 16.74 0.33 12.62
CA GLY A 95 16.56 1.22 13.74
C GLY A 95 15.90 0.52 14.91
N LEU A 96 14.71 0.95 15.27
CA LEU A 96 13.95 0.29 16.32
C LEU A 96 13.12 -0.83 15.72
N LYS A 97 13.62 -2.04 15.82
CA LYS A 97 12.97 -3.19 15.23
C LYS A 97 12.94 -4.35 16.21
#